data_7L6K
#
_entry.id   7L6K
#
_entity_poly.entity_id   1
_entity_poly.type   'polypeptide(L)'
_entity_poly.pdbx_seq_one_letter_code
;GSDPESSIFIEDAIKYFKEKVSTQNLLLLLTDNEAWNGFVAAAELPRNEADELRKALDNLARQMIMKDKNWHDKGQQYRN
WFLKEFPRLKSELEDNIRRLRALADGVQKVHKGT
;
_entity_poly.pdbx_strand_id   A
#
# COMPACT_ATOMS: atom_id res chain seq x y z
N GLY A 1 -20.03 3.00 -16.14
CA GLY A 1 -19.39 2.96 -17.50
C GLY A 1 -18.62 4.24 -17.84
N SER A 2 -18.22 5.01 -16.82
CA SER A 2 -17.36 6.22 -16.98
C SER A 2 -16.57 6.49 -15.68
N ASP A 3 -16.28 5.39 -14.96
CA ASP A 3 -15.75 5.43 -13.57
C ASP A 3 -14.23 5.07 -13.52
N PRO A 4 -13.48 5.48 -12.44
CA PRO A 4 -12.05 5.06 -12.25
C PRO A 4 -11.90 3.59 -11.73
N GLU A 5 -12.92 3.12 -10.98
CA GLU A 5 -12.94 1.77 -10.32
C GLU A 5 -11.81 1.59 -9.28
N SER A 6 -11.51 2.69 -8.56
CA SER A 6 -10.51 2.71 -7.48
C SER A 6 -10.89 1.75 -6.33
N SER A 7 -12.20 1.72 -5.97
CA SER A 7 -12.71 0.87 -4.84
C SER A 7 -12.36 -0.63 -5.00
N ILE A 8 -12.56 -1.16 -6.23
CA ILE A 8 -12.22 -2.56 -6.59
C ILE A 8 -10.71 -2.82 -6.38
N PHE A 9 -9.89 -1.90 -6.90
CA PHE A 9 -8.43 -1.91 -6.72
C PHE A 9 -8.03 -1.91 -5.22
N ILE A 10 -8.69 -1.06 -4.40
CA ILE A 10 -8.38 -0.94 -2.93
C ILE A 10 -8.65 -2.26 -2.20
N GLU A 11 -9.90 -2.76 -2.30
CA GLU A 11 -10.29 -4.00 -1.59
C GLU A 11 -9.41 -5.20 -2.02
N ASP A 12 -9.15 -5.31 -3.35
CA ASP A 12 -8.37 -6.42 -3.91
C ASP A 12 -6.85 -6.26 -3.62
N ALA A 13 -6.39 -5.01 -3.41
CA ALA A 13 -5.00 -4.71 -2.97
C ALA A 13 -4.81 -5.04 -1.49
N ILE A 14 -5.84 -4.75 -0.68
CA ILE A 14 -5.88 -5.11 0.76
C ILE A 14 -5.83 -6.63 0.91
N LYS A 15 -6.49 -7.37 -0.02
CA LYS A 15 -6.39 -8.84 -0.09
C LYS A 15 -4.92 -9.29 -0.33
N TYR A 16 -4.22 -8.61 -1.25
CA TYR A 16 -2.77 -8.86 -1.47
C TYR A 16 -1.93 -8.51 -0.20
N PHE A 17 -2.30 -7.43 0.50
CA PHE A 17 -1.58 -6.98 1.72
C PHE A 17 -1.88 -7.87 2.96
N LYS A 18 -3.05 -8.52 3.04
CA LYS A 18 -3.42 -9.34 4.23
C LYS A 18 -3.14 -10.85 3.99
N GLU A 19 -3.38 -11.34 2.77
CA GLU A 19 -3.25 -12.77 2.41
C GLU A 19 -1.81 -13.10 1.99
N LYS A 20 -1.27 -12.32 1.05
CA LYS A 20 0.06 -12.58 0.43
C LYS A 20 1.21 -11.92 1.25
N VAL A 21 0.95 -10.70 1.74
CA VAL A 21 1.90 -9.93 2.60
C VAL A 21 1.49 -10.08 4.09
N SER A 22 2.48 -10.10 4.99
CA SER A 22 2.25 -10.11 6.45
C SER A 22 1.84 -8.71 6.95
N THR A 23 0.95 -8.67 7.97
CA THR A 23 0.53 -7.41 8.61
C THR A 23 1.74 -6.65 9.19
N GLN A 24 2.60 -7.36 9.95
CA GLN A 24 3.84 -6.80 10.54
C GLN A 24 4.76 -6.15 9.46
N ASN A 25 4.76 -6.72 8.23
CA ASN A 25 5.55 -6.17 7.10
C ASN A 25 4.89 -4.90 6.50
N LEU A 26 3.55 -4.92 6.27
CA LEU A 26 2.84 -3.75 5.67
C LEU A 26 2.78 -2.55 6.66
N LEU A 27 2.81 -2.82 7.98
CA LEU A 27 2.84 -1.75 9.02
C LEU A 27 4.14 -0.92 8.95
N LEU A 28 5.25 -1.56 8.53
CA LEU A 28 6.56 -0.87 8.30
C LEU A 28 6.55 -0.04 6.99
N LEU A 29 5.69 -0.42 6.04
CA LEU A 29 5.42 0.39 4.81
C LEU A 29 4.56 1.64 5.16
N LEU A 30 3.58 1.44 6.09
CA LEU A 30 2.68 2.52 6.56
C LEU A 30 3.39 3.55 7.49
N THR A 31 4.23 3.04 8.44
CA THR A 31 4.86 3.90 9.49
C THR A 31 5.80 4.97 8.90
N ASP A 32 6.54 4.61 7.85
CA ASP A 32 7.49 5.53 7.20
C ASP A 32 6.85 6.15 5.93
N ASN A 33 6.82 7.49 5.89
CA ASN A 33 6.19 8.25 4.78
C ASN A 33 6.92 8.05 3.43
N GLU A 34 8.27 8.08 3.44
CA GLU A 34 9.10 7.91 2.22
C GLU A 34 8.98 6.49 1.63
N ALA A 35 8.75 5.49 2.50
CA ALA A 35 8.52 4.08 2.09
C ALA A 35 7.19 3.96 1.32
N TRP A 36 6.11 4.55 1.89
CA TRP A 36 4.77 4.55 1.26
C TRP A 36 4.78 5.34 -0.08
N ASN A 37 5.42 6.52 -0.11
CA ASN A 37 5.58 7.33 -1.35
C ASN A 37 6.51 6.62 -2.38
N GLY A 38 7.47 5.84 -1.87
CA GLY A 38 8.33 4.99 -2.73
C GLY A 38 7.55 3.90 -3.46
N PHE A 39 6.45 3.47 -2.84
CA PHE A 39 5.46 2.53 -3.42
C PHE A 39 4.48 3.27 -4.40
N VAL A 40 3.82 4.35 -3.91
CA VAL A 40 2.73 5.05 -4.65
C VAL A 40 3.24 5.83 -5.87
N ALA A 41 4.31 6.61 -5.71
CA ALA A 41 4.91 7.42 -6.79
C ALA A 41 5.48 6.53 -7.92
N ALA A 42 6.01 5.36 -7.55
CA ALA A 42 6.43 4.32 -8.50
C ALA A 42 5.22 3.75 -9.27
N ALA A 43 4.15 3.42 -8.52
CA ALA A 43 2.88 2.89 -9.08
C ALA A 43 2.01 4.00 -9.74
N GLU A 44 2.44 5.28 -9.58
CA GLU A 44 1.82 6.47 -10.21
C GLU A 44 0.33 6.67 -9.81
N LEU A 45 -0.05 6.15 -8.62
CA LEU A 45 -1.45 6.13 -8.16
C LEU A 45 -1.95 7.54 -7.79
N PRO A 46 -3.13 7.99 -8.34
CA PRO A 46 -3.76 9.30 -7.97
C PRO A 46 -4.09 9.35 -6.46
N ARG A 47 -4.04 10.58 -5.88
CA ARG A 47 -4.20 10.82 -4.41
C ARG A 47 -5.44 10.09 -3.80
N ASN A 48 -6.49 9.92 -4.63
CA ASN A 48 -7.75 9.28 -4.22
C ASN A 48 -7.50 7.84 -3.70
N GLU A 49 -6.99 6.96 -4.59
CA GLU A 49 -6.68 5.57 -4.24
C GLU A 49 -5.42 5.47 -3.38
N ALA A 50 -4.45 6.37 -3.64
CA ALA A 50 -3.20 6.47 -2.84
C ALA A 50 -3.49 6.57 -1.32
N ASP A 51 -4.50 7.39 -0.97
CA ASP A 51 -5.00 7.51 0.42
C ASP A 51 -5.96 6.36 0.81
N GLU A 52 -6.94 6.01 -0.05
CA GLU A 52 -7.93 4.93 0.27
C GLU A 52 -7.26 3.57 0.62
N LEU A 53 -6.10 3.30 -0.01
CA LEU A 53 -5.25 2.11 0.29
C LEU A 53 -4.74 2.11 1.75
N ARG A 54 -3.95 3.16 2.10
CA ARG A 54 -3.34 3.32 3.44
C ARG A 54 -4.40 3.50 4.54
N LYS A 55 -5.58 4.05 4.18
CA LYS A 55 -6.71 4.25 5.13
C LYS A 55 -7.40 2.91 5.45
N ALA A 56 -7.60 2.08 4.41
CA ALA A 56 -8.14 0.70 4.59
C ALA A 56 -7.17 -0.18 5.41
N LEU A 57 -5.86 -0.03 5.12
CA LEU A 57 -4.77 -0.67 5.90
C LEU A 57 -4.62 -0.02 7.30
N ASP A 58 -5.08 1.24 7.44
CA ASP A 58 -5.10 1.97 8.74
C ASP A 58 -6.30 1.52 9.62
N ASN A 59 -7.35 0.94 9.01
CA ASN A 59 -8.44 0.27 9.78
C ASN A 59 -7.95 -1.08 10.35
N LEU A 60 -7.15 -1.80 9.55
CA LEU A 60 -6.40 -3.00 10.01
C LEU A 60 -5.38 -2.61 11.12
N ALA A 61 -4.77 -1.42 10.95
CA ALA A 61 -3.80 -0.85 11.92
C ALA A 61 -4.49 -0.20 13.14
N ARG A 62 -5.76 0.23 12.97
CA ARG A 62 -6.55 0.96 14.01
C ARG A 62 -6.71 0.13 15.29
N GLN A 63 -7.00 -1.16 15.10
CA GLN A 63 -7.13 -2.13 16.19
C GLN A 63 -5.75 -2.47 16.83
N MET A 64 -4.67 -2.39 16.02
CA MET A 64 -3.29 -2.70 16.46
C MET A 64 -2.72 -1.58 17.39
N ILE A 65 -2.82 -0.31 16.94
CA ILE A 65 -2.21 0.87 17.61
C ILE A 65 -2.69 1.09 19.07
N MET A 66 -3.82 0.44 19.44
CA MET A 66 -4.39 0.54 20.81
C MET A 66 -3.49 -0.16 21.87
N LYS A 67 -2.73 -1.20 21.46
CA LYS A 67 -1.82 -1.96 22.36
C LYS A 67 -0.35 -1.96 21.85
N ASP A 68 -0.15 -1.93 20.51
CA ASP A 68 1.18 -2.03 19.89
C ASP A 68 1.84 -0.65 19.74
N LYS A 69 2.95 -0.43 20.48
CA LYS A 69 3.86 0.72 20.26
C LYS A 69 5.08 0.29 19.40
N ASN A 70 4.90 -0.79 18.61
CA ASN A 70 5.95 -1.40 17.76
C ASN A 70 6.38 -0.48 16.58
N TRP A 71 5.52 0.51 16.29
CA TRP A 71 5.70 1.50 15.20
C TRP A 71 6.99 2.34 15.38
N HIS A 72 7.28 2.71 16.65
CA HIS A 72 8.46 3.53 17.01
C HIS A 72 9.29 2.85 18.14
N ASP A 73 9.07 1.53 18.36
CA ASP A 73 9.74 0.76 19.43
C ASP A 73 11.29 0.84 19.32
N LYS A 74 11.84 0.39 18.18
CA LYS A 74 13.27 0.52 17.86
C LYS A 74 13.49 1.05 16.42
N GLY A 75 12.48 0.82 15.54
CA GLY A 75 12.50 1.28 14.14
C GLY A 75 13.27 0.33 13.19
N GLN A 76 14.14 -0.53 13.76
CA GLN A 76 14.97 -1.47 12.98
C GLN A 76 14.19 -2.76 12.63
N GLN A 77 13.36 -2.72 11.57
CA GLN A 77 12.82 -3.94 10.91
C GLN A 77 14.01 -4.80 10.43
N TYR A 78 14.93 -4.11 9.75
CA TYR A 78 16.27 -4.61 9.37
C TYR A 78 17.32 -3.55 9.72
N ARG A 79 18.58 -4.00 9.91
CA ARG A 79 19.71 -3.12 10.27
C ARG A 79 20.10 -2.14 9.14
N ASN A 80 19.74 -2.50 7.88
CA ASN A 80 20.04 -1.68 6.68
C ASN A 80 18.84 -1.68 5.70
N TRP A 81 18.78 -0.65 4.82
CA TRP A 81 17.81 -0.58 3.70
C TRP A 81 18.11 -1.69 2.66
N PHE A 82 19.41 -2.06 2.52
CA PHE A 82 19.83 -3.20 1.69
C PHE A 82 19.13 -4.51 2.13
N LEU A 83 19.11 -4.76 3.46
CA LEU A 83 18.50 -5.97 4.05
C LEU A 83 16.95 -5.96 3.92
N LYS A 84 16.36 -4.76 3.95
CA LYS A 84 14.91 -4.55 3.71
C LYS A 84 14.54 -4.84 2.23
N GLU A 85 15.16 -4.06 1.34
CA GLU A 85 14.95 -4.10 -0.11
C GLU A 85 16.02 -5.01 -0.77
N PHE A 86 15.79 -6.32 -0.62
CA PHE A 86 16.62 -7.38 -1.24
C PHE A 86 15.76 -8.64 -1.56
N PRO A 87 14.98 -9.26 -0.58
CA PRO A 87 14.05 -10.37 -0.91
C PRO A 87 12.92 -9.91 -1.86
N ARG A 88 12.47 -8.65 -1.68
CA ARG A 88 11.62 -7.93 -2.65
C ARG A 88 11.85 -6.42 -2.54
N LEU A 89 11.83 -5.75 -3.71
CA LEU A 89 12.02 -4.30 -3.84
C LEU A 89 10.65 -3.57 -3.78
N LYS A 90 10.66 -2.25 -3.48
CA LYS A 90 9.42 -1.42 -3.45
C LYS A 90 8.76 -1.32 -4.85
N SER A 91 9.57 -1.52 -5.91
CA SER A 91 9.09 -1.59 -7.32
C SER A 91 8.33 -2.92 -7.60
N GLU A 92 8.55 -3.96 -6.76
CA GLU A 92 7.80 -5.24 -6.82
C GLU A 92 6.40 -5.11 -6.17
N LEU A 93 6.33 -4.36 -5.04
CA LEU A 93 5.03 -3.97 -4.41
C LEU A 93 4.19 -3.15 -5.42
N GLU A 94 4.87 -2.17 -6.05
CA GLU A 94 4.36 -1.37 -7.18
C GLU A 94 3.87 -2.25 -8.35
N ASP A 95 4.69 -3.21 -8.78
CA ASP A 95 4.41 -4.10 -9.94
C ASP A 95 3.09 -4.89 -9.74
N ASN A 96 2.97 -5.53 -8.58
CA ASN A 96 1.79 -6.36 -8.20
C ASN A 96 0.52 -5.50 -8.04
N ILE A 97 0.70 -4.27 -7.55
CA ILE A 97 -0.40 -3.29 -7.37
C ILE A 97 -0.84 -2.69 -8.73
N ARG A 98 0.12 -2.50 -9.65
CA ARG A 98 -0.13 -2.02 -11.03
C ARG A 98 -0.86 -3.10 -11.86
N ARG A 99 -0.62 -4.38 -11.52
CA ARG A 99 -1.37 -5.51 -12.09
C ARG A 99 -2.86 -5.39 -11.71
N LEU A 100 -3.12 -5.29 -10.38
CA LEU A 100 -4.47 -5.08 -9.79
C LEU A 100 -5.19 -3.85 -10.40
N ARG A 101 -4.43 -2.75 -10.57
CA ARG A 101 -4.94 -1.47 -11.08
C ARG A 101 -5.34 -1.63 -12.57
N ALA A 102 -4.47 -2.24 -13.37
CA ALA A 102 -4.70 -2.47 -14.81
C ALA A 102 -5.77 -3.57 -15.05
N LEU A 103 -6.01 -4.43 -14.05
CA LEU A 103 -7.15 -5.39 -14.03
C LEU A 103 -8.49 -4.65 -13.76
N ALA A 104 -8.45 -3.63 -12.87
CA ALA A 104 -9.61 -2.71 -12.64
C ALA A 104 -9.96 -1.93 -13.94
N ASP A 105 -8.91 -1.42 -14.62
CA ASP A 105 -9.02 -0.82 -15.97
C ASP A 105 -9.40 -1.89 -17.03
N GLY A 106 -8.94 -3.14 -16.82
CA GLY A 106 -9.29 -4.27 -17.70
C GLY A 106 -10.79 -4.58 -17.74
N VAL A 107 -11.50 -4.25 -16.66
CA VAL A 107 -12.97 -4.35 -16.56
C VAL A 107 -13.67 -3.08 -17.13
N GLN A 108 -13.04 -1.90 -16.92
CA GLN A 108 -13.65 -0.58 -17.19
C GLN A 108 -13.24 -0.01 -18.58
N LYS A 109 -11.93 0.24 -18.77
CA LYS A 109 -11.31 0.76 -20.03
C LYS A 109 -11.72 2.22 -20.40
N VAL A 110 -12.39 2.93 -19.48
CA VAL A 110 -12.71 4.37 -19.66
C VAL A 110 -11.44 5.23 -19.53
N HIS A 111 -10.64 4.92 -18.49
CA HIS A 111 -9.25 5.40 -18.40
C HIS A 111 -8.42 4.72 -19.52
N LYS A 112 -8.22 5.47 -20.63
CA LYS A 112 -7.65 4.95 -21.90
C LYS A 112 -6.13 4.59 -21.77
N GLY A 113 -5.88 3.37 -21.26
CA GLY A 113 -4.53 2.81 -21.21
C GLY A 113 -4.19 2.07 -22.50
N THR A 114 -4.74 0.85 -22.63
CA THR A 114 -4.62 0.01 -23.85
C THR A 114 -5.74 -1.08 -23.89
N GLY A 1 -19.20 3.70 -18.14
CA GLY A 1 -18.57 5.00 -17.77
C GLY A 1 -17.06 5.04 -18.02
N SER A 2 -16.37 6.01 -17.38
CA SER A 2 -14.89 6.15 -17.44
C SER A 2 -14.29 6.18 -16.01
N ASP A 3 -15.03 5.60 -15.06
CA ASP A 3 -14.71 5.63 -13.61
C ASP A 3 -13.43 4.81 -13.29
N PRO A 4 -12.62 5.21 -12.25
CA PRO A 4 -11.37 4.49 -11.90
C PRO A 4 -11.63 3.10 -11.25
N GLU A 5 -12.81 2.95 -10.62
CA GLU A 5 -13.17 1.76 -9.81
C GLU A 5 -12.13 1.50 -8.70
N SER A 6 -11.61 2.59 -8.12
CA SER A 6 -10.53 2.58 -7.11
C SER A 6 -10.91 1.74 -5.87
N SER A 7 -12.21 1.76 -5.47
CA SER A 7 -12.73 0.94 -4.33
C SER A 7 -12.46 -0.57 -4.54
N ILE A 8 -12.65 -1.07 -5.78
CA ILE A 8 -12.33 -2.48 -6.16
C ILE A 8 -10.83 -2.76 -5.95
N PHE A 9 -9.99 -1.85 -6.49
CA PHE A 9 -8.54 -1.90 -6.34
C PHE A 9 -8.12 -1.93 -4.84
N ILE A 10 -8.67 -1.02 -4.01
CA ILE A 10 -8.32 -0.92 -2.57
C ILE A 10 -8.67 -2.22 -1.82
N GLU A 11 -9.93 -2.67 -1.92
CA GLU A 11 -10.39 -3.87 -1.19
C GLU A 11 -9.60 -5.13 -1.62
N ASP A 12 -9.27 -5.21 -2.93
CA ASP A 12 -8.50 -6.36 -3.50
C ASP A 12 -6.96 -6.19 -3.35
N ALA A 13 -6.51 -4.95 -3.09
CA ALA A 13 -5.08 -4.65 -2.77
C ALA A 13 -4.78 -5.07 -1.33
N ILE A 14 -5.75 -4.81 -0.44
CA ILE A 14 -5.70 -5.27 0.97
C ILE A 14 -5.57 -6.81 1.04
N LYS A 15 -6.15 -7.54 0.05
CA LYS A 15 -5.88 -9.00 -0.17
C LYS A 15 -4.37 -9.27 -0.27
N TYR A 16 -3.70 -8.57 -1.22
CA TYR A 16 -2.23 -8.71 -1.43
C TYR A 16 -1.43 -8.31 -0.16
N PHE A 17 -1.89 -7.27 0.55
CA PHE A 17 -1.24 -6.77 1.77
C PHE A 17 -1.51 -7.65 3.03
N LYS A 18 -2.58 -8.46 3.04
CA LYS A 18 -2.89 -9.36 4.20
C LYS A 18 -2.43 -10.83 3.95
N GLU A 19 -2.40 -11.25 2.66
CA GLU A 19 -2.08 -12.64 2.26
C GLU A 19 -0.59 -12.80 1.88
N LYS A 20 -0.15 -11.96 0.94
CA LYS A 20 1.22 -12.00 0.37
C LYS A 20 2.21 -11.23 1.25
N VAL A 21 1.73 -10.10 1.81
CA VAL A 21 2.48 -9.26 2.78
C VAL A 21 1.90 -9.49 4.20
N SER A 22 2.75 -9.36 5.24
CA SER A 22 2.28 -9.40 6.65
C SER A 22 1.97 -7.97 7.15
N THR A 23 1.15 -7.87 8.23
CA THR A 23 0.71 -6.57 8.79
C THR A 23 1.92 -5.75 9.30
N GLN A 24 2.81 -6.39 10.07
CA GLN A 24 4.04 -5.73 10.60
C GLN A 24 4.98 -5.25 9.45
N ASN A 25 4.92 -5.95 8.31
CA ASN A 25 5.71 -5.61 7.09
C ASN A 25 5.14 -4.35 6.38
N LEU A 26 3.79 -4.30 6.18
CA LEU A 26 3.12 -3.11 5.57
C LEU A 26 3.16 -1.88 6.50
N LEU A 27 3.24 -2.15 7.83
CA LEU A 27 3.41 -1.09 8.85
C LEU A 27 4.73 -0.29 8.65
N LEU A 28 5.76 -0.92 8.07
CA LEU A 28 7.02 -0.22 7.68
C LEU A 28 6.75 0.88 6.61
N LEU A 29 5.84 0.57 5.67
CA LEU A 29 5.39 1.52 4.62
C LEU A 29 4.43 2.59 5.21
N LEU A 30 3.59 2.19 6.19
CA LEU A 30 2.62 3.11 6.83
C LEU A 30 3.28 4.14 7.78
N THR A 31 4.29 3.69 8.55
CA THR A 31 5.00 4.55 9.55
C THR A 31 5.79 5.70 8.88
N ASP A 32 6.41 5.40 7.73
CA ASP A 32 7.14 6.41 6.94
C ASP A 32 6.40 6.72 5.62
N ASN A 33 5.95 7.98 5.48
CA ASN A 33 5.20 8.45 4.30
C ASN A 33 6.03 8.34 2.98
N GLU A 34 7.36 8.51 3.10
CA GLU A 34 8.29 8.50 1.93
C GLU A 34 8.47 7.07 1.37
N ALA A 35 8.52 6.08 2.27
CA ALA A 35 8.58 4.65 1.90
C ALA A 35 7.27 4.22 1.19
N TRP A 36 6.14 4.74 1.69
CA TRP A 36 4.81 4.57 1.08
C TRP A 36 4.75 5.18 -0.34
N ASN A 37 5.29 6.39 -0.49
CA ASN A 37 5.39 7.09 -1.81
C ASN A 37 6.39 6.38 -2.75
N GLY A 38 7.36 5.66 -2.17
CA GLY A 38 8.24 4.76 -2.93
C GLY A 38 7.49 3.59 -3.57
N PHE A 39 6.42 3.15 -2.91
CA PHE A 39 5.45 2.17 -3.44
C PHE A 39 4.48 2.85 -4.47
N VAL A 40 3.84 3.96 -4.06
CA VAL A 40 2.74 4.62 -4.81
C VAL A 40 3.22 5.23 -6.16
N ALA A 41 4.30 6.03 -6.11
CA ALA A 41 4.85 6.72 -7.29
C ALA A 41 5.40 5.69 -8.33
N ALA A 42 6.02 4.61 -7.83
CA ALA A 42 6.42 3.46 -8.66
C ALA A 42 5.18 2.75 -9.28
N ALA A 43 4.12 2.63 -8.48
CA ALA A 43 2.84 2.02 -8.89
C ALA A 43 1.92 2.98 -9.70
N GLU A 44 2.41 4.23 -9.95
CA GLU A 44 1.72 5.28 -10.76
C GLU A 44 0.36 5.74 -10.15
N LEU A 45 0.11 5.39 -8.89
CA LEU A 45 -1.21 5.57 -8.24
C LEU A 45 -1.48 7.05 -7.88
N PRO A 46 -2.61 7.65 -8.37
CA PRO A 46 -3.00 9.05 -8.03
C PRO A 46 -3.49 9.17 -6.56
N ARG A 47 -3.66 10.41 -6.08
CA ARG A 47 -3.95 10.72 -4.65
C ARG A 47 -5.20 9.98 -4.10
N ASN A 48 -6.14 9.65 -5.00
CA ASN A 48 -7.42 8.99 -4.63
C ASN A 48 -7.15 7.62 -3.97
N GLU A 49 -6.53 6.69 -4.74
CA GLU A 49 -6.13 5.37 -4.20
C GLU A 49 -4.90 5.47 -3.29
N ALA A 50 -3.97 6.40 -3.58
CA ALA A 50 -2.77 6.65 -2.72
C ALA A 50 -3.15 6.92 -1.25
N ASP A 51 -4.27 7.65 -1.05
CA ASP A 51 -4.87 7.87 0.26
C ASP A 51 -5.72 6.66 0.72
N GLU A 52 -6.71 6.23 -0.10
CA GLU A 52 -7.68 5.17 0.29
C GLU A 52 -7.02 3.82 0.70
N LEU A 53 -5.86 3.50 0.08
CA LEU A 53 -5.01 2.34 0.44
C LEU A 53 -4.47 2.46 1.88
N ARG A 54 -3.70 3.55 2.14
CA ARG A 54 -3.07 3.78 3.47
C ARG A 54 -4.11 4.03 4.57
N LYS A 55 -5.31 4.51 4.19
CA LYS A 55 -6.44 4.71 5.14
C LYS A 55 -7.12 3.37 5.51
N ALA A 56 -7.19 2.43 4.54
CA ALA A 56 -7.74 1.08 4.76
C ALA A 56 -6.76 0.21 5.59
N LEU A 57 -5.45 0.39 5.33
CA LEU A 57 -4.35 -0.25 6.10
C LEU A 57 -4.16 0.45 7.48
N ASP A 58 -4.55 1.74 7.57
CA ASP A 58 -4.61 2.49 8.86
C ASP A 58 -5.83 2.05 9.70
N ASN A 59 -6.94 1.68 9.01
CA ASN A 59 -8.14 1.12 9.68
C ASN A 59 -7.81 -0.28 10.25
N LEU A 60 -7.00 -1.04 9.47
CA LEU A 60 -6.40 -2.31 9.92
C LEU A 60 -5.49 -2.09 11.16
N ALA A 61 -4.62 -1.08 11.08
CA ALA A 61 -3.66 -0.72 12.16
C ALA A 61 -4.37 -0.08 13.39
N ARG A 62 -5.54 0.53 13.15
CA ARG A 62 -6.32 1.25 14.19
C ARG A 62 -6.80 0.31 15.31
N GLN A 63 -7.22 -0.91 14.93
CA GLN A 63 -7.64 -1.94 15.89
C GLN A 63 -6.43 -2.68 16.50
N MET A 64 -5.28 -2.66 15.79
CA MET A 64 -4.01 -3.29 16.27
C MET A 64 -3.45 -2.55 17.49
N ILE A 65 -3.28 -1.22 17.38
CA ILE A 65 -2.73 -0.35 18.46
C ILE A 65 -3.54 -0.45 19.78
N MET A 66 -4.86 -0.72 19.67
CA MET A 66 -5.76 -0.88 20.84
C MET A 66 -5.50 -2.22 21.59
N LYS A 67 -5.10 -3.26 20.82
CA LYS A 67 -4.95 -4.64 21.34
C LYS A 67 -3.49 -4.96 21.74
N ASP A 68 -2.52 -4.40 21.01
CA ASP A 68 -1.08 -4.59 21.29
C ASP A 68 -0.68 -3.92 22.63
N LYS A 69 -0.78 -2.58 22.68
CA LYS A 69 -0.37 -1.73 23.83
C LYS A 69 1.16 -1.82 24.11
N ASN A 70 1.91 -2.43 23.17
CA ASN A 70 3.36 -2.67 23.33
C ASN A 70 4.18 -1.91 22.28
N TRP A 71 3.57 -0.87 21.66
CA TRP A 71 4.25 -0.04 20.61
C TRP A 71 5.41 0.81 21.19
N HIS A 72 5.50 0.88 22.51
CA HIS A 72 6.64 1.51 23.22
C HIS A 72 7.72 0.46 23.63
N ASP A 73 7.34 -0.84 23.67
CA ASP A 73 8.27 -1.97 23.99
C ASP A 73 8.39 -2.98 22.81
N LYS A 74 8.00 -2.55 21.58
CA LYS A 74 7.90 -3.46 20.41
C LYS A 74 9.28 -3.96 19.91
N GLY A 75 10.34 -3.20 20.20
CA GLY A 75 11.70 -3.56 19.77
C GLY A 75 12.11 -2.93 18.44
N GLN A 76 11.12 -2.49 17.64
CA GLN A 76 11.37 -1.77 16.36
C GLN A 76 11.72 -0.30 16.65
N GLN A 77 12.99 -0.05 17.01
CA GLN A 77 13.55 1.29 17.25
C GLN A 77 14.37 1.75 16.02
N TYR A 78 15.19 0.82 15.50
CA TYR A 78 16.05 1.05 14.33
C TYR A 78 15.32 0.67 13.02
N ARG A 79 15.75 1.30 11.92
CA ARG A 79 15.17 1.07 10.57
C ARG A 79 16.27 0.75 9.54
N ASN A 80 16.16 -0.44 8.93
CA ASN A 80 17.08 -0.89 7.86
C ASN A 80 16.64 -0.34 6.47
N TRP A 81 16.45 1.00 6.39
CA TRP A 81 15.92 1.68 5.18
C TRP A 81 16.83 1.44 3.95
N PHE A 82 18.15 1.62 4.14
CA PHE A 82 19.16 1.35 3.08
C PHE A 82 19.11 -0.14 2.61
N LEU A 83 18.83 -1.06 3.55
CA LEU A 83 18.74 -2.52 3.24
C LEU A 83 17.39 -2.89 2.58
N LYS A 84 16.44 -1.93 2.54
CA LYS A 84 15.18 -2.03 1.76
C LYS A 84 15.32 -1.27 0.41
N GLU A 85 16.21 -0.26 0.37
CA GLU A 85 16.50 0.53 -0.84
C GLU A 85 17.55 -0.15 -1.75
N PHE A 86 18.44 -0.95 -1.16
CA PHE A 86 19.53 -1.66 -1.87
C PHE A 86 18.97 -2.72 -2.89
N PRO A 87 18.05 -3.69 -2.48
CA PRO A 87 17.41 -4.64 -3.43
C PRO A 87 16.38 -3.97 -4.38
N ARG A 88 15.62 -4.79 -5.12
CA ARG A 88 14.61 -4.31 -6.11
C ARG A 88 13.16 -4.63 -5.68
N LEU A 89 12.94 -5.04 -4.41
CA LEU A 89 11.61 -5.51 -3.92
C LEU A 89 10.49 -4.43 -4.03
N LYS A 90 10.87 -3.14 -3.98
CA LYS A 90 9.94 -2.00 -4.25
C LYS A 90 9.58 -1.93 -5.75
N SER A 91 10.62 -2.09 -6.61
CA SER A 91 10.49 -2.11 -8.08
C SER A 91 9.67 -3.32 -8.58
N GLU A 92 9.69 -4.43 -7.82
CA GLU A 92 8.91 -5.65 -8.16
C GLU A 92 7.49 -5.61 -7.53
N LEU A 93 7.34 -4.84 -6.43
CA LEU A 93 6.04 -4.66 -5.72
C LEU A 93 5.01 -4.01 -6.67
N GLU A 94 5.46 -2.96 -7.40
CA GLU A 94 4.61 -2.20 -8.33
C GLU A 94 4.02 -3.09 -9.44
N ASP A 95 4.77 -4.10 -9.91
CA ASP A 95 4.30 -5.03 -10.97
C ASP A 95 3.01 -5.79 -10.54
N ASN A 96 2.98 -6.20 -9.26
CA ASN A 96 1.88 -7.01 -8.69
C ASN A 96 0.64 -6.14 -8.40
N ILE A 97 0.87 -4.90 -7.90
CA ILE A 97 -0.20 -3.99 -7.45
C ILE A 97 -0.84 -3.21 -8.63
N ARG A 98 -0.03 -2.89 -9.68
CA ARG A 98 -0.50 -2.22 -10.92
C ARG A 98 -1.40 -3.14 -11.75
N ARG A 99 -1.20 -4.46 -11.60
CA ARG A 99 -2.09 -5.47 -12.18
C ARG A 99 -3.54 -5.28 -11.64
N LEU A 100 -3.66 -5.18 -10.31
CA LEU A 100 -4.96 -4.97 -9.59
C LEU A 100 -5.67 -3.67 -10.03
N ARG A 101 -4.91 -2.56 -10.13
CA ARG A 101 -5.48 -1.25 -10.55
C ARG A 101 -5.93 -1.33 -12.02
N ALA A 102 -5.17 -2.05 -12.87
CA ALA A 102 -5.50 -2.25 -14.30
C ALA A 102 -6.67 -3.25 -14.49
N LEU A 103 -6.92 -4.11 -13.48
CA LEU A 103 -8.13 -4.96 -13.41
C LEU A 103 -9.38 -4.13 -13.04
N ALA A 104 -9.20 -3.13 -12.14
CA ALA A 104 -10.27 -2.15 -11.80
C ALA A 104 -10.60 -1.21 -12.99
N ASP A 105 -9.55 -0.58 -13.55
CA ASP A 105 -9.63 0.32 -14.71
C ASP A 105 -10.09 -0.40 -15.99
N GLY A 106 -9.43 -1.53 -16.32
CA GLY A 106 -9.62 -2.25 -17.61
C GLY A 106 -11.07 -2.59 -17.97
N VAL A 107 -11.89 -2.83 -16.94
CA VAL A 107 -13.34 -3.05 -17.10
C VAL A 107 -14.05 -1.73 -17.52
N GLN A 108 -13.74 -0.64 -16.81
CA GLN A 108 -14.48 0.65 -16.92
C GLN A 108 -13.78 1.69 -17.86
N LYS A 109 -12.66 1.30 -18.51
CA LYS A 109 -12.04 2.13 -19.58
C LYS A 109 -12.87 2.05 -20.88
N VAL A 110 -13.45 0.87 -21.11
CA VAL A 110 -14.18 0.56 -22.35
C VAL A 110 -15.67 0.97 -22.23
N HIS A 111 -15.97 2.20 -22.70
CA HIS A 111 -17.35 2.78 -22.70
C HIS A 111 -17.92 2.81 -24.14
N LYS A 112 -18.44 1.65 -24.58
CA LYS A 112 -18.91 1.45 -25.97
C LYS A 112 -19.74 0.15 -26.10
N GLY A 113 -20.04 -0.27 -27.35
CA GLY A 113 -20.78 -1.51 -27.60
C GLY A 113 -20.39 -2.14 -28.93
N THR A 114 -21.39 -2.52 -29.75
CA THR A 114 -21.18 -3.13 -31.08
C THR A 114 -22.28 -2.66 -32.09
N GLY A 1 -19.35 6.20 -17.91
CA GLY A 1 -18.08 6.90 -18.22
C GLY A 1 -16.86 6.31 -17.51
N SER A 2 -15.74 7.04 -17.52
CA SER A 2 -14.43 6.55 -16.98
C SER A 2 -14.30 6.78 -15.46
N ASP A 3 -14.80 5.83 -14.67
CA ASP A 3 -14.56 5.79 -13.21
C ASP A 3 -13.35 4.86 -12.91
N PRO A 4 -12.36 5.30 -12.06
CA PRO A 4 -11.15 4.48 -11.74
C PRO A 4 -11.49 3.13 -11.04
N GLU A 5 -12.69 3.05 -10.42
CA GLU A 5 -13.16 1.87 -9.63
C GLU A 5 -12.16 1.50 -8.52
N SER A 6 -11.67 2.56 -7.84
CA SER A 6 -10.66 2.48 -6.78
C SER A 6 -11.09 1.54 -5.63
N SER A 7 -12.40 1.51 -5.31
CA SER A 7 -12.97 0.60 -4.26
C SER A 7 -12.57 -0.90 -4.50
N ILE A 8 -12.71 -1.33 -5.77
CA ILE A 8 -12.35 -2.70 -6.23
C ILE A 8 -10.84 -2.96 -6.01
N PHE A 9 -10.01 -2.04 -6.52
CA PHE A 9 -8.55 -2.07 -6.36
C PHE A 9 -8.13 -2.09 -4.86
N ILE A 10 -8.81 -1.29 -4.02
CA ILE A 10 -8.48 -1.15 -2.58
C ILE A 10 -8.76 -2.45 -1.83
N GLU A 11 -9.98 -3.00 -1.95
CA GLU A 11 -10.33 -4.28 -1.27
C GLU A 11 -9.36 -5.40 -1.73
N ASP A 12 -9.10 -5.47 -3.05
CA ASP A 12 -8.21 -6.48 -3.65
C ASP A 12 -6.74 -6.28 -3.19
N ALA A 13 -6.34 -5.01 -3.00
CA ALA A 13 -4.98 -4.63 -2.54
C ALA A 13 -4.79 -4.98 -1.06
N ILE A 14 -5.85 -4.82 -0.25
CA ILE A 14 -5.84 -5.23 1.18
C ILE A 14 -5.62 -6.76 1.29
N LYS A 15 -6.18 -7.54 0.34
CA LYS A 15 -5.87 -8.99 0.20
C LYS A 15 -4.38 -9.20 -0.15
N TYR A 16 -3.83 -8.41 -1.09
CA TYR A 16 -2.39 -8.49 -1.45
C TYR A 16 -1.47 -8.13 -0.25
N PHE A 17 -1.93 -7.18 0.59
CA PHE A 17 -1.17 -6.69 1.77
C PHE A 17 -1.34 -7.61 3.02
N LYS A 18 -2.41 -8.44 3.08
CA LYS A 18 -2.59 -9.40 4.21
C LYS A 18 -2.07 -10.82 3.87
N GLU A 19 -2.14 -11.21 2.57
CA GLU A 19 -1.79 -12.58 2.10
C GLU A 19 -0.34 -12.66 1.57
N LYS A 20 0.00 -11.76 0.62
CA LYS A 20 1.31 -11.79 -0.08
C LYS A 20 2.37 -10.96 0.70
N VAL A 21 1.91 -9.86 1.29
CA VAL A 21 2.67 -9.04 2.26
C VAL A 21 2.19 -9.46 3.69
N SER A 22 3.08 -9.39 4.69
CA SER A 22 2.70 -9.68 6.11
C SER A 22 2.27 -8.39 6.85
N THR A 23 1.69 -8.56 8.05
CA THR A 23 1.17 -7.44 8.88
C THR A 23 2.30 -6.43 9.22
N GLN A 24 3.40 -6.92 9.84
CA GLN A 24 4.57 -6.07 10.19
C GLN A 24 5.17 -5.37 8.94
N ASN A 25 5.23 -6.11 7.82
CA ASN A 25 5.73 -5.60 6.52
C ASN A 25 4.93 -4.37 6.02
N LEU A 26 3.57 -4.47 6.02
CA LEU A 26 2.69 -3.34 5.59
C LEU A 26 2.75 -2.18 6.62
N LEU A 27 2.89 -2.54 7.92
CA LEU A 27 3.02 -1.55 9.02
C LEU A 27 4.28 -0.68 8.87
N LEU A 28 5.39 -1.29 8.40
CA LEU A 28 6.65 -0.56 8.10
C LEU A 28 6.45 0.48 6.96
N LEU A 29 5.61 0.12 5.97
CA LEU A 29 5.23 1.04 4.86
C LEU A 29 4.30 2.19 5.35
N LEU A 30 3.39 1.86 6.30
CA LEU A 30 2.46 2.86 6.90
C LEU A 30 3.18 3.84 7.86
N THR A 31 4.19 3.34 8.60
CA THR A 31 4.97 4.15 9.57
C THR A 31 6.04 5.02 8.86
N ASP A 32 6.58 4.53 7.73
CA ASP A 32 7.61 5.25 6.95
C ASP A 32 6.95 6.01 5.77
N ASN A 33 7.06 7.35 5.79
CA ASN A 33 6.50 8.23 4.75
C ASN A 33 7.15 8.01 3.35
N GLU A 34 8.48 7.81 3.30
CA GLU A 34 9.23 7.60 2.04
C GLU A 34 9.06 6.19 1.47
N ALA A 35 8.71 5.22 2.34
CA ALA A 35 8.42 3.83 1.91
C ALA A 35 7.04 3.73 1.23
N TRP A 36 6.04 4.42 1.83
CA TRP A 36 4.68 4.52 1.25
C TRP A 36 4.71 5.33 -0.08
N ASN A 37 5.42 6.47 -0.09
CA ASN A 37 5.64 7.28 -1.32
C ASN A 37 6.46 6.51 -2.37
N GLY A 38 7.43 5.72 -1.89
CA GLY A 38 8.21 4.81 -2.76
C GLY A 38 7.36 3.70 -3.39
N PHE A 39 6.26 3.35 -2.70
CA PHE A 39 5.23 2.42 -3.22
C PHE A 39 4.30 3.13 -4.26
N VAL A 40 3.58 4.18 -3.82
CA VAL A 40 2.54 4.86 -4.63
C VAL A 40 3.12 5.51 -5.92
N ALA A 41 4.24 6.23 -5.78
CA ALA A 41 4.88 6.97 -6.91
C ALA A 41 5.42 6.01 -8.00
N ALA A 42 6.10 4.93 -7.57
CA ALA A 42 6.62 3.88 -8.50
C ALA A 42 5.46 3.09 -9.16
N ALA A 43 4.42 2.82 -8.37
CA ALA A 43 3.16 2.20 -8.86
C ALA A 43 2.28 3.17 -9.72
N GLU A 44 2.62 4.48 -9.72
CA GLU A 44 1.92 5.53 -10.51
C GLU A 44 0.42 5.67 -10.13
N LEU A 45 0.12 5.46 -8.84
CA LEU A 45 -1.26 5.48 -8.31
C LEU A 45 -1.75 6.93 -8.07
N PRO A 46 -2.87 7.36 -8.74
CA PRO A 46 -3.50 8.71 -8.53
C PRO A 46 -4.06 8.88 -7.10
N ARG A 47 -4.33 10.15 -6.71
CA ARG A 47 -4.71 10.54 -5.32
C ARG A 47 -5.90 9.73 -4.74
N ASN A 48 -6.84 9.28 -5.61
CA ASN A 48 -8.08 8.58 -5.20
C ASN A 48 -7.72 7.28 -4.44
N GLU A 49 -7.04 6.38 -5.16
CA GLU A 49 -6.54 5.11 -4.59
C GLU A 49 -5.39 5.35 -3.61
N ALA A 50 -4.47 6.29 -3.95
CA ALA A 50 -3.31 6.66 -3.07
C ALA A 50 -3.72 6.95 -1.61
N ASP A 51 -4.84 7.69 -1.44
CA ASP A 51 -5.45 7.95 -0.12
C ASP A 51 -6.24 6.71 0.39
N GLU A 52 -7.21 6.20 -0.41
CA GLU A 52 -8.10 5.07 0.03
C GLU A 52 -7.35 3.79 0.49
N LEU A 53 -6.14 3.55 -0.08
CA LEU A 53 -5.24 2.43 0.30
C LEU A 53 -4.75 2.57 1.76
N ARG A 54 -4.03 3.68 2.04
CA ARG A 54 -3.49 3.98 3.39
C ARG A 54 -4.61 4.21 4.42
N LYS A 55 -5.80 4.66 3.95
CA LYS A 55 -7.00 4.80 4.82
C LYS A 55 -7.52 3.42 5.30
N ALA A 56 -7.68 2.48 4.35
CA ALA A 56 -8.17 1.10 4.66
C ALA A 56 -7.14 0.29 5.48
N LEU A 57 -5.84 0.47 5.14
CA LEU A 57 -4.72 -0.14 5.90
C LEU A 57 -4.53 0.56 7.28
N ASP A 58 -4.92 1.84 7.38
CA ASP A 58 -4.93 2.58 8.68
C ASP A 58 -6.05 2.03 9.58
N ASN A 59 -7.22 1.67 8.99
CA ASN A 59 -8.35 1.03 9.71
C ASN A 59 -7.89 -0.28 10.39
N LEU A 60 -7.08 -1.05 9.63
CA LEU A 60 -6.42 -2.28 10.14
C LEU A 60 -5.45 -1.94 11.31
N ALA A 61 -4.55 -0.97 11.06
CA ALA A 61 -3.51 -0.56 12.03
C ALA A 61 -4.10 0.12 13.29
N ARG A 62 -5.23 0.81 13.12
CA ARG A 62 -5.86 1.66 14.17
C ARG A 62 -6.49 0.81 15.27
N GLN A 63 -7.22 -0.24 14.85
CA GLN A 63 -7.86 -1.18 15.78
C GLN A 63 -6.81 -2.09 16.47
N MET A 64 -5.69 -2.37 15.77
CA MET A 64 -4.58 -3.18 16.32
C MET A 64 -3.82 -2.43 17.46
N ILE A 65 -3.42 -1.17 17.21
CA ILE A 65 -2.62 -0.36 18.19
C ILE A 65 -3.36 -0.11 19.54
N MET A 66 -4.68 -0.36 19.58
CA MET A 66 -5.49 -0.28 20.83
C MET A 66 -5.05 -1.34 21.88
N LYS A 67 -4.47 -2.47 21.41
CA LYS A 67 -3.88 -3.54 22.26
C LYS A 67 -2.35 -3.68 22.03
N ASP A 68 -1.94 -3.55 20.75
CA ASP A 68 -0.53 -3.65 20.33
C ASP A 68 0.24 -2.35 20.68
N LYS A 69 0.82 -2.33 21.88
CA LYS A 69 1.86 -1.35 22.26
C LYS A 69 3.27 -1.93 22.00
N ASN A 70 3.31 -3.16 21.43
CA ASN A 70 4.54 -3.89 21.10
C ASN A 70 5.18 -3.38 19.78
N TRP A 71 5.77 -2.18 19.85
CA TRP A 71 6.45 -1.53 18.72
C TRP A 71 7.94 -1.25 19.06
N HIS A 72 8.15 -0.47 20.15
CA HIS A 72 9.51 -0.05 20.62
C HIS A 72 10.40 -1.24 21.09
N ASP A 73 9.77 -2.24 21.73
CA ASP A 73 10.47 -3.36 22.41
C ASP A 73 11.00 -4.44 21.43
N LYS A 74 10.94 -4.16 20.11
CA LYS A 74 11.61 -4.97 19.06
C LYS A 74 13.14 -5.04 19.27
N GLY A 75 13.70 -4.00 19.95
CA GLY A 75 15.13 -3.94 20.30
C GLY A 75 16.08 -3.83 19.09
N GLN A 76 15.52 -3.41 17.93
CA GLN A 76 16.25 -3.36 16.64
C GLN A 76 16.10 -1.95 16.03
N GLN A 77 17.21 -1.19 15.99
CA GLN A 77 17.22 0.20 15.44
C GLN A 77 17.14 0.20 13.89
N TYR A 78 17.65 -0.89 13.27
CA TYR A 78 17.68 -1.06 11.79
C TYR A 78 17.65 -2.56 11.40
N ARG A 79 16.94 -2.88 10.30
CA ARG A 79 16.82 -4.27 9.78
C ARG A 79 16.30 -4.29 8.32
N ASN A 80 16.67 -5.35 7.57
CA ASN A 80 16.18 -5.64 6.19
C ASN A 80 16.65 -4.56 5.17
N TRP A 81 17.87 -4.05 5.39
CA TRP A 81 18.50 -3.02 4.51
C TRP A 81 18.68 -3.56 3.08
N PHE A 82 19.39 -4.69 2.94
CA PHE A 82 19.64 -5.34 1.63
C PHE A 82 18.33 -5.91 1.03
N LEU A 83 17.38 -6.34 1.89
CA LEU A 83 16.06 -6.85 1.45
C LEU A 83 15.13 -5.70 0.97
N LYS A 84 15.52 -4.44 1.24
CA LYS A 84 14.84 -3.23 0.71
C LYS A 84 15.59 -2.67 -0.53
N GLU A 85 16.93 -2.77 -0.48
CA GLU A 85 17.87 -2.19 -1.47
C GLU A 85 17.92 -3.04 -2.78
N PHE A 86 17.97 -4.38 -2.61
CA PHE A 86 18.12 -5.36 -3.72
C PHE A 86 16.91 -5.39 -4.71
N PRO A 87 15.59 -5.42 -4.24
CA PRO A 87 14.41 -5.28 -5.16
C PRO A 87 14.27 -3.87 -5.80
N ARG A 88 15.19 -2.94 -5.44
CA ARG A 88 15.33 -1.58 -6.07
C ARG A 88 14.01 -0.77 -6.00
N LEU A 89 13.83 0.02 -4.91
CA LEU A 89 12.60 0.83 -4.67
C LEU A 89 11.33 -0.06 -4.49
N LYS A 90 11.54 -1.40 -4.32
CA LYS A 90 10.46 -2.45 -4.24
C LYS A 90 9.72 -2.61 -5.60
N SER A 91 10.45 -2.47 -6.73
CA SER A 91 9.85 -2.49 -8.12
C SER A 91 8.96 -3.74 -8.38
N GLU A 92 9.27 -4.87 -7.71
CA GLU A 92 8.46 -6.11 -7.78
C GLU A 92 7.08 -5.95 -7.06
N LEU A 93 7.07 -5.26 -5.89
CA LEU A 93 5.84 -5.01 -5.09
C LEU A 93 4.84 -4.18 -5.95
N GLU A 94 5.35 -3.07 -6.49
CA GLU A 94 4.61 -2.20 -7.41
C GLU A 94 4.18 -2.94 -8.70
N ASP A 95 5.04 -3.84 -9.21
CA ASP A 95 4.75 -4.61 -10.44
C ASP A 95 3.43 -5.45 -10.33
N ASN A 96 3.14 -5.96 -9.12
CA ASN A 96 1.90 -6.72 -8.86
C ASN A 96 0.69 -5.81 -8.53
N ILE A 97 0.94 -4.68 -7.83
CA ILE A 97 -0.15 -3.79 -7.36
C ILE A 97 -0.77 -2.97 -8.54
N ARG A 98 0.08 -2.60 -9.54
CA ARG A 98 -0.36 -1.87 -10.76
C ARG A 98 -1.29 -2.74 -11.62
N ARG A 99 -1.06 -4.06 -11.59
CA ARG A 99 -1.91 -5.08 -12.25
C ARG A 99 -3.37 -5.00 -11.74
N LEU A 100 -3.53 -4.91 -10.40
CA LEU A 100 -4.85 -4.79 -9.74
C LEU A 100 -5.60 -3.50 -10.16
N ARG A 101 -4.85 -2.38 -10.24
CA ARG A 101 -5.39 -1.07 -10.68
C ARG A 101 -5.76 -1.11 -12.18
N ALA A 102 -4.90 -1.79 -12.96
CA ALA A 102 -5.08 -1.99 -14.42
C ALA A 102 -6.36 -2.80 -14.72
N LEU A 103 -6.64 -3.81 -13.89
CA LEU A 103 -7.88 -4.62 -13.98
C LEU A 103 -9.11 -3.79 -13.55
N ALA A 104 -9.03 -3.11 -12.39
CA ALA A 104 -10.14 -2.28 -11.83
C ALA A 104 -10.63 -1.22 -12.85
N ASP A 105 -9.69 -0.39 -13.33
CA ASP A 105 -9.97 0.66 -14.34
C ASP A 105 -10.16 0.07 -15.77
N GLY A 106 -9.44 -1.04 -16.08
CA GLY A 106 -9.52 -1.70 -17.40
C GLY A 106 -10.86 -2.40 -17.67
N VAL A 107 -11.56 -2.81 -16.59
CA VAL A 107 -12.96 -3.31 -16.66
C VAL A 107 -13.91 -2.16 -17.08
N GLN A 108 -13.69 -0.97 -16.49
CA GLN A 108 -14.46 0.24 -16.79
C GLN A 108 -14.29 0.68 -18.27
N LYS A 109 -13.04 0.61 -18.76
CA LYS A 109 -12.68 0.99 -20.15
C LYS A 109 -13.15 -0.07 -21.17
N VAL A 110 -12.94 -1.36 -20.81
CA VAL A 110 -12.97 -2.52 -21.75
C VAL A 110 -12.00 -2.25 -22.94
N HIS A 111 -10.83 -1.68 -22.60
CA HIS A 111 -9.85 -1.14 -23.57
C HIS A 111 -8.45 -0.99 -22.92
N LYS A 112 -7.39 -1.08 -23.75
CA LYS A 112 -5.95 -1.05 -23.34
C LYS A 112 -5.54 -2.30 -22.52
N GLY A 113 -6.14 -2.48 -21.33
CA GLY A 113 -5.99 -3.71 -20.54
C GLY A 113 -6.56 -4.95 -21.25
N THR A 114 -7.71 -4.76 -21.92
CA THR A 114 -8.39 -5.81 -22.71
C THR A 114 -8.42 -5.44 -24.23
N GLY A 1 -20.45 4.88 -16.34
CA GLY A 1 -19.77 5.10 -17.65
C GLY A 1 -18.25 5.04 -17.55
N SER A 2 -17.55 6.15 -17.84
CA SER A 2 -16.07 6.24 -17.75
C SER A 2 -15.62 6.37 -16.27
N ASP A 3 -15.64 5.24 -15.54
CA ASP A 3 -15.31 5.20 -14.10
C ASP A 3 -13.81 4.88 -13.86
N PRO A 4 -13.18 5.42 -12.76
CA PRO A 4 -11.78 5.09 -12.38
C PRO A 4 -11.65 3.64 -11.83
N GLU A 5 -12.77 3.11 -11.28
CA GLU A 5 -12.85 1.76 -10.68
C GLU A 5 -11.78 1.56 -9.56
N SER A 6 -11.66 2.59 -8.70
CA SER A 6 -10.68 2.63 -7.60
C SER A 6 -11.00 1.59 -6.51
N SER A 7 -12.26 1.60 -5.99
CA SER A 7 -12.71 0.71 -4.88
C SER A 7 -12.38 -0.78 -5.11
N ILE A 8 -12.48 -1.24 -6.37
CA ILE A 8 -12.05 -2.61 -6.78
C ILE A 8 -10.55 -2.83 -6.46
N PHE A 9 -9.70 -1.92 -7.00
CA PHE A 9 -8.24 -1.92 -6.76
C PHE A 9 -7.89 -1.85 -5.25
N ILE A 10 -8.61 -1.01 -4.48
CA ILE A 10 -8.35 -0.85 -3.02
C ILE A 10 -8.62 -2.16 -2.28
N GLU A 11 -9.84 -2.69 -2.42
CA GLU A 11 -10.23 -3.92 -1.70
C GLU A 11 -9.41 -5.14 -2.18
N ASP A 12 -8.95 -5.12 -3.45
CA ASP A 12 -8.10 -6.19 -4.05
C ASP A 12 -6.62 -6.04 -3.65
N ALA A 13 -6.15 -4.80 -3.42
CA ALA A 13 -4.78 -4.54 -2.93
C ALA A 13 -4.68 -4.91 -1.44
N ILE A 14 -5.76 -4.66 -0.71
CA ILE A 14 -5.92 -5.12 0.68
C ILE A 14 -5.82 -6.66 0.76
N LYS A 15 -6.36 -7.38 -0.27
CA LYS A 15 -6.16 -8.86 -0.40
C LYS A 15 -4.66 -9.18 -0.45
N TYR A 16 -3.91 -8.45 -1.31
CA TYR A 16 -2.45 -8.62 -1.45
C TYR A 16 -1.71 -8.30 -0.13
N PHE A 17 -2.14 -7.27 0.61
CA PHE A 17 -1.50 -6.86 1.87
C PHE A 17 -1.84 -7.81 3.06
N LYS A 18 -3.01 -8.50 3.05
CA LYS A 18 -3.39 -9.42 4.17
C LYS A 18 -3.03 -10.89 3.88
N GLU A 19 -3.08 -11.29 2.60
CA GLU A 19 -2.83 -12.69 2.18
C GLU A 19 -1.35 -12.89 1.80
N LYS A 20 -0.84 -12.00 0.93
CA LYS A 20 0.48 -12.16 0.28
C LYS A 20 1.61 -11.44 1.09
N VAL A 21 1.23 -10.35 1.81
CA VAL A 21 2.14 -9.60 2.72
C VAL A 21 1.74 -9.85 4.20
N SER A 22 2.72 -9.81 5.11
CA SER A 22 2.48 -9.92 6.57
C SER A 22 2.09 -8.54 7.18
N THR A 23 1.40 -8.57 8.34
CA THR A 23 0.85 -7.36 8.99
C THR A 23 1.95 -6.30 9.32
N GLN A 24 2.92 -6.67 10.17
CA GLN A 24 4.05 -5.76 10.55
C GLN A 24 4.90 -5.31 9.31
N ASN A 25 4.81 -6.08 8.21
CA ASN A 25 5.56 -5.80 6.97
C ASN A 25 4.87 -4.72 6.12
N LEU A 26 3.51 -4.70 6.11
CA LEU A 26 2.73 -3.59 5.46
C LEU A 26 2.69 -2.35 6.39
N LEU A 27 2.68 -2.60 7.72
CA LEU A 27 2.71 -1.54 8.76
C LEU A 27 4.02 -0.75 8.63
N LEU A 28 5.10 -1.43 8.23
CA LEU A 28 6.42 -0.80 7.95
C LEU A 28 6.28 0.34 6.91
N LEU A 29 5.54 0.10 5.82
CA LEU A 29 5.28 1.15 4.79
C LEU A 29 4.32 2.23 5.33
N LEU A 30 3.33 1.81 6.14
CA LEU A 30 2.41 2.78 6.80
C LEU A 30 3.14 3.70 7.83
N THR A 31 4.21 3.18 8.49
CA THR A 31 4.97 3.95 9.52
C THR A 31 6.08 4.82 8.89
N ASP A 32 6.81 4.25 7.92
CA ASP A 32 7.88 4.97 7.20
C ASP A 32 7.27 5.70 5.99
N ASN A 33 7.21 7.04 6.09
CA ASN A 33 6.62 7.93 5.06
C ASN A 33 7.25 7.71 3.65
N GLU A 34 8.59 7.54 3.57
CA GLU A 34 9.31 7.34 2.30
C GLU A 34 9.06 5.94 1.68
N ALA A 35 8.74 4.96 2.53
CA ALA A 35 8.44 3.57 2.09
C ALA A 35 7.06 3.50 1.37
N TRP A 36 6.05 4.18 1.93
CA TRP A 36 4.71 4.28 1.32
C TRP A 36 4.75 5.14 0.02
N ASN A 37 5.37 6.34 0.11
CA ASN A 37 5.51 7.26 -1.05
C ASN A 37 6.39 6.66 -2.16
N GLY A 38 7.41 5.87 -1.77
CA GLY A 38 8.25 5.13 -2.74
C GLY A 38 7.48 4.07 -3.54
N PHE A 39 6.50 3.44 -2.86
CA PHE A 39 5.54 2.50 -3.46
C PHE A 39 4.53 3.22 -4.42
N VAL A 40 3.78 4.19 -3.87
CA VAL A 40 2.69 4.92 -4.59
C VAL A 40 3.22 5.69 -5.83
N ALA A 41 4.28 6.49 -5.62
CA ALA A 41 4.87 7.34 -6.68
C ALA A 41 5.50 6.51 -7.82
N ALA A 42 6.05 5.32 -7.45
CA ALA A 42 6.56 4.35 -8.45
C ALA A 42 5.42 3.79 -9.30
N ALA A 43 4.32 3.36 -8.64
CA ALA A 43 3.10 2.85 -9.32
C ALA A 43 2.30 3.97 -10.03
N GLU A 44 2.70 5.26 -9.78
CA GLU A 44 2.09 6.46 -10.40
C GLU A 44 0.61 6.65 -9.98
N LEU A 45 0.26 6.16 -8.77
CA LEU A 45 -1.12 6.19 -8.26
C LEU A 45 -1.57 7.63 -7.91
N PRO A 46 -2.79 8.06 -8.37
CA PRO A 46 -3.42 9.36 -7.98
C PRO A 46 -3.79 9.38 -6.46
N ARG A 47 -3.93 10.59 -5.87
CA ARG A 47 -4.19 10.75 -4.41
C ARG A 47 -5.49 10.07 -3.95
N ASN A 48 -6.43 9.85 -4.90
CA ASN A 48 -7.71 9.14 -4.65
C ASN A 48 -7.46 7.77 -3.99
N GLU A 49 -6.77 6.90 -4.73
CA GLU A 49 -6.44 5.54 -4.28
C GLU A 49 -5.22 5.54 -3.35
N ALA A 50 -4.28 6.48 -3.56
CA ALA A 50 -3.10 6.66 -2.65
C ALA A 50 -3.56 6.86 -1.16
N ASP A 51 -4.69 7.56 -0.99
CA ASP A 51 -5.36 7.71 0.31
C ASP A 51 -6.20 6.47 0.68
N GLU A 52 -7.18 6.10 -0.19
CA GLU A 52 -8.15 4.99 0.10
C GLU A 52 -7.46 3.62 0.43
N LEU A 53 -6.27 3.36 -0.14
CA LEU A 53 -5.45 2.17 0.17
C LEU A 53 -5.05 2.16 1.67
N ARG A 54 -4.30 3.20 2.09
CA ARG A 54 -3.78 3.30 3.48
C ARG A 54 -4.90 3.49 4.50
N LYS A 55 -6.07 4.03 4.06
CA LYS A 55 -7.28 4.13 4.91
C LYS A 55 -7.85 2.74 5.26
N ALA A 56 -7.98 1.88 4.24
CA ALA A 56 -8.46 0.49 4.43
C ALA A 56 -7.43 -0.36 5.21
N LEU A 57 -6.12 -0.07 5.01
CA LEU A 57 -5.02 -0.67 5.81
C LEU A 57 -4.98 -0.08 7.24
N ASP A 58 -5.47 1.17 7.39
CA ASP A 58 -5.58 1.84 8.71
C ASP A 58 -6.80 1.34 9.49
N ASN A 59 -7.83 0.80 8.83
CA ASN A 59 -8.97 0.14 9.54
C ASN A 59 -8.46 -1.07 10.36
N LEU A 60 -7.38 -1.70 9.86
CA LEU A 60 -6.61 -2.70 10.62
C LEU A 60 -5.73 -1.97 11.67
N ALA A 61 -4.79 -1.12 11.18
CA ALA A 61 -3.71 -0.51 12.01
C ALA A 61 -4.25 0.33 13.20
N ARG A 62 -5.44 0.91 13.05
CA ARG A 62 -6.08 1.80 14.05
C ARG A 62 -6.36 1.07 15.38
N GLN A 63 -6.94 -0.14 15.26
CA GLN A 63 -7.23 -1.00 16.42
C GLN A 63 -5.98 -1.83 16.84
N MET A 64 -5.02 -2.03 15.90
CA MET A 64 -3.77 -2.78 16.14
C MET A 64 -2.83 -2.05 17.11
N ILE A 65 -2.57 -0.75 16.85
CA ILE A 65 -1.64 0.09 17.65
C ILE A 65 -2.07 0.24 19.13
N MET A 66 -3.35 -0.11 19.43
CA MET A 66 -3.89 -0.14 20.81
C MET A 66 -3.15 -1.19 21.68
N LYS A 67 -2.74 -2.32 21.06
CA LYS A 67 -1.93 -3.38 21.72
C LYS A 67 -0.49 -3.47 21.14
N ASP A 68 -0.24 -2.80 19.99
CA ASP A 68 1.11 -2.60 19.43
C ASP A 68 1.60 -1.20 19.82
N LYS A 69 1.85 -1.03 21.14
CA LYS A 69 2.26 0.25 21.75
C LYS A 69 3.81 0.43 21.74
N ASN A 70 4.50 -0.40 20.95
CA ASN A 70 5.97 -0.35 20.80
C ASN A 70 6.36 0.34 19.46
N TRP A 71 6.47 1.69 19.51
CA TRP A 71 6.86 2.53 18.36
C TRP A 71 8.16 3.32 18.66
N HIS A 72 8.23 3.93 19.84
CA HIS A 72 9.38 4.76 20.29
C HIS A 72 9.86 4.34 21.71
N ASP A 73 9.56 3.09 22.10
CA ASP A 73 9.97 2.53 23.42
C ASP A 73 11.51 2.37 23.54
N LYS A 74 12.13 1.90 22.44
CA LYS A 74 13.61 1.82 22.27
C LYS A 74 14.01 2.61 21.00
N GLY A 75 13.02 3.34 20.45
CA GLY A 75 13.10 3.97 19.12
C GLY A 75 12.41 3.13 18.04
N GLN A 76 12.33 1.79 18.30
CA GLN A 76 11.62 0.73 17.50
C GLN A 76 11.47 1.01 15.98
N GLN A 77 10.53 1.92 15.62
CA GLN A 77 10.27 2.39 14.23
C GLN A 77 11.59 2.85 13.54
N TYR A 78 12.33 3.72 14.25
CA TYR A 78 13.73 4.03 13.93
C TYR A 78 14.62 3.67 15.15
N ARG A 79 14.75 2.36 15.41
CA ARG A 79 15.67 1.84 16.44
C ARG A 79 17.15 1.99 16.00
N ASN A 80 17.39 1.74 14.69
CA ASN A 80 18.73 1.80 14.05
C ASN A 80 18.62 2.32 12.60
N TRP A 81 19.73 2.87 12.08
CA TRP A 81 19.80 3.38 10.68
C TRP A 81 19.53 2.25 9.66
N PHE A 82 20.20 1.09 9.86
CA PHE A 82 20.07 -0.09 9.00
C PHE A 82 18.64 -0.68 9.01
N LEU A 83 17.94 -0.63 10.15
CA LEU A 83 16.55 -1.14 10.26
C LEU A 83 15.55 -0.27 9.44
N LYS A 84 15.88 1.01 9.25
CA LYS A 84 15.14 1.92 8.37
C LYS A 84 15.53 1.69 6.88
N GLU A 85 16.84 1.47 6.65
CA GLU A 85 17.40 1.38 5.28
C GLU A 85 17.56 -0.07 4.72
N PHE A 86 17.14 -1.09 5.50
CA PHE A 86 17.08 -2.51 5.03
C PHE A 86 15.88 -2.73 4.06
N PRO A 87 14.60 -2.36 4.42
CA PRO A 87 13.40 -2.61 3.55
C PRO A 87 13.27 -1.64 2.33
N ARG A 88 14.37 -0.99 1.93
CA ARG A 88 14.43 -0.19 0.69
C ARG A 88 14.52 -1.12 -0.55
N LEU A 89 14.35 -0.53 -1.75
CA LEU A 89 14.30 -1.28 -3.06
C LEU A 89 13.07 -2.23 -3.13
N LYS A 90 12.04 -1.95 -2.30
CA LYS A 90 10.84 -2.80 -2.15
C LYS A 90 9.76 -2.42 -3.21
N SER A 91 10.18 -2.44 -4.48
CA SER A 91 9.38 -2.00 -5.64
C SER A 91 8.40 -3.09 -6.14
N GLU A 92 8.61 -4.36 -5.78
CA GLU A 92 7.74 -5.49 -6.24
C GLU A 92 6.26 -5.34 -5.78
N LEU A 93 6.02 -4.57 -4.70
CA LEU A 93 4.65 -4.26 -4.21
C LEU A 93 3.86 -3.43 -5.24
N GLU A 94 4.48 -2.34 -5.75
CA GLU A 94 3.84 -1.43 -6.72
C GLU A 94 3.65 -2.12 -8.11
N ASP A 95 4.49 -3.11 -8.43
CA ASP A 95 4.37 -3.92 -9.68
C ASP A 95 3.06 -4.77 -9.66
N ASN A 96 2.87 -5.56 -8.58
CA ASN A 96 1.61 -6.33 -8.37
C ASN A 96 0.40 -5.38 -8.21
N ILE A 97 0.64 -4.18 -7.68
CA ILE A 97 -0.39 -3.14 -7.52
C ILE A 97 -0.80 -2.50 -8.88
N ARG A 98 0.17 -2.38 -9.83
CA ARG A 98 -0.13 -1.92 -11.22
C ARG A 98 -1.01 -2.97 -11.94
N ARG A 99 -0.69 -4.26 -11.68
CA ARG A 99 -1.47 -5.40 -12.19
C ARG A 99 -2.93 -5.33 -11.68
N LEU A 100 -3.08 -5.21 -10.34
CA LEU A 100 -4.40 -5.04 -9.66
C LEU A 100 -5.18 -3.82 -10.18
N ARG A 101 -4.45 -2.74 -10.45
CA ARG A 101 -5.01 -1.47 -10.95
C ARG A 101 -5.60 -1.68 -12.36
N ALA A 102 -4.81 -2.32 -13.24
CA ALA A 102 -5.22 -2.62 -14.62
C ALA A 102 -6.30 -3.73 -14.69
N LEU A 103 -6.38 -4.59 -13.65
CA LEU A 103 -7.47 -5.59 -13.49
C LEU A 103 -8.77 -4.90 -12.98
N ALA A 104 -8.60 -3.84 -12.16
CA ALA A 104 -9.73 -3.00 -11.69
C ALA A 104 -10.38 -2.27 -12.88
N ASP A 105 -9.53 -1.60 -13.68
CA ASP A 105 -9.93 -1.00 -14.95
C ASP A 105 -10.37 -2.08 -15.97
N GLY A 106 -9.72 -3.26 -15.95
CA GLY A 106 -10.02 -4.37 -16.88
C GLY A 106 -11.46 -4.93 -16.82
N VAL A 107 -12.31 -4.38 -15.92
CA VAL A 107 -13.75 -4.72 -15.84
C VAL A 107 -14.57 -3.88 -16.87
N GLN A 108 -14.34 -2.54 -16.91
CA GLN A 108 -15.08 -1.61 -17.82
C GLN A 108 -14.12 -0.93 -18.84
N LYS A 109 -12.92 -0.51 -18.38
CA LYS A 109 -11.85 0.04 -19.25
C LYS A 109 -11.06 -1.08 -20.03
N VAL A 110 -11.63 -2.30 -20.12
CA VAL A 110 -11.04 -3.47 -20.85
C VAL A 110 -10.65 -3.13 -22.33
N HIS A 111 -9.39 -2.71 -22.51
CA HIS A 111 -8.81 -2.29 -23.81
C HIS A 111 -7.31 -2.62 -23.90
N LYS A 112 -6.84 -2.88 -25.13
CA LYS A 112 -5.39 -2.97 -25.51
C LYS A 112 -4.67 -4.28 -25.08
N GLY A 113 -5.05 -4.86 -23.92
CA GLY A 113 -4.38 -6.05 -23.37
C GLY A 113 -4.49 -7.28 -24.28
N THR A 114 -5.73 -7.71 -24.53
CA THR A 114 -6.04 -8.83 -25.48
C THR A 114 -7.40 -8.54 -26.17
N GLY A 1 -16.87 11.16 -18.10
CA GLY A 1 -16.04 10.30 -18.97
C GLY A 1 -16.22 8.82 -18.67
N SER A 2 -15.57 8.34 -17.59
CA SER A 2 -15.68 6.93 -17.11
C SER A 2 -15.40 6.83 -15.60
N ASP A 3 -15.64 5.64 -15.04
CA ASP A 3 -15.30 5.32 -13.64
C ASP A 3 -13.81 4.91 -13.51
N PRO A 4 -13.06 5.43 -12.48
CA PRO A 4 -11.68 4.96 -12.19
C PRO A 4 -11.66 3.56 -11.53
N GLU A 5 -12.82 3.16 -10.93
CA GLU A 5 -13.01 1.86 -10.23
C GLU A 5 -11.89 1.56 -9.19
N SER A 6 -11.47 2.65 -8.52
CA SER A 6 -10.44 2.62 -7.46
C SER A 6 -10.87 1.70 -6.30
N SER A 7 -12.18 1.69 -5.97
CA SER A 7 -12.73 0.86 -4.86
C SER A 7 -12.47 -0.66 -5.05
N ILE A 8 -12.59 -1.14 -6.31
CA ILE A 8 -12.26 -2.55 -6.68
C ILE A 8 -10.75 -2.83 -6.43
N PHE A 9 -9.91 -1.93 -6.96
CA PHE A 9 -8.45 -1.97 -6.78
C PHE A 9 -8.04 -1.98 -5.28
N ILE A 10 -8.71 -1.15 -4.46
CA ILE A 10 -8.43 -1.02 -3.01
C ILE A 10 -8.80 -2.31 -2.27
N GLU A 11 -10.07 -2.77 -2.43
CA GLU A 11 -10.57 -3.95 -1.69
C GLU A 11 -9.75 -5.21 -2.07
N ASP A 12 -9.36 -5.35 -3.36
CA ASP A 12 -8.54 -6.47 -3.85
C ASP A 12 -7.07 -6.34 -3.39
N ALA A 13 -6.54 -5.10 -3.35
CA ALA A 13 -5.17 -4.80 -2.85
C ALA A 13 -5.06 -5.12 -1.35
N ILE A 14 -6.16 -4.92 -0.60
CA ILE A 14 -6.26 -5.30 0.82
C ILE A 14 -6.11 -6.82 1.00
N LYS A 15 -6.71 -7.63 0.06
CA LYS A 15 -6.47 -9.11 0.02
C LYS A 15 -4.96 -9.40 -0.17
N TYR A 16 -4.30 -8.63 -1.04
CA TYR A 16 -2.85 -8.76 -1.27
C TYR A 16 -2.03 -8.44 0.01
N PHE A 17 -2.42 -7.38 0.74
CA PHE A 17 -1.72 -6.98 1.98
C PHE A 17 -1.99 -7.94 3.17
N LYS A 18 -3.20 -8.55 3.25
CA LYS A 18 -3.58 -9.40 4.41
C LYS A 18 -3.24 -10.91 4.17
N GLU A 19 -3.33 -11.36 2.91
CA GLU A 19 -3.12 -12.79 2.53
C GLU A 19 -1.69 -13.04 2.04
N LYS A 20 -1.26 -12.23 1.04
CA LYS A 20 0.02 -12.44 0.33
C LYS A 20 1.21 -11.79 1.09
N VAL A 21 0.95 -10.61 1.69
CA VAL A 21 1.91 -9.88 2.54
C VAL A 21 1.60 -10.19 4.03
N SER A 22 2.65 -10.24 4.87
CA SER A 22 2.49 -10.41 6.33
C SER A 22 2.18 -9.06 7.02
N THR A 23 1.59 -9.11 8.24
CA THR A 23 1.11 -7.91 8.96
C THR A 23 2.26 -6.89 9.22
N GLN A 24 3.35 -7.33 9.87
CA GLN A 24 4.53 -6.46 10.14
C GLN A 24 5.23 -5.98 8.83
N ASN A 25 5.07 -6.75 7.74
CA ASN A 25 5.65 -6.43 6.41
C ASN A 25 4.89 -5.27 5.72
N LEU A 26 3.55 -5.24 5.84
CA LEU A 26 2.73 -4.10 5.32
C LEU A 26 2.81 -2.89 6.29
N LEU A 27 3.01 -3.19 7.59
CA LEU A 27 3.25 -2.16 8.62
C LEU A 27 4.58 -1.44 8.38
N LEU A 28 5.56 -2.12 7.73
CA LEU A 28 6.83 -1.49 7.29
C LEU A 28 6.55 -0.26 6.38
N LEU A 29 5.48 -0.35 5.57
CA LEU A 29 5.00 0.76 4.71
C LEU A 29 4.11 1.76 5.51
N LEU A 30 3.25 1.23 6.43
CA LEU A 30 2.31 2.08 7.23
C LEU A 30 2.99 2.88 8.40
N THR A 31 4.14 2.41 8.90
CA THR A 31 4.82 3.04 10.08
C THR A 31 5.72 4.23 9.65
N ASP A 32 6.09 4.26 8.36
CA ASP A 32 6.95 5.33 7.81
C ASP A 32 6.28 5.95 6.56
N ASN A 33 6.33 7.30 6.48
CA ASN A 33 5.72 8.07 5.37
C ASN A 33 6.46 7.82 4.03
N GLU A 34 7.81 7.80 4.04
CA GLU A 34 8.63 7.62 2.80
C GLU A 34 8.60 6.17 2.27
N ALA A 35 8.35 5.20 3.17
CA ALA A 35 8.15 3.79 2.78
C ALA A 35 6.85 3.63 1.94
N TRP A 36 5.77 4.27 2.42
CA TRP A 36 4.48 4.34 1.71
C TRP A 36 4.59 5.17 0.40
N ASN A 37 5.29 6.31 0.48
CA ASN A 37 5.57 7.19 -0.69
C ASN A 37 6.43 6.49 -1.75
N GLY A 38 7.30 5.58 -1.30
CA GLY A 38 8.10 4.73 -2.19
C GLY A 38 7.25 3.75 -3.00
N PHE A 39 6.18 3.25 -2.37
CA PHE A 39 5.15 2.41 -3.00
C PHE A 39 4.30 3.24 -4.04
N VAL A 40 3.63 4.30 -3.56
CA VAL A 40 2.65 5.08 -4.36
C VAL A 40 3.31 5.85 -5.54
N ALA A 41 4.39 6.61 -5.24
CA ALA A 41 5.07 7.46 -6.24
C ALA A 41 5.66 6.61 -7.40
N ALA A 42 6.21 5.44 -7.05
CA ALA A 42 6.67 4.43 -8.05
C ALA A 42 5.47 3.90 -8.86
N ALA A 43 4.39 3.52 -8.15
CA ALA A 43 3.16 2.96 -8.76
C ALA A 43 2.33 4.02 -9.55
N GLU A 44 2.73 5.31 -9.44
CA GLU A 44 2.12 6.46 -10.18
C GLU A 44 0.60 6.66 -9.86
N LEU A 45 0.15 6.11 -8.71
CA LEU A 45 -1.27 6.06 -8.36
C LEU A 45 -1.84 7.48 -8.04
N PRO A 46 -2.97 7.89 -8.71
CA PRO A 46 -3.65 9.19 -8.44
C PRO A 46 -4.15 9.26 -6.98
N ARG A 47 -4.23 10.48 -6.40
CA ARG A 47 -4.50 10.68 -4.95
C ARG A 47 -5.80 9.98 -4.48
N ASN A 48 -6.73 9.72 -5.41
CA ASN A 48 -8.01 9.02 -5.12
C ASN A 48 -7.75 7.64 -4.47
N GLU A 49 -7.06 6.77 -5.22
CA GLU A 49 -6.69 5.41 -4.76
C GLU A 49 -5.46 5.45 -3.84
N ALA A 50 -4.52 6.38 -4.11
CA ALA A 50 -3.32 6.61 -3.26
C ALA A 50 -3.70 6.86 -1.77
N ASP A 51 -4.77 7.65 -1.56
CA ASP A 51 -5.37 7.88 -0.24
C ASP A 51 -6.22 6.65 0.22
N GLU A 52 -7.19 6.20 -0.62
CA GLU A 52 -8.12 5.09 -0.26
C GLU A 52 -7.41 3.78 0.20
N LEU A 53 -6.23 3.49 -0.39
CA LEU A 53 -5.38 2.34 0.00
C LEU A 53 -4.97 2.43 1.48
N ARG A 54 -4.31 3.55 1.86
CA ARG A 54 -3.87 3.79 3.26
C ARG A 54 -5.03 4.08 4.23
N LYS A 55 -6.19 4.55 3.73
CA LYS A 55 -7.41 4.71 4.56
C LYS A 55 -7.97 3.32 5.00
N ALA A 56 -7.97 2.37 4.05
CA ALA A 56 -8.43 0.98 4.29
C ALA A 56 -7.42 0.22 5.20
N LEU A 57 -6.12 0.38 4.91
CA LEU A 57 -5.03 -0.21 5.73
C LEU A 57 -4.90 0.48 7.12
N ASP A 58 -5.40 1.74 7.21
CA ASP A 58 -5.48 2.49 8.49
C ASP A 58 -6.42 1.79 9.49
N ASN A 59 -7.49 1.14 8.97
CA ASN A 59 -8.45 0.35 9.80
C ASN A 59 -7.76 -0.82 10.54
N LEU A 60 -6.67 -1.36 9.95
CA LEU A 60 -5.79 -2.32 10.65
C LEU A 60 -4.97 -1.56 11.73
N ALA A 61 -4.14 -0.59 11.29
CA ALA A 61 -3.20 0.15 12.17
C ALA A 61 -3.92 0.87 13.35
N ARG A 62 -5.20 1.20 13.17
CA ARG A 62 -6.04 1.91 14.16
C ARG A 62 -6.35 1.03 15.40
N GLN A 63 -6.62 -0.27 15.17
CA GLN A 63 -6.81 -1.26 16.26
C GLN A 63 -5.44 -1.79 16.76
N MET A 64 -4.40 -1.71 15.89
CA MET A 64 -3.02 -2.18 16.21
C MET A 64 -2.36 -1.27 17.27
N ILE A 65 -2.34 0.06 17.02
CA ILE A 65 -1.71 1.08 17.92
C ILE A 65 -2.16 0.96 19.41
N MET A 66 -3.36 0.39 19.63
CA MET A 66 -3.95 0.19 20.98
C MET A 66 -3.10 -0.79 21.84
N LYS A 67 -2.61 -1.88 21.22
CA LYS A 67 -1.83 -2.96 21.93
C LYS A 67 -0.36 -3.00 21.44
N ASP A 68 -0.19 -2.87 20.12
CA ASP A 68 1.13 -2.68 19.47
C ASP A 68 1.57 -1.21 19.66
N LYS A 69 2.05 -0.91 20.87
CA LYS A 69 2.44 0.46 21.31
C LYS A 69 3.96 0.67 21.11
N ASN A 70 4.46 0.26 19.93
CA ASN A 70 5.89 0.32 19.57
C ASN A 70 6.11 1.19 18.31
N TRP A 71 5.87 2.51 18.48
CA TRP A 71 5.90 3.50 17.37
C TRP A 71 6.96 4.61 17.61
N HIS A 72 7.12 5.03 18.89
CA HIS A 72 8.17 6.03 19.30
C HIS A 72 9.60 5.43 19.16
N ASP A 73 9.70 4.09 19.24
CA ASP A 73 10.97 3.35 19.07
C ASP A 73 11.17 2.83 17.61
N LYS A 74 10.27 3.21 16.68
CA LYS A 74 10.38 2.83 15.23
C LYS A 74 11.47 3.62 14.48
N GLY A 75 12.33 4.35 15.19
CA GLY A 75 13.51 4.97 14.57
C GLY A 75 13.31 6.41 14.15
N GLN A 76 12.85 7.23 15.09
CA GLN A 76 12.61 8.67 14.87
C GLN A 76 13.92 9.45 14.53
N GLN A 77 13.79 10.78 14.37
CA GLN A 77 14.91 11.69 13.99
C GLN A 77 16.13 11.63 14.95
N TYR A 78 15.92 11.10 16.17
CA TYR A 78 16.97 10.96 17.21
C TYR A 78 17.65 9.56 17.18
N ARG A 79 17.53 8.84 16.04
CA ARG A 79 18.13 7.50 15.86
C ARG A 79 18.67 7.31 14.41
N ASN A 80 19.71 6.46 14.26
CA ASN A 80 20.36 6.15 12.95
C ASN A 80 19.55 5.15 12.07
N TRP A 81 18.26 4.98 12.40
CA TRP A 81 17.32 4.11 11.66
C TRP A 81 17.07 4.63 10.22
N PHE A 82 16.97 5.97 10.09
CA PHE A 82 16.83 6.63 8.76
C PHE A 82 18.03 6.31 7.84
N LEU A 83 19.21 6.08 8.44
CA LEU A 83 20.46 5.79 7.69
C LEU A 83 20.53 4.28 7.26
N LYS A 84 20.23 3.36 8.18
CA LYS A 84 20.26 1.89 7.90
C LYS A 84 19.10 1.46 6.95
N GLU A 85 17.89 2.00 7.22
CA GLU A 85 16.67 1.72 6.43
C GLU A 85 16.33 2.91 5.50
N PHE A 86 17.40 3.58 5.04
CA PHE A 86 17.35 4.56 3.94
C PHE A 86 16.90 3.89 2.59
N PRO A 87 17.47 2.69 2.15
CA PRO A 87 17.00 1.95 0.94
C PRO A 87 15.64 1.16 1.10
N ARG A 88 14.59 1.81 1.64
CA ARG A 88 13.23 1.19 1.76
C ARG A 88 12.34 1.38 0.49
N LEU A 89 12.90 1.97 -0.59
CA LEU A 89 12.22 2.07 -1.91
C LEU A 89 12.13 0.67 -2.58
N LYS A 90 10.92 0.08 -2.59
CA LYS A 90 10.65 -1.22 -3.23
C LYS A 90 9.72 -1.06 -4.46
N SER A 91 10.33 -1.12 -5.65
CA SER A 91 9.61 -1.18 -6.95
C SER A 91 8.87 -2.54 -7.11
N GLU A 92 9.25 -3.54 -6.27
CA GLU A 92 8.54 -4.85 -6.15
C GLU A 92 7.01 -4.64 -6.01
N LEU A 93 6.63 -3.78 -5.03
CA LEU A 93 5.22 -3.43 -4.76
C LEU A 93 4.54 -2.82 -6.02
N GLU A 94 5.25 -1.86 -6.66
CA GLU A 94 4.80 -1.20 -7.92
C GLU A 94 4.49 -2.22 -9.04
N ASP A 95 5.41 -3.20 -9.18
CA ASP A 95 5.39 -4.23 -10.24
C ASP A 95 4.06 -5.04 -10.25
N ASN A 96 3.63 -5.51 -9.08
CA ASN A 96 2.41 -6.35 -8.94
C ASN A 96 1.12 -5.51 -8.73
N ILE A 97 1.23 -4.33 -8.07
CA ILE A 97 0.05 -3.52 -7.66
C ILE A 97 -0.63 -2.85 -8.88
N ARG A 98 0.18 -2.46 -9.89
CA ARG A 98 -0.31 -1.85 -11.14
C ARG A 98 -1.04 -2.91 -12.02
N ARG A 99 -0.74 -4.21 -11.80
CA ARG A 99 -1.50 -5.31 -12.41
C ARG A 99 -2.95 -5.31 -11.88
N LEU A 100 -3.10 -5.26 -10.52
CA LEU A 100 -4.41 -5.10 -9.84
C LEU A 100 -5.20 -3.87 -10.35
N ARG A 101 -4.47 -2.77 -10.60
CA ARG A 101 -5.03 -1.51 -11.12
C ARG A 101 -5.62 -1.76 -12.53
N ALA A 102 -4.81 -2.33 -13.44
CA ALA A 102 -5.23 -2.64 -14.84
C ALA A 102 -6.42 -3.64 -14.89
N LEU A 103 -6.47 -4.58 -13.92
CA LEU A 103 -7.60 -5.54 -13.76
C LEU A 103 -8.89 -4.82 -13.32
N ALA A 104 -8.74 -3.92 -12.32
CA ALA A 104 -9.85 -3.09 -11.78
C ALA A 104 -10.36 -2.06 -12.81
N ASP A 105 -9.46 -1.63 -13.71
CA ASP A 105 -9.77 -0.70 -14.81
C ASP A 105 -10.60 -1.43 -15.89
N GLY A 106 -10.07 -2.59 -16.34
CA GLY A 106 -10.66 -3.37 -17.43
C GLY A 106 -12.06 -3.98 -17.13
N VAL A 107 -12.59 -3.77 -15.90
CA VAL A 107 -13.96 -4.20 -15.52
C VAL A 107 -15.02 -3.39 -16.30
N GLN A 108 -14.87 -2.06 -16.32
CA GLN A 108 -15.78 -1.13 -17.05
C GLN A 108 -15.14 -0.73 -18.40
N LYS A 109 -13.81 -0.55 -18.36
CA LYS A 109 -12.98 -0.16 -19.51
C LYS A 109 -12.61 -1.41 -20.37
N VAL A 110 -13.63 -2.21 -20.72
CA VAL A 110 -13.46 -3.47 -21.50
C VAL A 110 -12.97 -3.19 -22.94
N HIS A 111 -13.41 -2.06 -23.50
CA HIS A 111 -12.99 -1.59 -24.84
C HIS A 111 -12.63 -0.08 -24.75
N LYS A 112 -11.34 0.20 -24.58
CA LYS A 112 -10.79 1.57 -24.48
C LYS A 112 -10.47 2.15 -25.88
N GLY A 113 -10.62 3.49 -26.01
CA GLY A 113 -10.30 4.21 -27.27
C GLY A 113 -8.80 4.40 -27.47
N THR A 114 -8.10 3.29 -27.78
CA THR A 114 -6.62 3.24 -27.85
C THR A 114 -6.08 3.69 -29.24
N GLY A 1 -21.65 5.03 -17.34
CA GLY A 1 -20.94 4.82 -16.06
C GLY A 1 -19.43 4.82 -16.21
N SER A 2 -18.79 6.00 -16.04
CA SER A 2 -17.32 6.19 -16.17
C SER A 2 -16.61 6.09 -14.80
N ASP A 3 -17.15 5.27 -13.89
CA ASP A 3 -16.61 5.05 -12.53
C ASP A 3 -15.11 4.59 -12.53
N PRO A 4 -14.27 5.09 -11.56
CA PRO A 4 -12.82 4.77 -11.52
C PRO A 4 -12.52 3.29 -11.16
N GLU A 5 -13.48 2.62 -10.49
CA GLU A 5 -13.32 1.24 -9.94
C GLU A 5 -12.11 1.14 -8.98
N SER A 6 -11.72 2.29 -8.39
CA SER A 6 -10.60 2.40 -7.43
C SER A 6 -10.94 1.62 -6.15
N SER A 7 -12.24 1.64 -5.75
CA SER A 7 -12.76 0.86 -4.59
C SER A 7 -12.35 -0.64 -4.68
N ILE A 8 -12.47 -1.22 -5.90
CA ILE A 8 -12.05 -2.60 -6.20
C ILE A 8 -10.52 -2.78 -6.06
N PHE A 9 -9.76 -1.88 -6.71
CA PHE A 9 -8.27 -1.83 -6.60
C PHE A 9 -7.80 -1.79 -5.13
N ILE A 10 -8.46 -0.95 -4.31
CA ILE A 10 -8.11 -0.77 -2.87
C ILE A 10 -8.39 -2.04 -2.08
N GLU A 11 -9.64 -2.55 -2.12
CA GLU A 11 -10.02 -3.73 -1.31
C GLU A 11 -9.21 -4.98 -1.72
N ASP A 12 -8.94 -5.14 -3.04
CA ASP A 12 -8.17 -6.27 -3.58
C ASP A 12 -6.65 -6.07 -3.35
N ALA A 13 -6.21 -4.81 -3.19
CA ALA A 13 -4.85 -4.48 -2.73
C ALA A 13 -4.70 -4.87 -1.24
N ILE A 14 -5.76 -4.66 -0.45
CA ILE A 14 -5.84 -5.12 0.95
C ILE A 14 -5.73 -6.67 1.02
N LYS A 15 -6.36 -7.38 0.04
CA LYS A 15 -6.17 -8.85 -0.15
C LYS A 15 -4.68 -9.19 -0.39
N TYR A 16 -4.02 -8.41 -1.25
CA TYR A 16 -2.57 -8.55 -1.53
C TYR A 16 -1.72 -8.29 -0.26
N PHE A 17 -2.09 -7.27 0.51
CA PHE A 17 -1.34 -6.85 1.73
C PHE A 17 -1.64 -7.77 2.95
N LYS A 18 -2.76 -8.52 2.95
CA LYS A 18 -3.10 -9.46 4.06
C LYS A 18 -2.68 -10.92 3.73
N GLU A 19 -2.72 -11.30 2.43
CA GLU A 19 -2.43 -12.69 1.97
C GLU A 19 -0.97 -12.84 1.51
N LYS A 20 -0.51 -11.93 0.61
CA LYS A 20 0.86 -12.00 0.05
C LYS A 20 1.91 -11.32 0.97
N VAL A 21 1.50 -10.20 1.58
CA VAL A 21 2.35 -9.39 2.51
C VAL A 21 1.92 -9.67 3.98
N SER A 22 2.88 -9.59 4.93
CA SER A 22 2.59 -9.68 6.39
C SER A 22 2.21 -8.29 6.95
N THR A 23 1.49 -8.28 8.09
CA THR A 23 1.01 -7.04 8.75
C THR A 23 2.19 -6.12 9.17
N GLN A 24 3.19 -6.68 9.86
CA GLN A 24 4.42 -5.95 10.27
C GLN A 24 5.21 -5.37 9.05
N ASN A 25 5.16 -6.11 7.92
CA ASN A 25 5.81 -5.70 6.65
C ASN A 25 5.10 -4.48 6.01
N LEU A 26 3.75 -4.49 6.00
CA LEU A 26 2.97 -3.34 5.48
C LEU A 26 2.99 -2.15 6.45
N LEU A 27 3.16 -2.41 7.76
CA LEU A 27 3.30 -1.34 8.78
C LEU A 27 4.60 -0.53 8.55
N LEU A 28 5.66 -1.19 8.05
CA LEU A 28 6.93 -0.54 7.68
C LEU A 28 6.68 0.63 6.68
N LEU A 29 5.95 0.30 5.59
CA LEU A 29 5.64 1.29 4.51
C LEU A 29 4.52 2.28 4.92
N LEU A 30 3.59 1.88 5.81
CA LEU A 30 2.54 2.81 6.34
C LEU A 30 3.13 3.91 7.27
N THR A 31 3.97 3.49 8.24
CA THR A 31 4.46 4.39 9.32
C THR A 31 5.50 5.43 8.81
N ASP A 32 6.32 5.06 7.82
CA ASP A 32 7.34 5.97 7.24
C ASP A 32 6.77 6.69 5.99
N ASN A 33 7.04 8.01 5.91
CA ASN A 33 6.54 8.88 4.81
C ASN A 33 7.14 8.49 3.43
N GLU A 34 8.48 8.33 3.35
CA GLU A 34 9.18 7.99 2.09
C GLU A 34 9.01 6.51 1.68
N ALA A 35 8.66 5.64 2.66
CA ALA A 35 8.39 4.21 2.38
C ALA A 35 7.02 4.03 1.68
N TRP A 36 5.98 4.79 2.13
CA TRP A 36 4.66 4.84 1.45
C TRP A 36 4.77 5.54 0.09
N ASN A 37 5.39 6.73 0.07
CA ASN A 37 5.62 7.52 -1.18
C ASN A 37 6.57 6.79 -2.15
N GLY A 38 7.45 5.92 -1.61
CA GLY A 38 8.26 5.01 -2.43
C GLY A 38 7.41 4.01 -3.21
N PHE A 39 6.35 3.51 -2.54
CA PHE A 39 5.34 2.63 -3.15
C PHE A 39 4.46 3.40 -4.18
N VAL A 40 3.85 4.51 -3.74
CA VAL A 40 2.88 5.25 -4.56
C VAL A 40 3.53 5.87 -5.84
N ALA A 41 4.74 6.41 -5.69
CA ALA A 41 5.46 7.07 -6.81
C ALA A 41 5.93 6.04 -7.88
N ALA A 42 6.48 4.90 -7.42
CA ALA A 42 7.00 3.83 -8.32
C ALA A 42 5.88 3.06 -9.04
N ALA A 43 4.79 2.73 -8.30
CA ALA A 43 3.54 2.17 -8.90
C ALA A 43 2.74 3.23 -9.72
N GLU A 44 3.09 4.52 -9.56
CA GLU A 44 2.47 5.66 -10.28
C GLU A 44 0.96 5.79 -9.97
N LEU A 45 0.63 6.05 -8.70
CA LEU A 45 -0.77 6.12 -8.22
C LEU A 45 -1.18 7.58 -7.91
N PRO A 46 -2.37 8.05 -8.43
CA PRO A 46 -2.96 9.36 -8.04
C PRO A 46 -3.38 9.36 -6.55
N ARG A 47 -3.42 10.56 -5.92
CA ARG A 47 -3.72 10.69 -4.48
C ARG A 47 -5.11 10.10 -4.10
N ASN A 48 -6.01 9.97 -5.09
CA ASN A 48 -7.35 9.37 -4.90
C ASN A 48 -7.22 7.95 -4.28
N GLU A 49 -6.59 7.03 -5.04
CA GLU A 49 -6.37 5.65 -4.60
C GLU A 49 -5.22 5.58 -3.58
N ALA A 50 -4.18 6.42 -3.75
CA ALA A 50 -3.03 6.50 -2.80
C ALA A 50 -3.47 6.76 -1.35
N ASP A 51 -4.49 7.63 -1.19
CA ASP A 51 -5.16 7.85 0.10
C ASP A 51 -6.07 6.67 0.45
N GLU A 52 -7.04 6.31 -0.42
CA GLU A 52 -8.04 5.23 -0.14
C GLU A 52 -7.39 3.87 0.30
N LEU A 53 -6.18 3.59 -0.22
CA LEU A 53 -5.37 2.39 0.14
C LEU A 53 -5.00 2.40 1.64
N ARG A 54 -4.25 3.44 2.05
CA ARG A 54 -3.80 3.62 3.45
C ARG A 54 -4.94 3.99 4.41
N LYS A 55 -6.04 4.56 3.87
CA LYS A 55 -7.26 4.88 4.66
C LYS A 55 -8.05 3.61 5.01
N ALA A 56 -7.83 2.51 4.26
CA ALA A 56 -8.31 1.16 4.62
C ALA A 56 -7.29 0.44 5.56
N LEU A 57 -6.00 0.46 5.17
CA LEU A 57 -4.89 -0.15 5.95
C LEU A 57 -4.69 0.51 7.35
N ASP A 58 -5.12 1.78 7.48
CA ASP A 58 -5.07 2.55 8.75
C ASP A 58 -5.99 1.92 9.83
N ASN A 59 -7.17 1.44 9.39
CA ASN A 59 -8.16 0.78 10.27
C ASN A 59 -7.57 -0.45 10.98
N LEU A 60 -6.69 -1.20 10.27
CA LEU A 60 -5.98 -2.36 10.84
C LEU A 60 -5.05 -1.92 12.00
N ALA A 61 -4.20 -0.90 11.72
CA ALA A 61 -3.27 -0.31 12.73
C ALA A 61 -4.04 0.33 13.92
N ARG A 62 -5.20 0.94 13.61
CA ARG A 62 -6.09 1.62 14.58
C ARG A 62 -6.67 0.62 15.61
N GLN A 63 -6.95 -0.61 15.15
CA GLN A 63 -7.47 -1.70 16.01
C GLN A 63 -6.33 -2.36 16.82
N MET A 64 -5.14 -2.49 16.21
CA MET A 64 -3.98 -3.15 16.85
C MET A 64 -3.39 -2.30 18.01
N ILE A 65 -3.30 -0.98 17.82
CA ILE A 65 -2.82 -0.04 18.89
C ILE A 65 -3.76 -0.02 20.14
N MET A 66 -5.00 -0.53 19.97
CA MET A 66 -5.96 -0.68 21.10
C MET A 66 -5.49 -1.72 22.15
N LYS A 67 -4.88 -2.84 21.69
CA LYS A 67 -4.46 -3.95 22.58
C LYS A 67 -2.92 -4.14 22.61
N ASP A 68 -2.26 -4.04 21.44
CA ASP A 68 -0.79 -4.08 21.34
C ASP A 68 -0.17 -2.78 21.92
N LYS A 69 0.91 -2.94 22.70
CA LYS A 69 1.53 -1.85 23.48
C LYS A 69 3.04 -1.71 23.17
N ASN A 70 3.64 -2.78 22.59
CA ASN A 70 5.11 -2.92 22.37
C ASN A 70 5.68 -2.07 21.19
N TRP A 71 4.84 -1.21 20.58
CA TRP A 71 5.18 -0.44 19.34
C TRP A 71 6.50 0.37 19.46
N HIS A 72 6.59 1.19 20.52
CA HIS A 72 7.73 2.08 20.80
C HIS A 72 8.88 1.34 21.56
N ASP A 73 8.48 0.44 22.47
CA ASP A 73 9.41 -0.26 23.40
C ASP A 73 9.82 -1.66 22.87
N LYS A 74 9.91 -1.82 21.53
CA LYS A 74 10.35 -3.06 20.83
C LYS A 74 11.68 -3.68 21.41
N GLY A 75 12.53 -2.82 22.00
CA GLY A 75 13.82 -3.25 22.55
C GLY A 75 14.97 -3.09 21.56
N GLN A 76 14.67 -2.61 20.34
CA GLN A 76 15.67 -2.30 19.31
C GLN A 76 16.44 -0.99 19.68
N GLN A 77 17.40 -1.15 20.61
CA GLN A 77 18.27 -0.05 21.11
C GLN A 77 19.13 0.51 19.96
N TYR A 78 19.58 -0.40 19.08
CA TYR A 78 20.28 -0.05 17.82
C TYR A 78 19.26 0.18 16.69
N ARG A 79 19.47 1.26 15.90
CA ARG A 79 18.57 1.65 14.79
C ARG A 79 18.62 0.63 13.63
N ASN A 80 17.50 -0.09 13.43
CA ASN A 80 17.35 -1.07 12.34
C ASN A 80 17.15 -0.35 10.98
N TRP A 81 18.27 0.20 10.46
CA TRP A 81 18.32 0.99 9.23
C TRP A 81 18.21 0.08 7.98
N PHE A 82 18.55 -1.23 8.13
CA PHE A 82 18.37 -2.26 7.08
C PHE A 82 16.89 -2.30 6.60
N LEU A 83 15.96 -2.25 7.55
CA LEU A 83 14.50 -2.30 7.27
C LEU A 83 14.01 -1.05 6.50
N LYS A 84 14.58 0.12 6.84
CA LYS A 84 14.31 1.40 6.13
C LYS A 84 14.90 1.37 4.69
N GLU A 85 16.10 0.79 4.54
CA GLU A 85 16.80 0.68 3.25
C GLU A 85 16.38 -0.57 2.43
N PHE A 86 15.53 -1.43 3.03
CA PHE A 86 15.07 -2.70 2.41
C PHE A 86 14.30 -2.47 1.06
N PRO A 87 13.25 -1.55 0.98
CA PRO A 87 12.64 -1.18 -0.32
C PRO A 87 13.64 -0.40 -1.23
N ARG A 88 14.14 -1.05 -2.31
CA ARG A 88 15.17 -0.44 -3.19
C ARG A 88 14.97 -0.86 -4.67
N LEU A 89 14.92 -2.18 -4.93
CA LEU A 89 14.62 -2.72 -6.27
C LEU A 89 13.18 -2.32 -6.68
N LYS A 90 12.19 -2.75 -5.86
CA LYS A 90 10.80 -2.23 -5.86
C LYS A 90 9.91 -2.69 -7.05
N SER A 91 10.50 -2.83 -8.25
CA SER A 91 9.76 -3.06 -9.52
C SER A 91 8.88 -4.34 -9.50
N GLU A 92 9.21 -5.27 -8.58
CA GLU A 92 8.46 -6.53 -8.40
C GLU A 92 7.07 -6.25 -7.77
N LEU A 93 7.10 -5.59 -6.57
CA LEU A 93 5.87 -5.18 -5.82
C LEU A 93 4.94 -4.35 -6.75
N GLU A 94 5.55 -3.35 -7.40
CA GLU A 94 4.83 -2.42 -8.30
C GLU A 94 4.19 -3.16 -9.49
N ASP A 95 4.92 -4.13 -10.06
CA ASP A 95 4.43 -4.92 -11.23
C ASP A 95 3.08 -5.64 -10.93
N ASN A 96 2.93 -6.12 -9.68
CA ASN A 96 1.71 -6.83 -9.22
C ASN A 96 0.58 -5.86 -8.78
N ILE A 97 0.94 -4.72 -8.13
CA ILE A 97 -0.07 -3.74 -7.64
C ILE A 97 -0.70 -2.95 -8.84
N ARG A 98 0.13 -2.65 -9.86
CA ARG A 98 -0.33 -2.00 -11.13
C ARG A 98 -1.29 -2.91 -11.91
N ARG A 99 -1.04 -4.24 -11.82
CA ARG A 99 -1.91 -5.28 -12.41
C ARG A 99 -3.33 -5.23 -11.79
N LEU A 100 -3.41 -5.04 -10.45
CA LEU A 100 -4.68 -4.88 -9.71
C LEU A 100 -5.52 -3.70 -10.27
N ARG A 101 -4.86 -2.55 -10.48
CA ARG A 101 -5.51 -1.39 -11.13
C ARG A 101 -5.96 -1.76 -12.56
N ALA A 102 -5.07 -2.37 -13.35
CA ALA A 102 -5.37 -2.78 -14.75
C ALA A 102 -6.57 -3.76 -14.82
N LEU A 103 -6.78 -4.53 -13.73
CA LEU A 103 -7.95 -5.43 -13.57
C LEU A 103 -9.23 -4.63 -13.20
N ALA A 104 -9.07 -3.54 -12.40
CA ALA A 104 -10.17 -2.55 -12.15
C ALA A 104 -10.59 -1.82 -13.46
N ASP A 105 -9.59 -1.52 -14.31
CA ASP A 105 -9.81 -1.06 -15.70
C ASP A 105 -10.47 -2.19 -16.55
N GLY A 106 -10.08 -3.45 -16.29
CA GLY A 106 -10.73 -4.62 -16.90
C GLY A 106 -12.24 -4.71 -16.66
N VAL A 107 -12.71 -4.06 -15.57
CA VAL A 107 -14.15 -3.95 -15.26
C VAL A 107 -14.85 -2.84 -16.11
N GLN A 108 -14.13 -1.71 -16.37
CA GLN A 108 -14.72 -0.56 -17.14
C GLN A 108 -13.78 -0.02 -18.26
N LYS A 109 -12.60 0.52 -17.89
CA LYS A 109 -11.67 1.17 -18.86
C LYS A 109 -10.80 0.12 -19.60
N VAL A 110 -11.44 -0.72 -20.43
CA VAL A 110 -10.74 -1.79 -21.18
C VAL A 110 -9.95 -1.18 -22.36
N HIS A 111 -8.70 -0.78 -22.08
CA HIS A 111 -7.83 -0.04 -23.05
C HIS A 111 -6.82 -0.98 -23.77
N LYS A 112 -7.11 -2.30 -23.76
CA LYS A 112 -6.32 -3.32 -24.49
C LYS A 112 -6.65 -3.32 -26.00
N GLY A 113 -7.91 -3.63 -26.34
CA GLY A 113 -8.38 -3.65 -27.74
C GLY A 113 -8.76 -5.07 -28.20
N THR A 114 -10.09 -5.35 -28.27
CA THR A 114 -10.64 -6.62 -28.82
C THR A 114 -11.87 -6.30 -29.73
N GLY A 1 -20.23 6.19 -19.47
CA GLY A 1 -20.29 5.13 -18.44
C GLY A 1 -18.95 4.40 -18.23
N SER A 2 -17.91 5.16 -17.80
CA SER A 2 -16.55 4.63 -17.54
C SER A 2 -15.97 5.28 -16.27
N ASP A 3 -16.09 4.57 -15.13
CA ASP A 3 -15.64 5.05 -13.80
C ASP A 3 -14.26 4.45 -13.43
N PRO A 4 -13.44 5.11 -12.54
CA PRO A 4 -12.05 4.66 -12.20
C PRO A 4 -11.97 3.24 -11.59
N GLU A 5 -13.06 2.82 -10.89
CA GLU A 5 -13.15 1.51 -10.18
C GLU A 5 -12.05 1.37 -9.10
N SER A 6 -11.64 2.51 -8.50
CA SER A 6 -10.56 2.57 -7.50
C SER A 6 -10.87 1.68 -6.27
N SER A 7 -12.14 1.67 -5.81
CA SER A 7 -12.62 0.83 -4.68
C SER A 7 -12.29 -0.69 -4.87
N ILE A 8 -12.39 -1.17 -6.13
CA ILE A 8 -11.99 -2.56 -6.51
C ILE A 8 -10.48 -2.75 -6.31
N PHE A 9 -9.66 -1.83 -6.84
CA PHE A 9 -8.20 -1.84 -6.62
C PHE A 9 -7.85 -1.79 -5.10
N ILE A 10 -8.66 -1.06 -4.30
CA ILE A 10 -8.46 -0.95 -2.83
C ILE A 10 -8.69 -2.29 -2.12
N GLU A 11 -9.86 -2.92 -2.33
CA GLU A 11 -10.19 -4.22 -1.66
C GLU A 11 -9.22 -5.33 -2.14
N ASP A 12 -8.90 -5.30 -3.43
CA ASP A 12 -7.92 -6.22 -4.07
C ASP A 12 -6.47 -6.01 -3.54
N ALA A 13 -6.11 -4.74 -3.27
CA ALA A 13 -4.78 -4.40 -2.70
C ALA A 13 -4.67 -4.87 -1.24
N ILE A 14 -5.68 -4.51 -0.42
CA ILE A 14 -5.79 -4.94 1.00
C ILE A 14 -5.74 -6.50 1.11
N LYS A 15 -6.40 -7.19 0.15
CA LYS A 15 -6.31 -8.68 -0.01
C LYS A 15 -4.83 -9.12 -0.19
N TYR A 16 -4.14 -8.54 -1.18
CA TYR A 16 -2.71 -8.81 -1.45
C TYR A 16 -1.79 -8.43 -0.25
N PHE A 17 -2.20 -7.41 0.55
CA PHE A 17 -1.45 -6.95 1.73
C PHE A 17 -1.67 -7.87 2.96
N LYS A 18 -2.87 -8.46 3.09
CA LYS A 18 -3.22 -9.32 4.27
C LYS A 18 -2.91 -10.81 4.00
N GLU A 19 -2.97 -11.24 2.73
CA GLU A 19 -2.79 -12.66 2.32
C GLU A 19 -1.34 -12.95 1.86
N LYS A 20 -0.85 -12.14 0.89
CA LYS A 20 0.48 -12.38 0.25
C LYS A 20 1.63 -11.67 1.00
N VAL A 21 1.35 -10.45 1.46
CA VAL A 21 2.30 -9.63 2.26
C VAL A 21 2.06 -9.89 3.77
N SER A 22 3.13 -9.79 4.58
CA SER A 22 3.04 -9.91 6.04
C SER A 22 2.48 -8.60 6.65
N THR A 23 1.67 -8.72 7.72
CA THR A 23 1.07 -7.55 8.40
C THR A 23 2.16 -6.59 8.93
N GLN A 24 3.18 -7.15 9.59
CA GLN A 24 4.36 -6.38 10.08
C GLN A 24 5.06 -5.59 8.92
N ASN A 25 5.15 -6.21 7.72
CA ASN A 25 5.78 -5.60 6.53
C ASN A 25 4.96 -4.42 5.98
N LEU A 26 3.62 -4.60 5.88
CA LEU A 26 2.72 -3.51 5.40
C LEU A 26 2.63 -2.36 6.44
N LEU A 27 2.77 -2.71 7.74
CA LEU A 27 2.78 -1.72 8.85
C LEU A 27 4.01 -0.80 8.77
N LEU A 28 5.15 -1.33 8.26
CA LEU A 28 6.36 -0.51 7.96
C LEU A 28 6.09 0.47 6.78
N LEU A 29 5.37 -0.02 5.75
CA LEU A 29 4.93 0.82 4.61
C LEU A 29 3.98 1.97 5.04
N LEU A 30 3.12 1.68 6.04
CA LEU A 30 2.16 2.67 6.59
C LEU A 30 2.82 3.69 7.53
N THR A 31 3.58 3.19 8.53
CA THR A 31 4.13 4.05 9.62
C THR A 31 5.20 5.01 9.09
N ASP A 32 6.02 4.53 8.14
CA ASP A 32 7.09 5.32 7.52
C ASP A 32 6.56 6.03 6.26
N ASN A 33 6.59 7.37 6.28
CA ASN A 33 6.06 8.22 5.19
C ASN A 33 6.81 8.00 3.85
N GLU A 34 8.15 7.82 3.92
CA GLU A 34 9.00 7.62 2.74
C GLU A 34 8.74 6.27 2.06
N ALA A 35 8.44 5.25 2.87
CA ALA A 35 8.08 3.89 2.40
C ALA A 35 6.80 3.89 1.54
N TRP A 36 5.75 4.58 2.05
CA TRP A 36 4.46 4.70 1.34
C TRP A 36 4.58 5.54 0.06
N ASN A 37 5.21 6.73 0.17
CA ASN A 37 5.41 7.66 -0.97
C ASN A 37 6.29 7.03 -2.07
N GLY A 38 7.27 6.21 -1.67
CA GLY A 38 8.08 5.42 -2.61
C GLY A 38 7.25 4.41 -3.42
N PHE A 39 6.43 3.63 -2.68
CA PHE A 39 5.49 2.64 -3.25
C PHE A 39 4.51 3.30 -4.26
N VAL A 40 3.78 4.33 -3.81
CA VAL A 40 2.75 5.02 -4.62
C VAL A 40 3.35 5.70 -5.87
N ALA A 41 4.46 6.44 -5.67
CA ALA A 41 5.12 7.21 -6.76
C ALA A 41 5.62 6.30 -7.90
N ALA A 42 6.29 5.19 -7.52
CA ALA A 42 6.81 4.19 -8.50
C ALA A 42 5.66 3.37 -9.14
N ALA A 43 4.60 3.10 -8.37
CA ALA A 43 3.35 2.44 -8.88
C ALA A 43 2.46 3.43 -9.69
N GLU A 44 2.85 4.72 -9.73
CA GLU A 44 2.17 5.80 -10.51
C GLU A 44 0.71 6.07 -10.05
N LEU A 45 0.38 5.66 -8.82
CA LEU A 45 -0.99 5.75 -8.30
C LEU A 45 -1.42 7.23 -8.05
N PRO A 46 -2.60 7.66 -8.60
CA PRO A 46 -3.19 8.99 -8.30
C PRO A 46 -3.56 9.13 -6.81
N ARG A 47 -3.54 10.37 -6.28
CA ARG A 47 -3.76 10.64 -4.83
C ARG A 47 -5.13 10.10 -4.32
N ASN A 48 -6.09 9.92 -5.26
CA ASN A 48 -7.43 9.35 -4.96
C ASN A 48 -7.30 7.97 -4.25
N GLU A 49 -6.72 7.00 -4.98
CA GLU A 49 -6.49 5.63 -4.46
C GLU A 49 -5.29 5.59 -3.51
N ALA A 50 -4.28 6.44 -3.76
CA ALA A 50 -3.10 6.58 -2.85
C ALA A 50 -3.52 6.84 -1.39
N ASP A 51 -4.55 7.69 -1.22
CA ASP A 51 -5.20 7.93 0.07
C ASP A 51 -6.16 6.78 0.46
N GLU A 52 -7.11 6.39 -0.44
CA GLU A 52 -8.13 5.32 -0.13
C GLU A 52 -7.50 3.98 0.36
N LEU A 53 -6.32 3.63 -0.17
CA LEU A 53 -5.52 2.44 0.25
C LEU A 53 -5.10 2.56 1.74
N ARG A 54 -4.32 3.63 2.03
CA ARG A 54 -3.77 3.86 3.38
C ARG A 54 -4.85 4.16 4.41
N LYS A 55 -6.04 4.65 3.98
CA LYS A 55 -7.21 4.83 4.86
C LYS A 55 -7.73 3.46 5.36
N ALA A 56 -7.94 2.52 4.41
CA ALA A 56 -8.40 1.15 4.72
C ALA A 56 -7.38 0.40 5.62
N LEU A 57 -6.08 0.60 5.30
CA LEU A 57 -4.95 0.03 6.05
C LEU A 57 -4.69 0.82 7.38
N ASP A 58 -5.18 2.08 7.48
CA ASP A 58 -5.07 2.90 8.72
C ASP A 58 -6.15 2.48 9.73
N ASN A 59 -7.34 2.07 9.22
CA ASN A 59 -8.39 1.43 10.04
C ASN A 59 -7.88 0.09 10.62
N LEU A 60 -6.98 -0.58 9.88
CA LEU A 60 -6.27 -1.77 10.39
C LEU A 60 -5.32 -1.34 11.52
N ALA A 61 -4.31 -0.50 11.19
CA ALA A 61 -3.23 -0.12 12.15
C ALA A 61 -3.76 0.58 13.43
N ARG A 62 -4.92 1.28 13.31
CA ARG A 62 -5.61 1.96 14.43
C ARG A 62 -6.01 0.97 15.56
N GLN A 63 -6.69 -0.13 15.20
CA GLN A 63 -7.11 -1.17 16.17
C GLN A 63 -5.92 -2.05 16.61
N MET A 64 -4.91 -2.17 15.73
CA MET A 64 -3.69 -2.99 15.99
C MET A 64 -2.81 -2.40 17.11
N ILE A 65 -2.58 -1.08 17.07
CA ILE A 65 -1.74 -0.35 18.08
C ILE A 65 -2.40 -0.36 19.49
N MET A 66 -3.73 -0.57 19.55
CA MET A 66 -4.49 -0.63 20.83
C MET A 66 -4.25 -1.96 21.58
N LYS A 67 -3.93 -3.02 20.83
CA LYS A 67 -3.55 -4.34 21.41
C LYS A 67 -2.02 -4.44 21.59
N ASP A 68 -1.27 -3.96 20.59
CA ASP A 68 0.19 -4.11 20.50
C ASP A 68 0.91 -2.77 20.74
N LYS A 69 1.54 -2.66 21.93
CA LYS A 69 2.26 -1.45 22.36
C LYS A 69 3.79 -1.54 22.12
N ASN A 70 4.23 -2.64 21.49
CA ASN A 70 5.67 -3.02 21.41
C ASN A 70 6.37 -2.54 20.11
N TRP A 71 5.84 -1.46 19.51
CA TRP A 71 6.45 -0.85 18.29
C TRP A 71 7.86 -0.28 18.57
N HIS A 72 8.05 0.28 19.79
CA HIS A 72 9.37 0.75 20.29
C HIS A 72 10.40 -0.41 20.39
N ASP A 73 9.93 -1.62 20.73
CA ASP A 73 10.78 -2.82 20.91
C ASP A 73 11.41 -3.28 19.57
N LYS A 74 10.72 -3.00 18.46
CA LYS A 74 11.16 -3.39 17.10
C LYS A 74 12.19 -2.40 16.49
N GLY A 75 12.50 -1.30 17.22
CA GLY A 75 13.57 -0.37 16.82
C GLY A 75 13.12 0.72 15.82
N GLN A 76 12.01 1.40 16.15
CA GLN A 76 11.44 2.49 15.29
C GLN A 76 12.33 3.77 15.26
N GLN A 77 13.24 3.93 16.25
CA GLN A 77 14.14 5.12 16.34
C GLN A 77 15.20 5.11 15.21
N TYR A 78 15.64 3.91 14.79
CA TYR A 78 16.66 3.74 13.74
C TYR A 78 16.16 2.69 12.69
N ARG A 79 15.72 3.20 11.53
CA ARG A 79 15.16 2.38 10.43
C ARG A 79 16.27 1.54 9.73
N ASN A 80 16.55 0.34 10.29
CA ASN A 80 17.52 -0.64 9.73
C ASN A 80 17.06 -1.16 8.36
N TRP A 81 15.73 -1.16 8.16
CA TRP A 81 15.09 -1.56 6.89
C TRP A 81 15.57 -0.71 5.69
N PHE A 82 15.80 0.59 5.92
CA PHE A 82 16.38 1.51 4.90
C PHE A 82 17.78 1.03 4.46
N LEU A 83 18.57 0.56 5.44
CA LEU A 83 19.96 0.07 5.19
C LEU A 83 19.93 -1.24 4.36
N LYS A 84 18.91 -2.08 4.63
CA LYS A 84 18.66 -3.33 3.86
C LYS A 84 18.26 -3.02 2.40
N GLU A 85 17.38 -2.03 2.24
CA GLU A 85 16.84 -1.62 0.91
C GLU A 85 17.58 -0.38 0.34
N PHE A 86 18.79 -0.10 0.85
CA PHE A 86 19.60 1.09 0.47
C PHE A 86 20.06 1.06 -1.03
N PRO A 87 20.74 -0.04 -1.55
CA PRO A 87 21.08 -0.15 -2.99
C PRO A 87 19.93 -0.73 -3.86
N ARG A 88 18.72 -0.83 -3.26
CA ARG A 88 17.56 -1.49 -3.89
C ARG A 88 16.45 -0.50 -4.30
N LEU A 89 16.03 -0.59 -5.57
CA LEU A 89 14.70 -0.12 -6.00
C LEU A 89 13.78 -1.36 -6.07
N LYS A 90 12.91 -1.54 -5.06
CA LYS A 90 12.10 -2.77 -4.89
C LYS A 90 10.78 -2.68 -5.70
N SER A 91 10.94 -2.43 -7.03
CA SER A 91 9.84 -2.19 -7.99
C SER A 91 8.85 -3.38 -8.08
N GLU A 92 9.28 -4.57 -7.60
CA GLU A 92 8.46 -5.81 -7.54
C GLU A 92 7.08 -5.58 -6.87
N LEU A 93 7.07 -4.89 -5.71
CA LEU A 93 5.82 -4.59 -4.95
C LEU A 93 4.90 -3.70 -5.84
N GLU A 94 5.47 -2.62 -6.37
CA GLU A 94 4.77 -1.66 -7.27
C GLU A 94 4.29 -2.32 -8.58
N ASP A 95 5.02 -3.34 -9.05
CA ASP A 95 4.73 -4.03 -10.32
C ASP A 95 3.43 -4.86 -10.20
N ASN A 96 3.37 -5.69 -9.15
CA ASN A 96 2.24 -6.61 -8.88
C ASN A 96 0.98 -5.86 -8.36
N ILE A 97 1.16 -4.65 -7.78
CA ILE A 97 0.02 -3.81 -7.33
C ILE A 97 -0.69 -3.14 -8.54
N ARG A 98 0.10 -2.77 -9.59
CA ARG A 98 -0.43 -2.16 -10.84
C ARG A 98 -1.28 -3.15 -11.66
N ARG A 99 -1.04 -4.46 -11.46
CA ARG A 99 -1.90 -5.54 -12.00
C ARG A 99 -3.36 -5.36 -11.50
N LEU A 100 -3.51 -5.21 -10.16
CA LEU A 100 -4.82 -5.00 -9.48
C LEU A 100 -5.54 -3.72 -9.98
N ARG A 101 -4.73 -2.69 -10.30
CA ARG A 101 -5.22 -1.42 -10.88
C ARG A 101 -5.86 -1.69 -12.27
N ALA A 102 -5.07 -2.35 -13.14
CA ALA A 102 -5.51 -2.74 -14.50
C ALA A 102 -6.63 -3.81 -14.48
N LEU A 103 -6.75 -4.56 -13.36
CA LEU A 103 -7.87 -5.52 -13.11
C LEU A 103 -9.16 -4.78 -12.69
N ALA A 104 -8.98 -3.70 -11.90
CA ALA A 104 -10.10 -2.81 -11.51
C ALA A 104 -10.73 -2.17 -12.77
N ASP A 105 -9.87 -1.66 -13.66
CA ASP A 105 -10.28 -1.22 -15.01
C ASP A 105 -10.80 -2.41 -15.85
N GLY A 106 -10.11 -3.57 -15.72
CA GLY A 106 -10.43 -4.80 -16.49
C GLY A 106 -11.81 -5.43 -16.20
N VAL A 107 -12.53 -4.92 -15.19
CA VAL A 107 -13.93 -5.33 -14.93
C VAL A 107 -14.87 -4.82 -16.05
N GLN A 108 -14.57 -3.61 -16.59
CA GLN A 108 -15.39 -2.98 -17.66
C GLN A 108 -14.53 -2.55 -18.89
N LYS A 109 -13.44 -1.75 -18.68
CA LYS A 109 -12.61 -1.18 -19.78
C LYS A 109 -11.07 -1.22 -19.50
N VAL A 110 -10.41 -2.37 -19.76
CA VAL A 110 -8.93 -2.45 -19.72
C VAL A 110 -8.34 -1.91 -21.06
N HIS A 111 -7.74 -0.70 -21.01
CA HIS A 111 -7.14 -0.08 -22.21
C HIS A 111 -5.67 -0.53 -22.43
N LYS A 112 -4.98 -0.92 -21.35
CA LYS A 112 -3.57 -1.36 -21.41
C LYS A 112 -3.42 -2.82 -20.91
N GLY A 113 -2.90 -3.70 -21.78
CA GLY A 113 -2.53 -5.08 -21.42
C GLY A 113 -1.15 -5.17 -20.76
N THR A 114 -0.72 -6.39 -20.44
CA THR A 114 0.59 -6.65 -19.75
C THR A 114 1.78 -6.73 -20.77
N GLY A 1 -17.20 7.92 -21.33
CA GLY A 1 -17.00 7.98 -19.85
C GLY A 1 -16.56 6.66 -19.25
N SER A 2 -15.55 6.69 -18.34
CA SER A 2 -15.00 5.48 -17.70
C SER A 2 -14.31 5.84 -16.36
N ASP A 3 -14.92 5.42 -15.23
CA ASP A 3 -14.35 5.62 -13.88
C ASP A 3 -13.17 4.63 -13.60
N PRO A 4 -12.21 4.96 -12.67
CA PRO A 4 -11.02 4.09 -12.42
C PRO A 4 -11.32 2.80 -11.60
N GLU A 5 -12.53 2.73 -11.00
CA GLU A 5 -12.93 1.65 -10.04
C GLU A 5 -11.91 1.53 -8.87
N SER A 6 -11.61 2.69 -8.26
CA SER A 6 -10.62 2.83 -7.16
C SER A 6 -10.92 1.87 -5.99
N SER A 7 -12.15 1.91 -5.45
CA SER A 7 -12.57 1.06 -4.29
C SER A 7 -12.39 -0.45 -4.56
N ILE A 8 -12.56 -0.89 -5.82
CA ILE A 8 -12.34 -2.30 -6.24
C ILE A 8 -10.83 -2.66 -6.17
N PHE A 9 -9.99 -1.80 -6.76
CA PHE A 9 -8.52 -1.90 -6.65
C PHE A 9 -8.08 -1.95 -5.16
N ILE A 10 -8.70 -1.12 -4.31
CA ILE A 10 -8.36 -1.02 -2.86
C ILE A 10 -8.69 -2.33 -2.12
N GLU A 11 -9.95 -2.77 -2.19
CA GLU A 11 -10.39 -4.00 -1.50
C GLU A 11 -9.56 -5.22 -1.96
N ASP A 12 -9.19 -5.26 -3.27
CA ASP A 12 -8.40 -6.36 -3.85
C ASP A 12 -6.87 -6.21 -3.54
N ALA A 13 -6.38 -4.97 -3.35
CA ALA A 13 -4.97 -4.69 -2.98
C ALA A 13 -4.70 -5.03 -1.51
N ILE A 14 -5.67 -4.65 -0.65
CA ILE A 14 -5.66 -4.98 0.79
C ILE A 14 -5.66 -6.52 1.00
N LYS A 15 -6.27 -7.28 0.05
CA LYS A 15 -6.15 -8.77 0.03
C LYS A 15 -4.67 -9.18 -0.07
N TYR A 16 -3.97 -8.61 -1.06
CA TYR A 16 -2.52 -8.83 -1.27
C TYR A 16 -1.69 -8.39 -0.03
N PHE A 17 -2.10 -7.28 0.64
CA PHE A 17 -1.42 -6.79 1.86
C PHE A 17 -1.66 -7.70 3.10
N LYS A 18 -2.86 -8.27 3.24
CA LYS A 18 -3.23 -9.07 4.44
C LYS A 18 -2.85 -10.57 4.28
N GLU A 19 -2.85 -11.07 3.03
CA GLU A 19 -2.60 -12.50 2.71
C GLU A 19 -1.13 -12.73 2.30
N LYS A 20 -0.67 -11.98 1.28
CA LYS A 20 0.65 -12.23 0.64
C LYS A 20 1.79 -11.50 1.41
N VAL A 21 1.48 -10.28 1.88
CA VAL A 21 2.38 -9.47 2.72
C VAL A 21 2.03 -9.71 4.22
N SER A 22 3.05 -9.70 5.09
CA SER A 22 2.83 -9.79 6.56
C SER A 22 2.37 -8.43 7.15
N THR A 23 1.59 -8.48 8.25
CA THR A 23 1.05 -7.26 8.91
C THR A 23 2.18 -6.27 9.30
N GLN A 24 3.22 -6.78 10.00
CA GLN A 24 4.40 -5.99 10.40
C GLN A 24 5.11 -5.36 9.16
N ASN A 25 5.22 -6.14 8.07
CA ASN A 25 5.91 -5.72 6.83
C ASN A 25 5.20 -4.54 6.13
N LEU A 26 3.85 -4.59 6.03
CA LEU A 26 3.06 -3.46 5.46
C LEU A 26 3.04 -2.26 6.44
N LEU A 27 3.10 -2.54 7.76
CA LEU A 27 3.22 -1.48 8.80
C LEU A 27 4.58 -0.73 8.71
N LEU A 28 5.63 -1.43 8.22
CA LEU A 28 6.95 -0.80 7.93
C LEU A 28 6.87 0.19 6.74
N LEU A 29 5.90 -0.06 5.83
CA LEU A 29 5.61 0.82 4.68
C LEU A 29 4.69 1.99 5.09
N LEU A 30 3.75 1.73 6.03
CA LEU A 30 2.82 2.75 6.56
C LEU A 30 3.53 3.75 7.53
N THR A 31 4.48 3.23 8.35
CA THR A 31 5.21 4.07 9.34
C THR A 31 6.20 5.04 8.66
N ASP A 32 6.86 4.54 7.61
CA ASP A 32 7.81 5.33 6.81
C ASP A 32 7.08 5.91 5.58
N ASN A 33 6.79 7.22 5.63
CA ASN A 33 6.08 7.94 4.56
C ASN A 33 6.77 7.83 3.17
N GLU A 34 8.11 7.72 3.17
CA GLU A 34 8.91 7.61 1.93
C GLU A 34 8.78 6.21 1.29
N ALA A 35 8.53 5.19 2.13
CA ALA A 35 8.28 3.80 1.66
C ALA A 35 6.89 3.69 1.00
N TRP A 36 5.89 4.39 1.59
CA TRP A 36 4.52 4.48 1.03
C TRP A 36 4.52 5.28 -0.30
N ASN A 37 5.06 6.51 -0.26
CA ASN A 37 5.18 7.40 -1.45
C ASN A 37 6.09 6.81 -2.54
N GLY A 38 7.09 6.01 -2.12
CA GLY A 38 7.91 5.23 -3.07
C GLY A 38 7.10 4.17 -3.82
N PHE A 39 6.28 3.42 -3.05
CA PHE A 39 5.32 2.42 -3.57
C PHE A 39 4.29 3.08 -4.54
N VAL A 40 3.62 4.14 -4.07
CA VAL A 40 2.55 4.85 -4.82
C VAL A 40 3.09 5.52 -6.12
N ALA A 41 4.23 6.22 -6.01
CA ALA A 41 4.86 6.95 -7.13
C ALA A 41 5.36 6.01 -8.25
N ALA A 42 5.97 4.88 -7.85
CA ALA A 42 6.44 3.84 -8.80
C ALA A 42 5.24 3.07 -9.42
N ALA A 43 4.21 2.83 -8.61
CA ALA A 43 2.93 2.24 -9.07
C ALA A 43 2.08 3.22 -9.91
N GLU A 44 2.49 4.52 -9.95
CA GLU A 44 1.80 5.60 -10.72
C GLU A 44 0.34 5.80 -10.25
N LEU A 45 0.09 5.55 -8.96
CA LEU A 45 -1.23 5.67 -8.35
C LEU A 45 -1.58 7.14 -8.05
N PRO A 46 -2.73 7.65 -8.60
CA PRO A 46 -3.24 9.01 -8.25
C PRO A 46 -3.74 9.07 -6.79
N ARG A 47 -3.87 10.30 -6.23
CA ARG A 47 -4.16 10.51 -4.79
C ARG A 47 -5.49 9.87 -4.32
N ASN A 48 -6.43 9.62 -5.26
CA ASN A 48 -7.74 8.99 -4.95
C ASN A 48 -7.54 7.59 -4.32
N GLU A 49 -6.95 6.67 -5.10
CA GLU A 49 -6.61 5.33 -4.61
C GLU A 49 -5.46 5.37 -3.59
N ALA A 50 -4.47 6.29 -3.79
CA ALA A 50 -3.33 6.46 -2.84
C ALA A 50 -3.82 6.76 -1.38
N ASP A 51 -4.93 7.51 -1.25
CA ASP A 51 -5.61 7.74 0.04
C ASP A 51 -6.43 6.51 0.48
N GLU A 52 -7.37 6.05 -0.39
CA GLU A 52 -8.31 4.95 -0.05
C GLU A 52 -7.58 3.64 0.40
N LEU A 53 -6.36 3.42 -0.15
CA LEU A 53 -5.45 2.30 0.23
C LEU A 53 -5.02 2.42 1.72
N ARG A 54 -4.36 3.54 2.06
CA ARG A 54 -3.83 3.79 3.43
C ARG A 54 -4.97 3.97 4.47
N LYS A 55 -6.18 4.37 4.01
CA LYS A 55 -7.39 4.44 4.85
C LYS A 55 -7.89 3.02 5.26
N ALA A 56 -7.87 2.09 4.30
CA ALA A 56 -8.27 0.69 4.52
C ALA A 56 -7.19 -0.10 5.32
N LEU A 57 -5.90 0.24 5.09
CA LEU A 57 -4.76 -0.32 5.85
C LEU A 57 -4.63 0.32 7.26
N ASP A 58 -5.17 1.56 7.41
CA ASP A 58 -5.24 2.26 8.71
C ASP A 58 -6.19 1.48 9.67
N ASN A 59 -7.25 0.87 9.10
CA ASN A 59 -8.20 0.00 9.84
C ASN A 59 -7.48 -1.22 10.49
N LEU A 60 -6.58 -1.86 9.71
CA LEU A 60 -5.75 -2.98 10.18
C LEU A 60 -4.83 -2.55 11.35
N ALA A 61 -4.28 -1.33 11.27
CA ALA A 61 -3.43 -0.75 12.34
C ALA A 61 -4.28 -0.22 13.53
N ARG A 62 -5.53 0.15 13.25
CA ARG A 62 -6.46 0.78 14.23
C ARG A 62 -6.93 -0.23 15.31
N GLN A 63 -6.99 -1.52 14.96
CA GLN A 63 -7.26 -2.60 15.93
C GLN A 63 -5.97 -2.96 16.75
N MET A 64 -4.78 -2.72 16.15
CA MET A 64 -3.48 -3.02 16.81
C MET A 64 -3.16 -2.00 17.93
N ILE A 65 -3.32 -0.69 17.63
CA ILE A 65 -2.98 0.44 18.55
C ILE A 65 -3.67 0.35 19.95
N MET A 66 -4.73 -0.47 20.05
CA MET A 66 -5.52 -0.64 21.30
C MET A 66 -4.74 -1.42 22.39
N LYS A 67 -3.74 -2.24 21.98
CA LYS A 67 -2.82 -2.92 22.93
C LYS A 67 -1.34 -2.61 22.59
N ASP A 68 -1.02 -2.58 21.28
CA ASP A 68 0.31 -2.20 20.77
C ASP A 68 0.63 -0.71 21.06
N LYS A 69 1.65 -0.47 21.87
CA LYS A 69 2.25 0.87 22.08
C LYS A 69 3.69 0.92 21.48
N ASN A 70 4.10 -0.20 20.83
CA ASN A 70 5.47 -0.38 20.25
C ASN A 70 5.75 0.48 18.97
N TRP A 71 4.78 1.32 18.59
CA TRP A 71 4.85 2.20 17.40
C TRP A 71 6.02 3.22 17.51
N HIS A 72 6.25 3.72 18.74
CA HIS A 72 7.39 4.61 19.05
C HIS A 72 8.49 3.83 19.82
N ASP A 73 8.07 2.84 20.64
CA ASP A 73 8.99 2.00 21.45
C ASP A 73 9.84 1.01 20.59
N LYS A 74 9.58 0.96 19.27
CA LYS A 74 10.40 0.19 18.30
C LYS A 74 11.91 0.55 18.39
N GLY A 75 12.20 1.86 18.64
CA GLY A 75 13.55 2.39 18.93
C GLY A 75 14.68 1.84 18.04
N GLN A 76 14.43 1.81 16.72
CA GLN A 76 15.36 1.22 15.73
C GLN A 76 16.69 2.02 15.67
N GLN A 77 17.76 1.44 16.26
CA GLN A 77 19.11 2.05 16.31
C GLN A 77 19.70 2.23 14.89
N TYR A 78 19.37 1.29 13.99
CA TYR A 78 19.83 1.33 12.58
C TYR A 78 18.66 1.77 11.65
N ARG A 79 18.76 3.02 11.14
CA ARG A 79 17.83 3.55 10.09
C ARG A 79 18.43 3.37 8.68
N ASN A 80 19.40 2.45 8.56
CA ASN A 80 20.25 2.25 7.37
C ASN A 80 19.42 2.02 6.07
N TRP A 81 19.85 2.66 4.97
CA TRP A 81 19.16 2.56 3.66
C TRP A 81 19.21 1.11 3.11
N PHE A 82 20.37 0.44 3.30
CA PHE A 82 20.55 -0.99 2.94
C PHE A 82 19.71 -1.93 3.85
N LEU A 83 19.27 -1.45 5.02
CA LEU A 83 18.31 -2.18 5.91
C LEU A 83 16.84 -1.75 5.61
N LYS A 84 16.69 -0.56 5.01
CA LYS A 84 15.39 0.05 4.71
C LYS A 84 14.74 -0.56 3.44
N GLU A 85 15.48 -0.58 2.32
CA GLU A 85 14.93 -0.98 0.99
C GLU A 85 15.31 -2.43 0.60
N PHE A 86 16.59 -2.81 0.83
CA PHE A 86 17.15 -4.10 0.35
C PHE A 86 16.45 -5.40 0.92
N PRO A 87 16.35 -5.63 2.29
CA PRO A 87 15.75 -6.88 2.84
C PRO A 87 14.21 -6.89 2.80
N ARG A 88 13.61 -5.70 2.57
CA ARG A 88 12.15 -5.53 2.48
C ARG A 88 11.69 -5.80 1.03
N LEU A 89 10.98 -6.91 0.81
CA LEU A 89 10.46 -7.28 -0.52
C LEU A 89 9.26 -6.39 -0.92
N LYS A 90 9.58 -5.15 -1.33
CA LYS A 90 8.60 -4.13 -1.77
C LYS A 90 8.81 -3.77 -3.26
N SER A 91 9.93 -4.26 -3.86
CA SER A 91 10.29 -4.01 -5.29
C SER A 91 9.36 -4.77 -6.26
N GLU A 92 8.70 -5.81 -5.75
CA GLU A 92 7.65 -6.55 -6.50
C GLU A 92 6.23 -5.95 -6.28
N LEU A 93 6.06 -5.22 -5.15
CA LEU A 93 4.72 -4.88 -4.61
C LEU A 93 3.97 -3.89 -5.52
N GLU A 94 4.57 -2.68 -5.73
CA GLU A 94 3.99 -1.63 -6.59
C GLU A 94 3.79 -2.12 -8.04
N ASP A 95 4.69 -3.00 -8.50
CA ASP A 95 4.64 -3.60 -9.85
C ASP A 95 3.42 -4.56 -10.01
N ASN A 96 3.15 -5.36 -8.97
CA ASN A 96 1.99 -6.28 -8.94
C ASN A 96 0.67 -5.55 -8.58
N ILE A 97 0.79 -4.37 -7.93
CA ILE A 97 -0.36 -3.49 -7.61
C ILE A 97 -0.80 -2.72 -8.89
N ARG A 98 0.18 -2.44 -9.79
CA ARG A 98 -0.08 -1.87 -11.15
C ARG A 98 -0.99 -2.81 -11.97
N ARG A 99 -0.84 -4.13 -11.76
CA ARG A 99 -1.72 -5.16 -12.35
C ARG A 99 -3.18 -4.95 -11.90
N LEU A 100 -3.40 -4.88 -10.57
CA LEU A 100 -4.75 -4.71 -9.95
C LEU A 100 -5.44 -3.40 -10.41
N ARG A 101 -4.65 -2.30 -10.49
CA ARG A 101 -5.14 -1.00 -10.99
C ARG A 101 -5.49 -1.10 -12.49
N ALA A 102 -4.64 -1.80 -13.25
CA ALA A 102 -4.88 -2.07 -14.68
C ALA A 102 -6.11 -3.01 -14.89
N LEU A 103 -6.43 -3.85 -13.87
CA LEU A 103 -7.65 -4.68 -13.89
C LEU A 103 -8.90 -3.79 -13.75
N ALA A 104 -8.94 -2.97 -12.67
CA ALA A 104 -10.06 -2.05 -12.39
C ALA A 104 -10.27 -1.00 -13.53
N ASP A 105 -9.24 -0.20 -13.76
CA ASP A 105 -9.21 0.87 -14.78
C ASP A 105 -9.23 0.32 -16.24
N GLY A 106 -8.57 -0.84 -16.48
CA GLY A 106 -8.44 -1.40 -17.83
C GLY A 106 -9.67 -2.12 -18.38
N VAL A 107 -10.62 -2.56 -17.52
CA VAL A 107 -11.92 -3.09 -18.03
C VAL A 107 -12.80 -1.93 -18.54
N GLN A 108 -12.71 -0.79 -17.86
CA GLN A 108 -13.44 0.43 -18.21
C GLN A 108 -12.95 1.08 -19.53
N LYS A 109 -11.62 1.27 -19.63
CA LYS A 109 -11.00 1.93 -20.81
C LYS A 109 -10.68 0.92 -21.95
N VAL A 110 -10.12 -0.26 -21.57
CA VAL A 110 -9.67 -1.34 -22.51
C VAL A 110 -8.42 -0.92 -23.34
N HIS A 111 -8.59 0.10 -24.18
CA HIS A 111 -7.52 0.66 -25.02
C HIS A 111 -6.64 1.61 -24.19
N LYS A 112 -5.42 1.17 -23.80
CA LYS A 112 -4.50 1.96 -22.94
C LYS A 112 -3.61 2.93 -23.78
N GLY A 113 -4.26 3.90 -24.45
CA GLY A 113 -3.56 4.99 -25.11
C GLY A 113 -3.15 6.08 -24.10
N THR A 114 -4.11 6.45 -23.22
CA THR A 114 -3.91 7.42 -22.12
C THR A 114 -4.69 6.99 -20.84
N GLY A 1 -22.55 4.81 -17.61
CA GLY A 1 -21.57 5.59 -16.82
C GLY A 1 -20.17 4.96 -16.81
N SER A 2 -19.17 5.72 -16.33
CA SER A 2 -17.77 5.24 -16.26
C SER A 2 -17.03 5.80 -15.02
N ASP A 3 -17.02 5.00 -13.94
CA ASP A 3 -16.29 5.33 -12.68
C ASP A 3 -14.79 4.98 -12.79
N PRO A 4 -13.87 5.60 -11.97
CA PRO A 4 -12.44 5.19 -11.90
C PRO A 4 -12.27 3.74 -11.37
N GLU A 5 -13.31 3.28 -10.62
CA GLU A 5 -13.39 1.92 -10.03
C GLU A 5 -12.18 1.60 -9.13
N SER A 6 -11.61 2.67 -8.53
CA SER A 6 -10.44 2.57 -7.64
C SER A 6 -10.76 1.73 -6.39
N SER A 7 -12.01 1.84 -5.87
CA SER A 7 -12.48 1.08 -4.66
C SER A 7 -12.27 -0.46 -4.82
N ILE A 8 -12.48 -0.97 -6.05
CA ILE A 8 -12.18 -2.37 -6.42
C ILE A 8 -10.68 -2.68 -6.22
N PHE A 9 -9.82 -1.82 -6.81
CA PHE A 9 -8.35 -1.88 -6.63
C PHE A 9 -7.96 -1.80 -5.13
N ILE A 10 -8.65 -0.93 -4.36
CA ILE A 10 -8.36 -0.71 -2.92
C ILE A 10 -8.59 -1.98 -2.11
N GLU A 11 -9.82 -2.53 -2.18
CA GLU A 11 -10.16 -3.76 -1.43
C GLU A 11 -9.23 -4.91 -1.87
N ASP A 12 -9.04 -5.09 -3.20
CA ASP A 12 -8.21 -6.17 -3.77
C ASP A 12 -6.70 -5.97 -3.45
N ALA A 13 -6.30 -4.71 -3.19
CA ALA A 13 -4.93 -4.39 -2.74
C ALA A 13 -4.74 -4.78 -1.26
N ILE A 14 -5.77 -4.55 -0.42
CA ILE A 14 -5.79 -5.02 0.98
C ILE A 14 -5.71 -6.57 1.02
N LYS A 15 -6.40 -7.24 0.07
CA LYS A 15 -6.26 -8.70 -0.17
C LYS A 15 -4.77 -9.05 -0.42
N TYR A 16 -4.13 -8.33 -1.36
CA TYR A 16 -2.68 -8.48 -1.67
C TYR A 16 -1.79 -8.22 -0.42
N PHE A 17 -2.18 -7.25 0.41
CA PHE A 17 -1.43 -6.87 1.62
C PHE A 17 -1.66 -7.83 2.80
N LYS A 18 -2.78 -8.60 2.82
CA LYS A 18 -3.03 -9.61 3.89
C LYS A 18 -2.64 -11.05 3.46
N GLU A 19 -2.58 -11.30 2.14
CA GLU A 19 -2.22 -12.64 1.59
C GLU A 19 -0.72 -12.72 1.24
N LYS A 20 -0.25 -11.78 0.39
CA LYS A 20 1.14 -11.80 -0.13
C LYS A 20 2.13 -11.08 0.81
N VAL A 21 1.69 -9.94 1.37
CA VAL A 21 2.51 -9.12 2.29
C VAL A 21 2.19 -9.49 3.76
N SER A 22 3.20 -9.48 4.63
CA SER A 22 3.01 -9.70 6.08
C SER A 22 2.56 -8.41 6.80
N THR A 23 1.88 -8.56 7.95
CA THR A 23 1.32 -7.42 8.72
C THR A 23 2.41 -6.42 9.14
N GLN A 24 3.50 -6.94 9.73
CA GLN A 24 4.67 -6.13 10.17
C GLN A 24 5.34 -5.40 8.95
N ASN A 25 5.37 -6.08 7.79
CA ASN A 25 5.95 -5.55 6.55
C ASN A 25 5.14 -4.35 5.99
N LEU A 26 3.79 -4.46 5.98
CA LEU A 26 2.92 -3.34 5.54
C LEU A 26 2.84 -2.22 6.61
N LEU A 27 3.04 -2.60 7.90
CA LEU A 27 3.11 -1.63 9.02
C LEU A 27 4.33 -0.71 8.87
N LEU A 28 5.41 -1.19 8.21
CA LEU A 28 6.56 -0.34 7.79
C LEU A 28 6.07 0.80 6.86
N LEU A 29 5.27 0.44 5.84
CA LEU A 29 4.69 1.41 4.89
C LEU A 29 3.71 2.39 5.61
N LEU A 30 2.94 1.86 6.58
CA LEU A 30 1.95 2.67 7.33
C LEU A 30 2.60 3.61 8.38
N THR A 31 3.73 3.19 9.00
CA THR A 31 4.42 4.01 10.05
C THR A 31 5.47 4.97 9.43
N ASP A 32 6.00 4.58 8.25
CA ASP A 32 7.03 5.35 7.54
C ASP A 32 6.44 5.89 6.21
N ASN A 33 6.27 7.21 6.14
CA ASN A 33 5.66 7.91 4.98
C ASN A 33 6.48 7.69 3.67
N GLU A 34 7.81 7.55 3.80
CA GLU A 34 8.72 7.34 2.65
C GLU A 34 8.61 5.92 2.07
N ALA A 35 8.34 4.93 2.94
CA ALA A 35 8.09 3.54 2.52
C ALA A 35 6.75 3.42 1.76
N TRP A 36 5.74 4.21 2.23
CA TRP A 36 4.43 4.32 1.57
C TRP A 36 4.55 5.02 0.20
N ASN A 37 5.23 6.18 0.17
CA ASN A 37 5.50 6.95 -1.09
C ASN A 37 6.36 6.14 -2.07
N GLY A 38 7.26 5.30 -1.52
CA GLY A 38 8.08 4.38 -2.32
C GLY A 38 7.27 3.30 -3.03
N PHE A 39 6.09 2.98 -2.46
CA PHE A 39 5.09 2.08 -3.07
C PHE A 39 4.19 2.85 -4.09
N VAL A 40 3.57 3.94 -3.62
CA VAL A 40 2.57 4.72 -4.39
C VAL A 40 3.17 5.39 -5.64
N ALA A 41 4.29 6.11 -5.46
CA ALA A 41 5.00 6.80 -6.58
C ALA A 41 5.55 5.78 -7.61
N ALA A 42 5.97 4.60 -7.13
CA ALA A 42 6.46 3.50 -8.00
C ALA A 42 5.33 2.96 -8.90
N ALA A 43 4.19 2.64 -8.27
CA ALA A 43 2.96 2.22 -8.99
C ALA A 43 2.24 3.42 -9.69
N GLU A 44 2.73 4.66 -9.42
CA GLU A 44 2.20 5.92 -10.01
C GLU A 44 0.70 6.14 -9.72
N LEU A 45 0.29 5.83 -8.49
CA LEU A 45 -1.11 5.90 -8.05
C LEU A 45 -1.55 7.35 -7.74
N PRO A 46 -2.65 7.86 -8.39
CA PRO A 46 -3.24 9.20 -8.09
C PRO A 46 -3.73 9.31 -6.62
N ARG A 47 -3.82 10.56 -6.11
CA ARG A 47 -4.17 10.86 -4.67
C ARG A 47 -5.45 10.11 -4.20
N ASN A 48 -6.38 9.87 -5.16
CA ASN A 48 -7.68 9.25 -4.90
C ASN A 48 -7.50 7.86 -4.24
N GLU A 49 -6.85 6.95 -4.98
CA GLU A 49 -6.58 5.60 -4.51
C GLU A 49 -5.41 5.59 -3.52
N ALA A 50 -4.42 6.47 -3.72
CA ALA A 50 -3.26 6.63 -2.79
C ALA A 50 -3.71 6.84 -1.32
N ASP A 51 -4.78 7.63 -1.12
CA ASP A 51 -5.39 7.84 0.21
C ASP A 51 -6.40 6.73 0.58
N GLU A 52 -7.29 6.32 -0.35
CA GLU A 52 -8.29 5.24 -0.07
C GLU A 52 -7.63 3.88 0.34
N LEU A 53 -6.41 3.62 -0.18
CA LEU A 53 -5.59 2.43 0.16
C LEU A 53 -5.18 2.44 1.65
N ARG A 54 -4.43 3.49 2.05
CA ARG A 54 -3.96 3.67 3.44
C ARG A 54 -5.14 3.82 4.42
N LYS A 55 -6.30 4.34 3.96
CA LYS A 55 -7.54 4.40 4.79
C LYS A 55 -8.09 3.00 5.14
N ALA A 56 -8.15 2.11 4.13
CA ALA A 56 -8.63 0.72 4.31
C ALA A 56 -7.60 -0.13 5.12
N LEU A 57 -6.29 0.11 4.89
CA LEU A 57 -5.19 -0.46 5.69
C LEU A 57 -5.15 0.14 7.12
N ASP A 58 -5.63 1.40 7.26
CA ASP A 58 -5.68 2.10 8.56
C ASP A 58 -6.77 1.50 9.46
N ASN A 59 -7.85 0.93 8.87
CA ASN A 59 -8.89 0.21 9.65
C ASN A 59 -8.25 -0.95 10.46
N LEU A 60 -7.40 -1.74 9.77
CA LEU A 60 -6.62 -2.83 10.38
C LEU A 60 -5.59 -2.29 11.39
N ALA A 61 -4.84 -1.25 10.97
CA ALA A 61 -3.75 -0.65 11.79
C ALA A 61 -4.28 0.04 13.07
N ARG A 62 -5.44 0.70 12.97
CA ARG A 62 -5.99 1.59 14.02
C ARG A 62 -6.33 0.82 15.31
N GLN A 63 -6.90 -0.38 15.14
CA GLN A 63 -7.25 -1.27 16.28
C GLN A 63 -5.98 -1.98 16.87
N MET A 64 -4.98 -2.25 16.01
CA MET A 64 -3.73 -2.95 16.43
C MET A 64 -2.80 -2.04 17.25
N ILE A 65 -2.60 -0.79 16.78
CA ILE A 65 -1.66 0.18 17.40
C ILE A 65 -2.06 0.53 18.85
N MET A 66 -3.39 0.49 19.13
CA MET A 66 -3.96 0.71 20.49
C MET A 66 -3.50 -0.37 21.49
N LYS A 67 -3.21 -1.57 20.98
CA LYS A 67 -2.76 -2.73 21.79
C LYS A 67 -1.23 -2.69 22.01
N ASP A 68 -0.45 -2.20 21.01
CA ASP A 68 1.03 -2.06 21.13
C ASP A 68 1.41 -1.12 22.31
N LYS A 69 0.97 0.16 22.23
CA LYS A 69 1.16 1.20 23.29
C LYS A 69 2.66 1.59 23.50
N ASN A 70 3.59 1.03 22.69
CA ASN A 70 5.05 1.27 22.84
C ASN A 70 5.61 2.06 21.64
N TRP A 71 4.75 2.82 20.93
CA TRP A 71 5.18 3.61 19.75
C TRP A 71 6.02 4.83 20.18
N HIS A 72 5.58 5.56 21.22
CA HIS A 72 6.37 6.67 21.81
C HIS A 72 7.37 6.16 22.89
N ASP A 73 7.18 4.91 23.34
CA ASP A 73 8.03 4.27 24.37
C ASP A 73 8.98 3.21 23.76
N LYS A 74 9.19 3.25 22.42
CA LYS A 74 10.07 2.29 21.72
C LYS A 74 11.58 2.53 22.02
N GLY A 75 11.92 3.74 22.52
CA GLY A 75 13.26 4.04 23.05
C GLY A 75 14.40 3.88 22.03
N GLN A 76 14.23 4.50 20.84
CA GLN A 76 15.17 4.46 19.67
C GLN A 76 15.38 3.05 19.03
N GLN A 77 14.70 2.02 19.58
CA GLN A 77 14.89 0.58 19.18
C GLN A 77 14.53 0.32 17.69
N TYR A 78 13.48 1.00 17.19
CA TYR A 78 12.98 0.82 15.81
C TYR A 78 13.49 1.94 14.86
N ARG A 79 14.26 2.91 15.39
CA ARG A 79 14.87 3.98 14.59
C ARG A 79 16.21 3.50 13.99
N ASN A 80 16.09 2.62 12.98
CA ASN A 80 17.25 2.04 12.25
C ASN A 80 16.99 2.06 10.74
N TRP A 81 17.97 2.58 9.98
CA TRP A 81 17.92 2.66 8.52
C TRP A 81 17.77 1.26 7.87
N PHE A 82 18.37 0.24 8.51
CA PHE A 82 18.33 -1.17 8.05
C PHE A 82 16.89 -1.67 7.85
N LEU A 83 16.00 -1.42 8.84
CA LEU A 83 14.59 -1.86 8.79
C LEU A 83 13.77 -1.01 7.78
N LYS A 84 14.19 0.25 7.60
CA LYS A 84 13.57 1.20 6.66
C LYS A 84 13.78 0.75 5.18
N GLU A 85 15.03 0.35 4.84
CA GLU A 85 15.39 -0.14 3.49
C GLU A 85 15.25 -1.69 3.36
N PHE A 86 14.90 -2.37 4.48
CA PHE A 86 14.95 -3.87 4.63
C PHE A 86 14.39 -4.67 3.40
N PRO A 87 13.12 -4.41 2.89
CA PRO A 87 12.57 -5.16 1.72
C PRO A 87 13.49 -5.12 0.47
N ARG A 88 13.79 -3.89 -0.03
CA ARG A 88 14.58 -3.64 -1.29
C ARG A 88 13.87 -4.10 -2.60
N LEU A 89 12.95 -5.09 -2.51
CA LEU A 89 12.20 -5.65 -3.68
C LEU A 89 10.98 -4.77 -4.08
N LYS A 90 11.16 -3.44 -4.04
CA LYS A 90 10.08 -2.46 -4.28
C LYS A 90 9.56 -2.49 -5.73
N SER A 91 10.46 -2.81 -6.68
CA SER A 91 10.10 -3.04 -8.11
C SER A 91 9.17 -4.26 -8.28
N GLU A 92 9.44 -5.32 -7.47
CA GLU A 92 8.59 -6.55 -7.46
C GLU A 92 7.23 -6.29 -6.79
N LEU A 93 7.22 -5.44 -5.74
CA LEU A 93 5.99 -5.05 -5.02
C LEU A 93 5.05 -4.26 -5.97
N GLU A 94 5.60 -3.19 -6.60
CA GLU A 94 4.81 -2.33 -7.51
C GLU A 94 4.38 -3.09 -8.77
N ASP A 95 5.23 -4.02 -9.26
CA ASP A 95 4.96 -4.86 -10.46
C ASP A 95 3.62 -5.63 -10.36
N ASN A 96 3.39 -6.18 -9.16
CA ASN A 96 2.18 -6.96 -8.85
C ASN A 96 0.94 -6.05 -8.67
N ILE A 97 1.13 -4.92 -7.94
CA ILE A 97 0.03 -3.97 -7.63
C ILE A 97 -0.42 -3.18 -8.90
N ARG A 98 0.51 -3.07 -9.89
CA ARG A 98 0.23 -2.49 -11.24
C ARG A 98 -0.88 -3.29 -11.96
N ARG A 99 -0.81 -4.63 -11.83
CA ARG A 99 -1.80 -5.55 -12.42
C ARG A 99 -3.21 -5.26 -11.87
N LEU A 100 -3.34 -5.16 -10.53
CA LEU A 100 -4.63 -4.85 -9.86
C LEU A 100 -5.26 -3.52 -10.33
N ARG A 101 -4.41 -2.50 -10.49
CA ARG A 101 -4.83 -1.16 -10.98
C ARG A 101 -5.37 -1.28 -12.43
N ALA A 102 -4.57 -1.94 -13.27
CA ALA A 102 -4.88 -2.21 -14.67
C ALA A 102 -6.12 -3.13 -14.83
N LEU A 103 -6.40 -3.97 -13.80
CA LEU A 103 -7.59 -4.86 -13.78
C LEU A 103 -8.87 -4.08 -13.43
N ALA A 104 -8.83 -3.25 -12.35
CA ALA A 104 -9.97 -2.42 -11.92
C ALA A 104 -10.39 -1.40 -13.02
N ASP A 105 -9.37 -0.76 -13.61
CA ASP A 105 -9.54 0.16 -14.76
C ASP A 105 -9.80 -0.64 -16.09
N GLY A 106 -9.27 -1.87 -16.17
CA GLY A 106 -9.53 -2.79 -17.30
C GLY A 106 -10.98 -3.27 -17.39
N VAL A 107 -11.66 -3.35 -16.23
CA VAL A 107 -13.12 -3.60 -16.16
C VAL A 107 -13.89 -2.44 -16.85
N GLN A 108 -13.40 -1.21 -16.64
CA GLN A 108 -13.99 0.00 -17.20
C GLN A 108 -13.68 0.18 -18.71
N LYS A 109 -12.46 -0.25 -19.13
CA LYS A 109 -11.99 -0.20 -20.55
C LYS A 109 -11.74 1.23 -21.07
N VAL A 110 -11.75 2.25 -20.19
CA VAL A 110 -11.46 3.65 -20.59
C VAL A 110 -9.93 3.85 -20.80
N HIS A 111 -9.55 4.27 -22.03
CA HIS A 111 -8.13 4.50 -22.39
C HIS A 111 -8.00 5.55 -23.53
N LYS A 112 -6.96 6.37 -23.43
CA LYS A 112 -6.62 7.39 -24.45
C LYS A 112 -5.16 7.19 -24.89
N GLY A 113 -4.25 7.07 -23.89
CA GLY A 113 -2.82 6.80 -24.13
C GLY A 113 -2.08 8.01 -24.72
N THR A 114 -2.25 8.23 -26.03
CA THR A 114 -1.67 9.39 -26.75
C THR A 114 -2.22 10.76 -26.23
N GLY A 1 -18.83 5.21 -18.08
CA GLY A 1 -17.71 5.58 -18.97
C GLY A 1 -16.38 5.02 -18.51
N SER A 2 -15.28 5.78 -18.75
CA SER A 2 -13.92 5.39 -18.33
C SER A 2 -13.65 5.79 -16.85
N ASP A 3 -14.23 5.00 -15.93
CA ASP A 3 -14.02 5.14 -14.47
C ASP A 3 -12.66 4.51 -14.04
N PRO A 4 -11.99 5.01 -12.95
CA PRO A 4 -10.75 4.37 -12.42
C PRO A 4 -11.03 3.02 -11.70
N GLU A 5 -12.27 2.86 -11.17
CA GLU A 5 -12.69 1.70 -10.33
C GLU A 5 -11.75 1.48 -9.13
N SER A 6 -11.41 2.62 -8.47
CA SER A 6 -10.47 2.66 -7.33
C SER A 6 -10.88 1.68 -6.21
N SER A 7 -12.18 1.69 -5.82
CA SER A 7 -12.73 0.81 -4.74
C SER A 7 -12.32 -0.69 -4.90
N ILE A 8 -12.47 -1.21 -6.14
CA ILE A 8 -12.02 -2.58 -6.53
C ILE A 8 -10.53 -2.76 -6.19
N PHE A 9 -9.69 -1.90 -6.77
CA PHE A 9 -8.22 -1.89 -6.53
C PHE A 9 -7.88 -1.77 -5.02
N ILE A 10 -8.68 -1.00 -4.24
CA ILE A 10 -8.42 -0.76 -2.80
C ILE A 10 -8.57 -2.06 -2.00
N GLU A 11 -9.77 -2.68 -2.07
CA GLU A 11 -10.03 -3.90 -1.29
C GLU A 11 -9.16 -5.07 -1.78
N ASP A 12 -8.98 -5.17 -3.12
CA ASP A 12 -8.07 -6.14 -3.76
C ASP A 12 -6.58 -5.95 -3.33
N ALA A 13 -6.17 -4.68 -3.12
CA ALA A 13 -4.80 -4.35 -2.63
C ALA A 13 -4.63 -4.73 -1.15
N ILE A 14 -5.67 -4.47 -0.34
CA ILE A 14 -5.71 -4.92 1.08
C ILE A 14 -5.61 -6.47 1.15
N LYS A 15 -6.29 -7.18 0.21
CA LYS A 15 -6.15 -8.65 0.05
C LYS A 15 -4.68 -9.03 -0.22
N TYR A 16 -4.02 -8.29 -1.10
CA TYR A 16 -2.59 -8.47 -1.42
C TYR A 16 -1.69 -8.20 -0.19
N PHE A 17 -2.04 -7.18 0.63
CA PHE A 17 -1.26 -6.80 1.83
C PHE A 17 -1.53 -7.73 3.04
N LYS A 18 -2.69 -8.43 3.08
CA LYS A 18 -3.04 -9.33 4.20
C LYS A 18 -2.68 -10.81 3.88
N GLU A 19 -2.77 -11.19 2.60
CA GLU A 19 -2.54 -12.59 2.14
C GLU A 19 -1.10 -12.80 1.62
N LYS A 20 -0.63 -11.89 0.72
CA LYS A 20 0.71 -12.01 0.10
C LYS A 20 1.81 -11.36 0.98
N VAL A 21 1.47 -10.21 1.60
CA VAL A 21 2.37 -9.47 2.52
C VAL A 21 2.01 -9.79 4.00
N SER A 22 3.03 -9.79 4.89
CA SER A 22 2.79 -9.97 6.35
C SER A 22 2.29 -8.65 7.00
N THR A 23 1.52 -8.78 8.11
CA THR A 23 0.95 -7.63 8.85
C THR A 23 2.07 -6.65 9.28
N GLN A 24 3.08 -7.17 10.01
CA GLN A 24 4.23 -6.38 10.50
C GLN A 24 5.00 -5.66 9.34
N ASN A 25 5.10 -6.34 8.17
CA ASN A 25 5.72 -5.78 6.96
C ASN A 25 4.95 -4.54 6.44
N LEU A 26 3.62 -4.67 6.28
CA LEU A 26 2.77 -3.56 5.76
C LEU A 26 2.66 -2.40 6.80
N LEU A 27 2.67 -2.74 8.12
CA LEU A 27 2.62 -1.73 9.21
C LEU A 27 3.90 -0.87 9.23
N LEU A 28 5.06 -1.52 9.02
CA LEU A 28 6.37 -0.86 8.89
C LEU A 28 6.39 0.07 7.63
N LEU A 29 5.69 -0.37 6.57
CA LEU A 29 5.53 0.39 5.31
C LEU A 29 4.61 1.64 5.54
N LEU A 30 3.59 1.49 6.41
CA LEU A 30 2.66 2.58 6.79
C LEU A 30 3.31 3.64 7.73
N THR A 31 4.12 3.16 8.70
CA THR A 31 4.80 4.06 9.69
C THR A 31 5.84 4.98 9.00
N ASP A 32 6.60 4.39 8.07
CA ASP A 32 7.58 5.13 7.26
C ASP A 32 6.84 5.84 6.10
N ASN A 33 6.74 7.18 6.20
CA ASN A 33 6.03 8.04 5.22
C ASN A 33 6.58 7.89 3.77
N GLU A 34 7.93 7.78 3.63
CA GLU A 34 8.58 7.60 2.30
C GLU A 34 8.41 6.16 1.74
N ALA A 35 8.11 5.19 2.62
CA ALA A 35 7.86 3.78 2.19
C ALA A 35 6.47 3.67 1.54
N TRP A 36 5.48 4.39 2.11
CA TRP A 36 4.13 4.51 1.50
C TRP A 36 4.21 5.21 0.12
N ASN A 37 4.91 6.36 0.09
CA ASN A 37 5.12 7.14 -1.15
C ASN A 37 6.03 6.38 -2.14
N GLY A 38 6.90 5.50 -1.61
CA GLY A 38 7.73 4.59 -2.44
C GLY A 38 6.89 3.55 -3.18
N PHE A 39 5.77 3.14 -2.56
CA PHE A 39 4.74 2.29 -3.17
C PHE A 39 3.90 3.10 -4.21
N VAL A 40 3.27 4.20 -3.76
CA VAL A 40 2.29 4.99 -4.55
C VAL A 40 2.91 5.66 -5.80
N ALA A 41 4.06 6.34 -5.62
CA ALA A 41 4.74 7.09 -6.71
C ALA A 41 5.29 6.15 -7.81
N ALA A 42 5.82 4.98 -7.39
CA ALA A 42 6.26 3.91 -8.31
C ALA A 42 5.05 3.33 -9.10
N ALA A 43 3.98 3.01 -8.35
CA ALA A 43 2.72 2.48 -8.91
C ALA A 43 1.90 3.55 -9.69
N GLU A 44 2.33 4.83 -9.62
CA GLU A 44 1.73 5.99 -10.35
C GLU A 44 0.22 6.20 -10.02
N LEU A 45 -0.11 6.08 -8.73
CA LEU A 45 -1.51 6.13 -8.25
C LEU A 45 -2.00 7.58 -8.01
N PRO A 46 -3.19 7.98 -8.57
CA PRO A 46 -3.84 9.29 -8.29
C PRO A 46 -4.24 9.44 -6.81
N ARG A 47 -4.33 10.71 -6.32
CA ARG A 47 -4.63 11.06 -4.89
C ARG A 47 -5.85 10.29 -4.30
N ASN A 48 -6.83 9.97 -5.18
CA ASN A 48 -8.09 9.30 -4.80
C ASN A 48 -7.82 7.95 -4.09
N GLU A 49 -7.18 7.03 -4.84
CA GLU A 49 -6.81 5.70 -4.32
C GLU A 49 -5.57 5.77 -3.43
N ALA A 50 -4.63 6.69 -3.75
CA ALA A 50 -3.43 6.95 -2.91
C ALA A 50 -3.79 7.27 -1.43
N ASP A 51 -4.94 7.95 -1.23
CA ASP A 51 -5.56 8.13 0.10
C ASP A 51 -6.36 6.88 0.55
N GLU A 52 -7.33 6.43 -0.28
CA GLU A 52 -8.27 5.32 0.08
C GLU A 52 -7.55 3.99 0.54
N LEU A 53 -6.39 3.71 -0.06
CA LEU A 53 -5.54 2.54 0.29
C LEU A 53 -5.04 2.63 1.75
N ARG A 54 -4.30 3.72 2.07
CA ARG A 54 -3.73 3.95 3.43
C ARG A 54 -4.83 4.20 4.47
N LYS A 55 -6.01 4.67 4.03
CA LYS A 55 -7.20 4.82 4.89
C LYS A 55 -7.74 3.45 5.35
N ALA A 56 -7.86 2.49 4.42
CA ALA A 56 -8.32 1.12 4.73
C ALA A 56 -7.26 0.33 5.56
N LEU A 57 -5.98 0.50 5.19
CA LEU A 57 -4.82 -0.06 5.94
C LEU A 57 -4.60 0.66 7.30
N ASP A 58 -5.12 1.92 7.42
CA ASP A 58 -5.15 2.66 8.71
C ASP A 58 -6.13 2.00 9.68
N ASN A 59 -7.30 1.56 9.17
CA ASN A 59 -8.29 0.77 9.98
C ASN A 59 -7.68 -0.57 10.46
N LEU A 60 -6.84 -1.19 9.63
CA LEU A 60 -6.08 -2.41 10.02
C LEU A 60 -5.08 -2.09 11.16
N ALA A 61 -4.31 -1.01 10.98
CA ALA A 61 -3.32 -0.54 11.97
C ALA A 61 -3.98 0.06 13.24
N ARG A 62 -5.24 0.52 13.10
CA ARG A 62 -6.04 1.13 14.20
C ARG A 62 -6.38 0.06 15.27
N GLN A 63 -6.58 -1.17 14.80
CA GLN A 63 -6.77 -2.37 15.65
C GLN A 63 -5.46 -2.78 16.37
N MET A 64 -4.31 -2.51 15.73
CA MET A 64 -2.97 -2.92 16.23
C MET A 64 -2.43 -1.95 17.30
N ILE A 65 -2.73 -0.64 17.14
CA ILE A 65 -2.32 0.43 18.11
C ILE A 65 -3.08 0.32 19.46
N MET A 66 -4.22 -0.40 19.45
CA MET A 66 -5.01 -0.70 20.67
C MET A 66 -4.14 -1.43 21.74
N LYS A 67 -3.33 -2.39 21.28
CA LYS A 67 -2.47 -3.21 22.15
C LYS A 67 -1.01 -2.65 22.19
N ASP A 68 -0.49 -2.21 21.03
CA ASP A 68 0.91 -1.76 20.87
C ASP A 68 1.01 -0.22 20.86
N LYS A 69 1.99 0.35 21.61
CA LYS A 69 2.18 1.81 21.72
C LYS A 69 3.56 2.26 21.15
N ASN A 70 4.35 1.31 20.62
CA ASN A 70 5.76 1.54 20.20
C ASN A 70 5.90 2.22 18.81
N TRP A 71 4.75 2.57 18.22
CA TRP A 71 4.66 3.25 16.90
C TRP A 71 5.36 4.62 16.92
N HIS A 72 5.00 5.46 17.92
CA HIS A 72 5.63 6.79 18.10
C HIS A 72 7.01 6.68 18.79
N ASP A 73 7.25 5.54 19.47
CA ASP A 73 8.43 5.34 20.34
C ASP A 73 9.69 4.89 19.56
N LYS A 74 9.65 5.00 18.20
CA LYS A 74 10.81 4.71 17.32
C LYS A 74 11.97 5.73 17.57
N GLY A 75 11.60 7.02 17.74
CA GLY A 75 12.55 8.09 18.08
C GLY A 75 13.68 8.31 17.07
N GLN A 76 13.40 8.07 15.77
CA GLN A 76 14.37 8.29 14.68
C GLN A 76 14.46 9.79 14.31
N GLN A 77 15.38 10.51 14.95
CA GLN A 77 15.72 11.90 14.58
C GLN A 77 16.80 11.88 13.47
N TYR A 78 17.95 11.26 13.80
CA TYR A 78 19.05 11.04 12.84
C TYR A 78 18.77 9.74 12.05
N ARG A 79 17.96 9.87 10.99
CA ARG A 79 17.55 8.73 10.14
C ARG A 79 18.69 8.30 9.17
N ASN A 80 18.70 7.00 8.83
CA ASN A 80 19.75 6.40 7.97
C ASN A 80 19.50 6.72 6.48
N TRP A 81 20.26 7.67 5.93
CA TRP A 81 20.08 8.16 4.54
C TRP A 81 20.78 7.23 3.51
N PHE A 82 22.00 6.73 3.83
CA PHE A 82 22.69 5.72 2.98
C PHE A 82 21.84 4.43 2.88
N LEU A 83 21.25 4.04 4.02
CA LEU A 83 20.35 2.87 4.13
C LEU A 83 18.95 3.14 3.51
N LYS A 84 18.72 4.37 3.02
CA LYS A 84 17.57 4.68 2.15
C LYS A 84 18.01 4.66 0.64
N GLU A 85 19.17 5.27 0.35
CA GLU A 85 19.69 5.46 -1.03
C GLU A 85 20.72 4.36 -1.44
N PHE A 86 20.35 3.09 -1.21
CA PHE A 86 21.21 1.91 -1.51
C PHE A 86 20.40 0.57 -1.59
N PRO A 87 19.52 0.19 -0.57
CA PRO A 87 18.75 -1.09 -0.60
C PRO A 87 17.84 -1.25 -1.85
N ARG A 88 17.47 -2.51 -2.14
CA ARG A 88 16.61 -2.88 -3.29
C ARG A 88 15.25 -2.12 -3.27
N LEU A 89 15.05 -1.22 -4.27
CA LEU A 89 13.75 -0.54 -4.45
C LEU A 89 12.67 -1.55 -4.88
N LYS A 90 11.42 -1.30 -4.47
CA LYS A 90 10.31 -2.24 -4.68
C LYS A 90 9.70 -2.12 -6.10
N SER A 91 10.43 -2.73 -7.06
CA SER A 91 10.05 -2.82 -8.47
C SER A 91 8.97 -3.87 -8.67
N GLU A 92 9.27 -5.08 -8.15
CA GLU A 92 8.37 -6.26 -8.19
C GLU A 92 7.06 -6.04 -7.40
N LEU A 93 7.10 -5.19 -6.36
CA LEU A 93 5.90 -4.81 -5.56
C LEU A 93 4.89 -4.07 -6.44
N GLU A 94 5.32 -2.93 -7.05
CA GLU A 94 4.46 -2.13 -7.94
C GLU A 94 4.11 -2.91 -9.23
N ASP A 95 5.02 -3.78 -9.67
CA ASP A 95 4.79 -4.71 -10.81
C ASP A 95 3.57 -5.66 -10.54
N ASN A 96 3.45 -6.14 -9.29
CA ASN A 96 2.36 -7.05 -8.87
C ASN A 96 1.06 -6.31 -8.46
N ILE A 97 1.18 -5.09 -7.90
CA ILE A 97 -0.01 -4.33 -7.40
C ILE A 97 -0.76 -3.62 -8.56
N ARG A 98 0.00 -3.13 -9.57
CA ARG A 98 -0.56 -2.44 -10.77
C ARG A 98 -1.36 -3.40 -11.67
N ARG A 99 -1.18 -4.72 -11.49
CA ARG A 99 -2.07 -5.76 -12.05
C ARG A 99 -3.55 -5.44 -11.68
N LEU A 100 -3.80 -5.31 -10.37
CA LEU A 100 -5.15 -5.02 -9.79
C LEU A 100 -5.71 -3.67 -10.31
N ARG A 101 -4.82 -2.68 -10.45
CA ARG A 101 -5.18 -1.33 -10.95
C ARG A 101 -5.58 -1.40 -12.44
N ALA A 102 -4.75 -2.10 -13.22
CA ALA A 102 -4.97 -2.26 -14.68
C ALA A 102 -6.22 -3.13 -14.98
N LEU A 103 -6.56 -4.06 -14.07
CA LEU A 103 -7.80 -4.87 -14.16
C LEU A 103 -9.05 -4.04 -13.78
N ALA A 104 -8.96 -3.25 -12.69
CA ALA A 104 -10.05 -2.37 -12.21
C ALA A 104 -10.37 -1.27 -13.26
N ASP A 105 -9.35 -0.45 -13.57
CA ASP A 105 -9.38 0.52 -14.69
C ASP A 105 -9.74 -0.17 -16.04
N GLY A 106 -9.17 -1.38 -16.25
CA GLY A 106 -9.43 -2.19 -17.45
C GLY A 106 -10.91 -2.53 -17.70
N VAL A 107 -11.71 -2.71 -16.63
CA VAL A 107 -13.18 -2.93 -16.74
C VAL A 107 -13.86 -1.79 -17.55
N GLN A 108 -13.29 -0.58 -17.44
CA GLN A 108 -13.80 0.64 -18.09
C GLN A 108 -12.84 1.10 -19.21
N LYS A 109 -12.08 0.15 -19.79
CA LYS A 109 -10.95 0.46 -20.69
C LYS A 109 -10.67 -0.67 -21.73
N VAL A 110 -11.62 -1.61 -21.90
CA VAL A 110 -11.48 -2.72 -22.89
C VAL A 110 -11.83 -2.22 -24.32
N HIS A 111 -10.88 -2.39 -25.25
CA HIS A 111 -11.05 -2.00 -26.68
C HIS A 111 -11.85 -3.08 -27.47
N LYS A 112 -11.81 -4.34 -26.99
CA LYS A 112 -12.54 -5.48 -27.60
C LYS A 112 -13.94 -5.66 -26.92
N GLY A 113 -15.01 -5.35 -27.66
CA GLY A 113 -16.39 -5.53 -27.14
C GLY A 113 -17.44 -5.56 -28.25
N THR A 114 -18.10 -4.41 -28.46
CA THR A 114 -19.14 -4.25 -29.50
C THR A 114 -18.55 -3.55 -30.78
N GLY A 1 -22.55 5.30 -15.57
CA GLY A 1 -21.59 4.60 -14.65
C GLY A 1 -20.15 4.63 -15.17
N SER A 2 -19.51 5.81 -15.09
CA SER A 2 -18.10 6.01 -15.54
C SER A 2 -17.20 6.38 -14.34
N ASP A 3 -17.29 5.57 -13.27
CA ASP A 3 -16.41 5.67 -12.09
C ASP A 3 -14.98 5.16 -12.42
N PRO A 4 -13.90 5.63 -11.71
CA PRO A 4 -12.54 5.02 -11.82
C PRO A 4 -12.51 3.56 -11.28
N GLU A 5 -13.54 3.18 -10.47
CA GLU A 5 -13.66 1.85 -9.83
C GLU A 5 -12.44 1.51 -8.95
N SER A 6 -11.95 2.55 -8.24
CA SER A 6 -10.82 2.43 -7.30
C SER A 6 -11.18 1.50 -6.12
N SER A 7 -12.47 1.47 -5.74
CA SER A 7 -13.01 0.54 -4.70
C SER A 7 -12.66 -0.95 -4.98
N ILE A 8 -12.72 -1.33 -6.27
CA ILE A 8 -12.29 -2.67 -6.77
C ILE A 8 -10.78 -2.90 -6.50
N PHE A 9 -9.97 -1.92 -6.95
CA PHE A 9 -8.51 -1.90 -6.76
C PHE A 9 -8.13 -2.03 -5.25
N ILE A 10 -8.83 -1.26 -4.39
CA ILE A 10 -8.56 -1.20 -2.93
C ILE A 10 -8.92 -2.52 -2.25
N GLU A 11 -10.14 -3.06 -2.51
CA GLU A 11 -10.58 -4.30 -1.85
C GLU A 11 -9.69 -5.49 -2.29
N ASP A 12 -9.27 -5.51 -3.57
CA ASP A 12 -8.37 -6.57 -4.09
C ASP A 12 -6.93 -6.41 -3.51
N ALA A 13 -6.47 -5.15 -3.38
CA ALA A 13 -5.15 -4.80 -2.82
C ALA A 13 -5.03 -5.18 -1.33
N ILE A 14 -6.02 -4.74 -0.53
CA ILE A 14 -6.12 -5.02 0.92
C ILE A 14 -6.12 -6.55 1.20
N LYS A 15 -6.79 -7.32 0.33
CA LYS A 15 -6.72 -8.82 0.34
C LYS A 15 -5.27 -9.30 0.18
N TYR A 16 -4.57 -8.79 -0.86
CA TYR A 16 -3.16 -9.15 -1.11
C TYR A 16 -2.23 -8.71 0.08
N PHE A 17 -2.54 -7.57 0.72
CA PHE A 17 -1.78 -7.05 1.88
C PHE A 17 -2.01 -7.92 3.15
N LYS A 18 -3.25 -8.38 3.37
CA LYS A 18 -3.60 -9.10 4.63
C LYS A 18 -3.33 -10.61 4.53
N GLU A 19 -3.40 -11.17 3.31
CA GLU A 19 -3.21 -12.62 3.05
C GLU A 19 -1.77 -12.95 2.58
N LYS A 20 -1.33 -12.26 1.51
CA LYS A 20 -0.04 -12.58 0.81
C LYS A 20 1.17 -11.84 1.43
N VAL A 21 0.95 -10.59 1.89
CA VAL A 21 1.97 -9.79 2.60
C VAL A 21 1.82 -9.99 4.14
N SER A 22 2.95 -10.00 4.86
CA SER A 22 2.93 -10.08 6.34
C SER A 22 2.47 -8.74 6.96
N THR A 23 1.77 -8.83 8.12
CA THR A 23 1.24 -7.66 8.84
C THR A 23 2.35 -6.62 9.14
N GLN A 24 3.46 -7.09 9.76
CA GLN A 24 4.62 -6.23 10.09
C GLN A 24 5.28 -5.58 8.84
N ASN A 25 5.24 -6.31 7.70
CA ASN A 25 5.80 -5.83 6.41
C ASN A 25 4.98 -4.65 5.84
N LEU A 26 3.63 -4.77 5.83
CA LEU A 26 2.75 -3.67 5.35
C LEU A 26 2.71 -2.50 6.38
N LEU A 27 2.86 -2.83 7.69
CA LEU A 27 2.93 -1.82 8.78
C LEU A 27 4.20 -0.97 8.68
N LEU A 28 5.27 -1.52 8.03
CA LEU A 28 6.51 -0.77 7.74
C LEU A 28 6.20 0.43 6.79
N LEU A 29 5.36 0.17 5.78
CA LEU A 29 4.88 1.21 4.83
C LEU A 29 3.89 2.18 5.53
N LEU A 30 3.04 1.64 6.41
CA LEU A 30 2.03 2.45 7.17
C LEU A 30 2.66 3.32 8.29
N THR A 31 3.80 2.89 8.87
CA THR A 31 4.46 3.63 9.99
C THR A 31 5.39 4.75 9.48
N ASP A 32 5.77 4.67 8.19
CA ASP A 32 6.74 5.60 7.59
C ASP A 32 6.16 6.28 6.32
N ASN A 33 6.12 7.61 6.32
CA ASN A 33 5.57 8.43 5.21
C ASN A 33 6.36 8.25 3.89
N GLU A 34 7.70 8.11 3.98
CA GLU A 34 8.58 7.94 2.79
C GLU A 34 8.52 6.51 2.23
N ALA A 35 8.20 5.53 3.08
CA ALA A 35 8.00 4.13 2.66
C ALA A 35 6.67 3.98 1.87
N TRP A 36 5.61 4.68 2.35
CA TRP A 36 4.32 4.71 1.65
C TRP A 36 4.40 5.52 0.33
N ASN A 37 4.99 6.72 0.37
CA ASN A 37 5.20 7.57 -0.84
C ASN A 37 6.19 6.91 -1.82
N GLY A 38 7.16 6.16 -1.29
CA GLY A 38 8.07 5.34 -2.11
C GLY A 38 7.33 4.22 -2.86
N PHE A 39 6.34 3.61 -2.17
CA PHE A 39 5.42 2.62 -2.75
C PHE A 39 4.55 3.26 -3.87
N VAL A 40 3.74 4.27 -3.51
CA VAL A 40 2.78 4.92 -4.43
C VAL A 40 3.47 5.55 -5.67
N ALA A 41 4.61 6.21 -5.46
CA ALA A 41 5.35 6.92 -6.53
C ALA A 41 5.99 5.95 -7.56
N ALA A 42 6.58 4.84 -7.07
CA ALA A 42 7.16 3.78 -7.95
C ALA A 42 6.06 2.96 -8.66
N ALA A 43 4.94 2.75 -7.95
CA ALA A 43 3.71 2.16 -8.52
C ALA A 43 2.95 3.15 -9.45
N GLU A 44 3.32 4.45 -9.39
CA GLU A 44 2.72 5.54 -10.19
C GLU A 44 1.17 5.62 -10.03
N LEU A 45 0.69 5.30 -8.81
CA LEU A 45 -0.74 5.34 -8.48
C LEU A 45 -1.22 6.78 -8.28
N PRO A 46 -2.41 7.16 -8.85
CA PRO A 46 -2.99 8.51 -8.65
C PRO A 46 -3.51 8.69 -7.20
N ARG A 47 -3.79 9.95 -6.82
CA ARG A 47 -4.18 10.32 -5.44
C ARG A 47 -5.46 9.57 -4.95
N ASN A 48 -6.30 9.12 -5.92
CA ASN A 48 -7.57 8.39 -5.63
C ASN A 48 -7.31 7.16 -4.73
N GLU A 49 -6.56 6.17 -5.27
CA GLU A 49 -6.16 4.99 -4.49
C GLU A 49 -5.01 5.31 -3.52
N ALA A 50 -4.12 6.26 -3.86
CA ALA A 50 -3.02 6.69 -2.95
C ALA A 50 -3.54 7.08 -1.53
N ASP A 51 -4.77 7.66 -1.51
CA ASP A 51 -5.53 7.90 -0.26
C ASP A 51 -6.34 6.64 0.19
N GLU A 52 -7.24 6.13 -0.70
CA GLU A 52 -8.21 5.04 -0.33
C GLU A 52 -7.52 3.74 0.21
N LEU A 53 -6.33 3.42 -0.33
CA LEU A 53 -5.49 2.29 0.15
C LEU A 53 -5.12 2.46 1.64
N ARG A 54 -4.41 3.57 1.98
CA ARG A 54 -3.93 3.82 3.35
C ARG A 54 -5.10 4.08 4.33
N LYS A 55 -6.25 4.54 3.82
CA LYS A 55 -7.50 4.63 4.62
C LYS A 55 -7.98 3.24 5.11
N ALA A 56 -8.05 2.28 4.17
CA ALA A 56 -8.53 0.90 4.44
C ALA A 56 -7.48 0.07 5.24
N LEU A 57 -6.19 0.30 4.96
CA LEU A 57 -5.07 -0.36 5.67
C LEU A 57 -4.86 0.24 7.09
N ASP A 58 -5.25 1.52 7.29
CA ASP A 58 -5.22 2.16 8.63
C ASP A 58 -6.22 1.49 9.59
N ASN A 59 -7.32 0.93 9.03
CA ASN A 59 -8.33 0.16 9.79
C ASN A 59 -7.73 -1.15 10.37
N LEU A 60 -6.73 -1.73 9.65
CA LEU A 60 -5.94 -2.88 10.15
C LEU A 60 -4.90 -2.42 11.20
N ALA A 61 -4.22 -1.29 10.91
CA ALA A 61 -3.19 -0.69 11.80
C ALA A 61 -3.79 -0.08 13.10
N ARG A 62 -5.08 0.27 13.03
CA ARG A 62 -5.82 0.97 14.12
C ARG A 62 -5.84 0.13 15.42
N GLN A 63 -6.22 -1.14 15.31
CA GLN A 63 -6.25 -2.09 16.45
C GLN A 63 -4.82 -2.41 16.98
N MET A 64 -3.82 -2.28 16.08
CA MET A 64 -2.40 -2.54 16.43
C MET A 64 -1.83 -1.42 17.32
N ILE A 65 -2.03 -0.16 16.92
CA ILE A 65 -1.48 1.03 17.65
C ILE A 65 -2.11 1.22 19.06
N MET A 66 -3.27 0.57 19.30
CA MET A 66 -3.95 0.58 20.62
C MET A 66 -3.17 -0.29 21.65
N LYS A 67 -2.87 -1.54 21.26
CA LYS A 67 -2.28 -2.56 22.16
C LYS A 67 -0.74 -2.60 22.08
N ASP A 68 -0.20 -2.52 20.86
CA ASP A 68 1.24 -2.49 20.59
C ASP A 68 1.83 -1.09 20.88
N LYS A 69 2.83 -1.02 21.78
CA LYS A 69 3.60 0.21 22.02
C LYS A 69 5.00 0.12 21.37
N ASN A 70 5.30 -1.06 20.74
CA ASN A 70 6.58 -1.31 20.00
C ASN A 70 6.77 -0.39 18.76
N TRP A 71 5.74 0.43 18.46
CA TRP A 71 5.81 1.50 17.46
C TRP A 71 6.79 2.65 17.89
N HIS A 72 6.66 3.11 19.16
CA HIS A 72 7.37 4.33 19.65
C HIS A 72 8.13 4.14 20.99
N ASP A 73 8.16 2.92 21.55
CA ASP A 73 8.74 2.65 22.90
C ASP A 73 10.27 2.91 22.95
N LYS A 74 10.99 2.42 21.93
CA LYS A 74 12.43 2.75 21.71
C LYS A 74 12.55 4.02 20.84
N GLY A 75 11.59 4.22 19.92
CA GLY A 75 11.59 5.33 18.94
C GLY A 75 12.41 5.05 17.67
N GLN A 76 13.37 4.11 17.77
CA GLN A 76 14.12 3.53 16.65
C GLN A 76 14.28 2.01 16.90
N GLN A 77 13.92 1.18 15.90
CA GLN A 77 14.12 -0.27 15.96
C GLN A 77 15.61 -0.60 15.66
N TYR A 78 16.03 -0.35 14.40
CA TYR A 78 17.44 -0.43 13.95
C TYR A 78 17.56 0.07 12.49
N ARG A 79 18.76 0.58 12.12
CA ARG A 79 19.04 1.08 10.77
C ARG A 79 19.04 -0.08 9.72
N ASN A 80 17.86 -0.32 9.12
CA ASN A 80 17.66 -1.39 8.11
C ASN A 80 16.93 -0.89 6.85
N TRP A 81 16.69 0.43 6.73
CA TRP A 81 15.98 1.03 5.57
C TRP A 81 16.64 0.65 4.21
N PHE A 82 17.91 1.09 4.04
CA PHE A 82 18.70 0.80 2.82
C PHE A 82 18.93 -0.72 2.63
N LEU A 83 18.80 -1.49 3.73
CA LEU A 83 19.04 -2.95 3.75
C LEU A 83 17.78 -3.71 3.25
N LYS A 84 16.59 -3.16 3.52
CA LYS A 84 15.28 -3.75 3.09
C LYS A 84 14.96 -3.34 1.63
N GLU A 85 15.24 -2.06 1.30
CA GLU A 85 15.13 -1.55 -0.09
C GLU A 85 16.49 -1.64 -0.85
N PHE A 86 17.34 -2.60 -0.44
CA PHE A 86 18.60 -2.94 -1.13
C PHE A 86 18.31 -3.69 -2.48
N PRO A 87 17.53 -4.84 -2.51
CA PRO A 87 17.14 -5.51 -3.78
C PRO A 87 15.87 -4.87 -4.45
N ARG A 88 15.65 -5.24 -5.73
CA ARG A 88 14.43 -4.83 -6.49
C ARG A 88 13.20 -5.71 -6.11
N LEU A 89 13.41 -6.66 -5.15
CA LEU A 89 12.36 -7.54 -4.59
C LEU A 89 11.14 -6.74 -4.03
N LYS A 90 11.41 -5.60 -3.36
CA LYS A 90 10.35 -4.71 -2.83
C LYS A 90 9.62 -3.96 -3.99
N SER A 91 10.37 -3.65 -5.08
CA SER A 91 9.80 -2.98 -6.29
C SER A 91 8.79 -3.88 -7.03
N GLU A 92 8.87 -5.20 -6.77
CA GLU A 92 7.88 -6.18 -7.27
C GLU A 92 6.50 -6.01 -6.58
N LEU A 93 6.48 -5.42 -5.36
CA LEU A 93 5.22 -5.00 -4.67
C LEU A 93 4.61 -3.80 -5.45
N GLU A 94 5.46 -2.78 -5.70
CA GLU A 94 5.09 -1.62 -6.54
C GLU A 94 4.76 -2.02 -8.00
N ASP A 95 5.26 -3.18 -8.44
CA ASP A 95 5.00 -3.72 -9.79
C ASP A 95 3.61 -4.40 -9.86
N ASN A 96 3.38 -5.40 -8.98
CA ASN A 96 2.17 -6.24 -9.02
C ASN A 96 0.88 -5.47 -8.66
N ILE A 97 1.01 -4.45 -7.79
CA ILE A 97 -0.13 -3.60 -7.39
C ILE A 97 -0.73 -2.84 -8.63
N ARG A 98 0.15 -2.49 -9.60
CA ARG A 98 -0.23 -1.79 -10.86
C ARG A 98 -1.09 -2.68 -11.77
N ARG A 99 -0.93 -4.01 -11.65
CA ARG A 99 -1.73 -4.99 -12.39
C ARG A 99 -3.24 -4.82 -12.07
N LEU A 100 -3.57 -4.63 -10.77
CA LEU A 100 -4.96 -4.43 -10.31
C LEU A 100 -5.59 -3.13 -10.90
N ARG A 101 -4.75 -2.09 -11.02
CA ARG A 101 -5.10 -0.81 -11.70
C ARG A 101 -5.34 -1.04 -13.22
N ALA A 102 -4.46 -1.82 -13.86
CA ALA A 102 -4.59 -2.15 -15.29
C ALA A 102 -5.81 -3.07 -15.56
N LEU A 103 -6.20 -3.88 -14.55
CA LEU A 103 -7.43 -4.71 -14.59
C LEU A 103 -8.69 -3.85 -14.36
N ALA A 104 -8.56 -2.84 -13.46
CA ALA A 104 -9.65 -1.88 -13.15
C ALA A 104 -10.04 -1.06 -14.40
N ASP A 105 -9.03 -0.48 -15.09
CA ASP A 105 -9.21 0.15 -16.41
C ASP A 105 -9.51 -0.90 -17.50
N GLY A 106 -8.95 -2.11 -17.36
CA GLY A 106 -9.21 -3.24 -18.30
C GLY A 106 -10.69 -3.62 -18.42
N VAL A 107 -11.46 -3.39 -17.35
CA VAL A 107 -12.94 -3.55 -17.35
C VAL A 107 -13.64 -2.21 -17.75
N GLN A 108 -13.32 -1.15 -17.00
CA GLN A 108 -14.05 0.13 -17.03
C GLN A 108 -13.72 1.01 -18.27
N LYS A 109 -12.41 1.18 -18.56
CA LYS A 109 -11.89 1.91 -19.75
C LYS A 109 -12.13 3.45 -19.69
N VAL A 110 -12.21 4.02 -18.46
CA VAL A 110 -12.41 5.48 -18.28
C VAL A 110 -11.19 6.31 -18.76
N HIS A 111 -9.99 5.95 -18.29
CA HIS A 111 -8.74 6.69 -18.60
C HIS A 111 -7.51 5.81 -18.31
N LYS A 112 -6.50 5.90 -19.18
CA LYS A 112 -5.22 5.18 -19.03
C LYS A 112 -4.48 5.57 -17.71
N GLY A 113 -4.65 4.74 -16.66
CA GLY A 113 -3.99 4.95 -15.36
C GLY A 113 -2.47 4.67 -15.42
N THR A 114 -2.08 3.38 -15.32
CA THR A 114 -0.67 2.95 -15.50
C THR A 114 -0.35 2.69 -17.00
N GLY A 1 -20.66 6.21 -14.78
CA GLY A 1 -19.86 5.30 -15.66
C GLY A 1 -18.63 5.96 -16.27
N SER A 2 -17.78 6.56 -15.41
CA SER A 2 -16.50 7.22 -15.85
C SER A 2 -15.47 7.23 -14.70
N ASP A 3 -15.73 6.39 -13.68
CA ASP A 3 -14.98 6.37 -12.40
C ASP A 3 -13.70 5.50 -12.47
N PRO A 4 -12.67 5.78 -11.61
CA PRO A 4 -11.40 4.99 -11.59
C PRO A 4 -11.57 3.54 -11.04
N GLU A 5 -12.70 3.31 -10.31
CA GLU A 5 -12.99 2.02 -9.62
C GLU A 5 -11.87 1.64 -8.63
N SER A 6 -11.30 2.67 -7.96
CA SER A 6 -10.19 2.52 -6.99
C SER A 6 -10.58 1.59 -5.82
N SER A 7 -11.86 1.66 -5.39
CA SER A 7 -12.42 0.79 -4.32
C SER A 7 -12.18 -0.73 -4.59
N ILE A 8 -12.34 -1.14 -5.87
CA ILE A 8 -12.07 -2.54 -6.31
C ILE A 8 -10.55 -2.88 -6.14
N PHE A 9 -9.71 -1.97 -6.65
CA PHE A 9 -8.24 -2.05 -6.49
C PHE A 9 -7.82 -2.10 -5.00
N ILE A 10 -8.55 -1.37 -4.14
CA ILE A 10 -8.28 -1.28 -2.68
C ILE A 10 -8.57 -2.62 -1.99
N GLU A 11 -9.81 -3.14 -2.16
CA GLU A 11 -10.22 -4.40 -1.52
C GLU A 11 -9.34 -5.57 -2.01
N ASP A 12 -8.96 -5.57 -3.31
CA ASP A 12 -8.04 -6.60 -3.86
C ASP A 12 -6.59 -6.43 -3.32
N ALA A 13 -6.13 -5.16 -3.21
CA ALA A 13 -4.76 -4.85 -2.70
C ALA A 13 -4.61 -5.24 -1.21
N ILE A 14 -5.67 -5.03 -0.41
CA ILE A 14 -5.71 -5.41 1.04
C ILE A 14 -5.58 -6.94 1.21
N LYS A 15 -6.20 -7.73 0.29
CA LYS A 15 -6.01 -9.21 0.23
C LYS A 15 -4.52 -9.56 -0.06
N TYR A 16 -3.85 -8.78 -0.93
CA TYR A 16 -2.39 -8.94 -1.16
C TYR A 16 -1.60 -8.59 0.13
N PHE A 17 -1.99 -7.49 0.81
CA PHE A 17 -1.32 -7.02 2.04
C PHE A 17 -1.54 -7.97 3.25
N LYS A 18 -2.61 -8.79 3.25
CA LYS A 18 -2.89 -9.73 4.37
C LYS A 18 -2.35 -11.16 4.09
N GLU A 19 -2.43 -11.60 2.82
CA GLU A 19 -2.04 -12.97 2.41
C GLU A 19 -0.55 -13.05 2.00
N LYS A 20 -0.16 -12.16 1.09
CA LYS A 20 1.19 -12.15 0.48
C LYS A 20 2.21 -11.38 1.36
N VAL A 21 1.71 -10.33 2.05
CA VAL A 21 2.46 -9.53 3.04
C VAL A 21 1.90 -9.81 4.46
N SER A 22 2.75 -9.73 5.49
CA SER A 22 2.31 -9.84 6.91
C SER A 22 1.96 -8.45 7.51
N THR A 23 1.23 -8.45 8.65
CA THR A 23 0.71 -7.21 9.30
C THR A 23 1.86 -6.23 9.66
N GLN A 24 2.78 -6.67 10.53
CA GLN A 24 3.94 -5.85 10.97
C GLN A 24 4.86 -5.42 9.78
N ASN A 25 4.82 -6.22 8.69
CA ASN A 25 5.59 -5.95 7.45
C ASN A 25 5.00 -4.76 6.66
N LEU A 26 3.66 -4.74 6.47
CA LEU A 26 2.98 -3.60 5.77
C LEU A 26 2.92 -2.34 6.67
N LEU A 27 2.89 -2.57 8.01
CA LEU A 27 2.96 -1.47 9.01
C LEU A 27 4.30 -0.71 8.91
N LEU A 28 5.37 -1.43 8.49
CA LEU A 28 6.67 -0.81 8.14
C LEU A 28 6.49 0.18 6.97
N LEU A 29 5.81 -0.27 5.89
CA LEU A 29 5.53 0.58 4.69
C LEU A 29 4.62 1.79 5.02
N LEU A 30 3.69 1.61 5.97
CA LEU A 30 2.78 2.70 6.44
C LEU A 30 3.53 3.76 7.28
N THR A 31 4.38 3.32 8.25
CA THR A 31 5.13 4.25 9.14
C THR A 31 6.34 4.89 8.43
N ASP A 32 6.90 4.16 7.44
CA ASP A 32 7.99 4.64 6.58
C ASP A 32 7.37 5.44 5.41
N ASN A 33 7.36 6.77 5.56
CA ASN A 33 6.82 7.71 4.55
C ASN A 33 7.48 7.53 3.16
N GLU A 34 8.79 7.25 3.13
CA GLU A 34 9.56 7.03 1.89
C GLU A 34 9.21 5.68 1.22
N ALA A 35 8.88 4.65 2.04
CA ALA A 35 8.41 3.35 1.51
C ALA A 35 7.01 3.47 0.88
N TRP A 36 6.11 4.24 1.53
CA TRP A 36 4.75 4.48 1.01
C TRP A 36 4.79 5.32 -0.30
N ASN A 37 5.55 6.43 -0.30
CA ASN A 37 5.72 7.32 -1.49
C ASN A 37 6.50 6.60 -2.62
N GLY A 38 7.47 5.76 -2.23
CA GLY A 38 8.23 4.93 -3.17
C GLY A 38 7.38 3.84 -3.82
N PHE A 39 6.28 3.47 -3.14
CA PHE A 39 5.23 2.59 -3.68
C PHE A 39 4.28 3.37 -4.62
N VAL A 40 3.59 4.37 -4.07
CA VAL A 40 2.51 5.11 -4.77
C VAL A 40 3.04 5.86 -6.03
N ALA A 41 4.11 6.66 -5.87
CA ALA A 41 4.67 7.50 -6.96
C ALA A 41 5.28 6.64 -8.11
N ALA A 42 5.93 5.51 -7.76
CA ALA A 42 6.52 4.59 -8.75
C ALA A 42 5.43 3.79 -9.52
N ALA A 43 4.35 3.42 -8.80
CA ALA A 43 3.14 2.82 -9.42
C ALA A 43 2.22 3.88 -10.09
N GLU A 44 2.59 5.19 -9.95
CA GLU A 44 1.85 6.35 -10.54
C GLU A 44 0.37 6.42 -10.07
N LEU A 45 0.12 5.99 -8.81
CA LEU A 45 -1.22 5.93 -8.21
C LEU A 45 -1.74 7.36 -7.82
N PRO A 46 -2.88 7.82 -8.44
CA PRO A 46 -3.53 9.13 -8.11
C PRO A 46 -4.18 9.13 -6.70
N ARG A 47 -4.66 10.31 -6.28
CA ARG A 47 -5.19 10.57 -4.90
C ARG A 47 -6.30 9.59 -4.47
N ASN A 48 -7.07 9.04 -5.45
CA ASN A 48 -8.20 8.13 -5.18
C ASN A 48 -7.71 6.89 -4.38
N GLU A 49 -6.84 6.11 -5.01
CA GLU A 49 -6.22 4.94 -4.37
C GLU A 49 -5.12 5.34 -3.38
N ALA A 50 -4.31 6.37 -3.71
CA ALA A 50 -3.21 6.85 -2.83
C ALA A 50 -3.69 7.16 -1.37
N ASP A 51 -4.94 7.67 -1.26
CA ASP A 51 -5.61 7.87 0.04
C ASP A 51 -6.36 6.59 0.52
N GLU A 52 -7.23 5.99 -0.33
CA GLU A 52 -8.10 4.85 0.08
C GLU A 52 -7.30 3.57 0.51
N LEU A 53 -6.11 3.36 -0.08
CA LEU A 53 -5.19 2.25 0.27
C LEU A 53 -4.74 2.38 1.75
N ARG A 54 -4.10 3.52 2.09
CA ARG A 54 -3.61 3.79 3.46
C ARG A 54 -4.75 3.93 4.49
N LYS A 55 -5.96 4.36 4.04
CA LYS A 55 -7.17 4.39 4.92
C LYS A 55 -7.67 2.97 5.28
N ALA A 56 -7.69 2.07 4.29
CA ALA A 56 -8.11 0.66 4.49
C ALA A 56 -7.08 -0.12 5.35
N LEU A 57 -5.79 0.13 5.10
CA LEU A 57 -4.67 -0.43 5.91
C LEU A 57 -4.59 0.25 7.31
N ASP A 58 -5.11 1.49 7.40
CA ASP A 58 -5.22 2.23 8.69
C ASP A 58 -6.23 1.52 9.64
N ASN A 59 -7.32 0.97 9.06
CA ASN A 59 -8.34 0.18 9.81
C ASN A 59 -7.71 -1.08 10.46
N LEU A 60 -6.79 -1.72 9.73
CA LEU A 60 -6.00 -2.86 10.24
C LEU A 60 -5.11 -2.43 11.44
N ALA A 61 -4.43 -1.28 11.28
CA ALA A 61 -3.57 -0.69 12.35
C ALA A 61 -4.39 -0.08 13.51
N ARG A 62 -5.64 0.31 13.20
CA ARG A 62 -6.56 1.02 14.13
C ARG A 62 -6.87 0.18 15.38
N GLN A 63 -7.19 -1.10 15.14
CA GLN A 63 -7.49 -2.07 16.21
C GLN A 63 -6.21 -2.45 17.02
N MET A 64 -5.03 -2.40 16.34
CA MET A 64 -3.73 -2.76 16.95
C MET A 64 -3.30 -1.70 18.01
N ILE A 65 -3.35 -0.41 17.62
CA ILE A 65 -2.87 0.72 18.45
C ILE A 65 -3.74 0.94 19.72
N MET A 66 -4.96 0.36 19.77
CA MET A 66 -5.86 0.45 20.94
C MET A 66 -5.38 -0.45 22.10
N LYS A 67 -4.65 -1.53 21.78
CA LYS A 67 -4.15 -2.50 22.79
C LYS A 67 -2.61 -2.45 22.93
N ASP A 68 -1.92 -2.23 21.80
CA ASP A 68 -0.44 -2.18 21.74
C ASP A 68 0.06 -0.72 21.93
N LYS A 69 1.12 -0.55 22.74
CA LYS A 69 1.77 0.76 23.01
C LYS A 69 3.28 0.58 23.32
N ASN A 70 4.03 0.11 22.30
CA ASN A 70 5.52 -0.02 22.38
C ASN A 70 6.18 0.26 21.00
N TRP A 71 5.45 0.98 20.14
CA TRP A 71 5.79 1.18 18.72
C TRP A 71 7.10 2.01 18.55
N HIS A 72 7.08 3.26 19.02
CA HIS A 72 8.26 4.19 18.99
C HIS A 72 9.14 4.05 20.25
N ASP A 73 8.57 3.41 21.28
CA ASP A 73 9.10 3.40 22.66
C ASP A 73 10.39 2.56 22.81
N LYS A 74 10.63 1.64 21.87
CA LYS A 74 11.86 0.82 21.81
C LYS A 74 13.07 1.65 21.29
N GLY A 75 12.77 2.61 20.40
CA GLY A 75 13.81 3.32 19.63
C GLY A 75 14.36 2.49 18.47
N GLN A 76 13.75 1.30 18.23
CA GLN A 76 14.17 0.37 17.18
C GLN A 76 13.54 0.78 15.82
N GLN A 77 14.25 1.66 15.10
CA GLN A 77 13.87 2.09 13.74
C GLN A 77 14.70 1.34 12.68
N TYR A 78 16.04 1.32 12.93
CA TYR A 78 17.07 0.88 11.95
C TYR A 78 16.88 1.60 10.59
N ARG A 79 17.04 2.94 10.60
CA ARG A 79 16.88 3.79 9.41
C ARG A 79 18.09 3.62 8.47
N ASN A 80 18.08 2.50 7.73
CA ASN A 80 19.19 2.10 6.83
C ASN A 80 18.62 1.53 5.51
N TRP A 81 19.35 1.76 4.42
CA TRP A 81 19.04 1.19 3.09
C TRP A 81 19.17 -0.36 3.14
N PHE A 82 20.20 -0.81 3.89
CA PHE A 82 20.53 -2.25 4.13
C PHE A 82 19.30 -3.10 4.53
N LEU A 83 18.51 -2.61 5.52
CA LEU A 83 17.33 -3.34 6.03
C LEU A 83 16.23 -3.45 4.94
N LYS A 84 16.09 -2.41 4.10
CA LYS A 84 15.11 -2.40 2.97
C LYS A 84 15.57 -3.31 1.80
N GLU A 85 16.90 -3.46 1.66
CA GLU A 85 17.51 -4.37 0.65
C GLU A 85 17.31 -5.87 1.01
N PHE A 86 17.09 -6.15 2.31
CA PHE A 86 16.90 -7.53 2.79
C PHE A 86 15.59 -8.20 2.23
N PRO A 87 14.33 -7.60 2.38
CA PRO A 87 13.13 -8.11 1.68
C PRO A 87 13.07 -7.70 0.18
N ARG A 88 13.60 -6.48 -0.14
CA ARG A 88 13.68 -5.87 -1.50
C ARG A 88 12.35 -5.92 -2.33
N LEU A 89 11.20 -6.12 -1.63
CA LEU A 89 9.87 -6.41 -2.25
C LEU A 89 9.36 -5.27 -3.17
N LYS A 90 9.81 -4.03 -2.92
CA LYS A 90 9.33 -2.81 -3.62
C LYS A 90 9.40 -2.90 -5.17
N SER A 91 10.49 -3.50 -5.69
CA SER A 91 10.68 -3.73 -7.15
C SER A 91 9.52 -4.54 -7.77
N GLU A 92 9.01 -5.52 -7.01
CA GLU A 92 7.88 -6.39 -7.43
C GLU A 92 6.50 -5.77 -7.05
N LEU A 93 6.48 -5.00 -5.94
CA LEU A 93 5.24 -4.48 -5.31
C LEU A 93 4.41 -3.58 -6.27
N GLU A 94 5.05 -2.50 -6.77
CA GLU A 94 4.46 -1.60 -7.78
C GLU A 94 4.04 -2.36 -9.05
N ASP A 95 4.85 -3.36 -9.44
CA ASP A 95 4.65 -4.14 -10.70
C ASP A 95 3.30 -4.94 -10.68
N ASN A 96 3.04 -5.68 -9.58
CA ASN A 96 1.77 -6.46 -9.42
C ASN A 96 0.57 -5.52 -9.13
N ILE A 97 0.85 -4.37 -8.49
CA ILE A 97 -0.17 -3.34 -8.18
C ILE A 97 -0.61 -2.57 -9.48
N ARG A 98 0.32 -2.46 -10.47
CA ARG A 98 -0.01 -1.95 -11.83
C ARG A 98 -1.08 -2.84 -12.49
N ARG A 99 -0.84 -4.16 -12.41
CA ARG A 99 -1.78 -5.20 -12.92
C ARG A 99 -3.18 -5.02 -12.30
N LEU A 100 -3.24 -4.88 -10.96
CA LEU A 100 -4.51 -4.74 -10.20
C LEU A 100 -5.34 -3.50 -10.64
N ARG A 101 -4.71 -2.30 -10.65
CA ARG A 101 -5.41 -1.04 -11.02
C ARG A 101 -5.71 -0.96 -12.53
N ALA A 102 -4.90 -1.66 -13.35
CA ALA A 102 -5.16 -1.82 -14.81
C ALA A 102 -6.38 -2.75 -15.06
N LEU A 103 -6.55 -3.78 -14.21
CA LEU A 103 -7.75 -4.67 -14.23
C LEU A 103 -9.01 -3.89 -13.75
N ALA A 104 -8.83 -3.04 -12.72
CA ALA A 104 -9.90 -2.18 -12.16
C ALA A 104 -10.42 -1.16 -13.21
N ASP A 105 -9.49 -0.54 -13.97
CA ASP A 105 -9.86 0.34 -15.10
C ASP A 105 -10.11 -0.48 -16.40
N GLY A 106 -9.65 -1.75 -16.46
CA GLY A 106 -9.86 -2.61 -17.65
C GLY A 106 -11.33 -2.78 -18.10
N VAL A 107 -12.26 -2.46 -17.20
CA VAL A 107 -13.71 -2.49 -17.45
C VAL A 107 -14.22 -1.13 -18.09
N GLN A 108 -13.55 0.00 -17.75
CA GLN A 108 -13.89 1.35 -18.31
C GLN A 108 -13.09 1.66 -19.60
N LYS A 109 -11.77 1.40 -19.54
CA LYS A 109 -10.76 1.68 -20.60
C LYS A 109 -10.52 3.21 -20.77
N VAL A 110 -10.56 3.94 -19.64
CA VAL A 110 -10.52 5.43 -19.61
C VAL A 110 -9.19 5.96 -18.97
N HIS A 111 -8.90 5.48 -17.74
CA HIS A 111 -7.76 5.98 -16.92
C HIS A 111 -6.42 5.32 -17.30
N LYS A 112 -6.48 4.30 -18.16
CA LYS A 112 -5.30 3.66 -18.78
C LYS A 112 -5.30 3.99 -20.30
N GLY A 113 -4.60 5.08 -20.68
CA GLY A 113 -4.48 5.47 -22.10
C GLY A 113 -3.64 4.49 -22.91
N THR A 114 -2.39 4.29 -22.48
CA THR A 114 -1.49 3.27 -23.04
C THR A 114 -1.74 1.89 -22.36
N GLY A 1 -19.96 8.49 -17.46
CA GLY A 1 -20.08 7.02 -17.18
C GLY A 1 -18.77 6.26 -17.38
N SER A 2 -17.66 6.82 -16.89
CA SER A 2 -16.32 6.18 -16.92
C SER A 2 -15.61 6.35 -15.56
N ASP A 3 -16.04 5.55 -14.58
CA ASP A 3 -15.49 5.55 -13.21
C ASP A 3 -14.10 4.85 -13.16
N PRO A 4 -13.12 5.36 -12.33
CA PRO A 4 -11.78 4.73 -12.19
C PRO A 4 -11.82 3.35 -11.49
N GLU A 5 -12.96 3.04 -10.83
CA GLU A 5 -13.19 1.78 -10.08
C GLU A 5 -12.08 1.50 -9.05
N SER A 6 -11.56 2.60 -8.47
CA SER A 6 -10.45 2.60 -7.48
C SER A 6 -10.79 1.73 -6.26
N SER A 7 -12.04 1.81 -5.77
CA SER A 7 -12.52 1.03 -4.59
C SER A 7 -12.24 -0.50 -4.71
N ILE A 8 -12.40 -1.05 -5.95
CA ILE A 8 -12.10 -2.48 -6.23
C ILE A 8 -10.58 -2.75 -6.09
N PHE A 9 -9.77 -1.83 -6.67
CA PHE A 9 -8.29 -1.85 -6.49
C PHE A 9 -7.94 -1.80 -4.98
N ILE A 10 -8.65 -0.97 -4.19
CA ILE A 10 -8.40 -0.80 -2.74
C ILE A 10 -8.61 -2.12 -1.98
N GLU A 11 -9.82 -2.70 -2.09
CA GLU A 11 -10.13 -3.95 -1.38
C GLU A 11 -9.23 -5.13 -1.85
N ASP A 12 -8.82 -5.12 -3.14
CA ASP A 12 -7.91 -6.17 -3.69
C ASP A 12 -6.39 -5.84 -3.47
N ALA A 13 -6.04 -4.58 -3.19
CA ALA A 13 -4.65 -4.18 -2.87
C ALA A 13 -4.34 -4.48 -1.41
N ILE A 14 -5.30 -4.14 -0.53
CA ILE A 14 -5.30 -4.56 0.88
C ILE A 14 -5.32 -6.11 0.96
N LYS A 15 -6.01 -6.76 -0.01
CA LYS A 15 -6.00 -8.22 -0.20
C LYS A 15 -4.54 -8.72 -0.42
N TYR A 16 -3.84 -8.05 -1.35
CA TYR A 16 -2.40 -8.31 -1.63
C TYR A 16 -1.55 -8.10 -0.35
N PHE A 17 -1.87 -7.04 0.42
CA PHE A 17 -1.12 -6.65 1.62
C PHE A 17 -1.42 -7.57 2.85
N LYS A 18 -2.57 -8.26 2.85
CA LYS A 18 -2.94 -9.20 3.96
C LYS A 18 -2.64 -10.68 3.60
N GLU A 19 -2.73 -11.05 2.31
CA GLU A 19 -2.57 -12.46 1.84
C GLU A 19 -1.14 -12.75 1.37
N LYS A 20 -0.61 -11.92 0.43
CA LYS A 20 0.75 -12.12 -0.13
C LYS A 20 1.82 -11.51 0.82
N VAL A 21 1.46 -10.35 1.40
CA VAL A 21 2.27 -9.61 2.39
C VAL A 21 1.73 -9.88 3.81
N SER A 22 2.61 -9.89 4.82
CA SER A 22 2.19 -10.10 6.23
C SER A 22 1.81 -8.78 6.94
N THR A 23 1.10 -8.90 8.09
CA THR A 23 0.63 -7.75 8.90
C THR A 23 1.80 -6.81 9.29
N GLN A 24 2.85 -7.35 9.94
CA GLN A 24 4.01 -6.56 10.39
C GLN A 24 4.75 -5.89 9.20
N ASN A 25 4.76 -6.57 8.05
CA ASN A 25 5.38 -6.07 6.81
C ASN A 25 4.65 -4.80 6.31
N LEU A 26 3.30 -4.86 6.22
CA LEU A 26 2.50 -3.69 5.78
C LEU A 26 2.52 -2.56 6.84
N LEU A 27 2.61 -2.93 8.14
CA LEU A 27 2.71 -1.96 9.26
C LEU A 27 4.02 -1.14 9.18
N LEU A 28 5.09 -1.80 8.69
CA LEU A 28 6.38 -1.14 8.38
C LEU A 28 6.17 -0.12 7.22
N LEU A 29 5.44 -0.55 6.18
CA LEU A 29 5.13 0.30 4.99
C LEU A 29 4.21 1.51 5.34
N LEU A 30 3.37 1.33 6.39
CA LEU A 30 2.50 2.40 6.92
C LEU A 30 3.30 3.41 7.80
N THR A 31 4.10 2.89 8.77
CA THR A 31 4.87 3.74 9.71
C THR A 31 6.00 4.51 9.00
N ASP A 32 6.51 3.92 7.90
CA ASP A 32 7.58 4.51 7.09
C ASP A 32 6.96 5.27 5.89
N ASN A 33 7.05 6.60 5.93
CA ASN A 33 6.47 7.49 4.90
C ASN A 33 7.12 7.28 3.50
N GLU A 34 8.42 6.96 3.48
CA GLU A 34 9.21 6.77 2.23
C GLU A 34 8.90 5.42 1.57
N ALA A 35 8.52 4.43 2.39
CA ALA A 35 8.08 3.12 1.90
C ALA A 35 6.68 3.22 1.26
N TRP A 36 5.83 4.12 1.82
CA TRP A 36 4.49 4.39 1.27
C TRP A 36 4.56 5.26 -0.02
N ASN A 37 5.41 6.30 -0.01
CA ASN A 37 5.61 7.18 -1.20
C ASN A 37 6.37 6.42 -2.32
N GLY A 38 7.31 5.56 -1.91
CA GLY A 38 8.01 4.64 -2.83
C GLY A 38 7.10 3.55 -3.40
N PHE A 39 5.98 3.30 -2.71
CA PHE A 39 4.88 2.45 -3.17
C PHE A 39 4.00 3.22 -4.21
N VAL A 40 3.39 4.32 -3.78
CA VAL A 40 2.38 5.08 -4.56
C VAL A 40 2.98 5.71 -5.86
N ALA A 41 4.13 6.40 -5.72
CA ALA A 41 4.81 7.10 -6.84
C ALA A 41 5.23 6.11 -7.96
N ALA A 42 5.89 5.00 -7.55
CA ALA A 42 6.30 3.91 -8.48
C ALA A 42 5.07 3.20 -9.11
N ALA A 43 4.02 3.03 -8.29
CA ALA A 43 2.73 2.43 -8.73
C ALA A 43 1.84 3.39 -9.56
N GLU A 44 2.31 4.64 -9.79
CA GLU A 44 1.61 5.68 -10.62
C GLU A 44 0.22 6.07 -10.05
N LEU A 45 0.01 5.87 -8.75
CA LEU A 45 -1.31 6.02 -8.11
C LEU A 45 -1.66 7.51 -7.82
N PRO A 46 -2.85 8.00 -8.29
CA PRO A 46 -3.39 9.33 -7.91
C PRO A 46 -3.89 9.35 -6.44
N ARG A 47 -4.23 10.55 -5.92
CA ARG A 47 -4.66 10.75 -4.50
C ARG A 47 -5.88 9.88 -4.10
N ASN A 48 -6.70 9.47 -5.10
CA ASN A 48 -7.93 8.67 -4.84
C ASN A 48 -7.56 7.36 -4.12
N GLU A 49 -6.80 6.51 -4.84
CA GLU A 49 -6.29 5.25 -4.28
C GLU A 49 -5.22 5.53 -3.21
N ALA A 50 -4.29 6.47 -3.48
CA ALA A 50 -3.18 6.82 -2.53
C ALA A 50 -3.66 7.08 -1.07
N ASP A 51 -4.86 7.69 -0.93
CA ASP A 51 -5.52 7.88 0.38
C ASP A 51 -6.36 6.65 0.80
N GLU A 52 -7.31 6.21 -0.06
CA GLU A 52 -8.28 5.12 0.31
C GLU A 52 -7.57 3.78 0.67
N LEU A 53 -6.36 3.56 0.13
CA LEU A 53 -5.49 2.42 0.45
C LEU A 53 -5.04 2.44 1.93
N ARG A 54 -4.39 3.55 2.34
CA ARG A 54 -3.90 3.71 3.73
C ARG A 54 -5.06 3.86 4.73
N LYS A 55 -6.24 4.29 4.25
CA LYS A 55 -7.49 4.34 5.06
C LYS A 55 -8.09 2.93 5.29
N ALA A 56 -7.96 2.03 4.30
CA ALA A 56 -8.42 0.63 4.42
C ALA A 56 -7.40 -0.22 5.22
N LEU A 57 -6.10 0.11 5.08
CA LEU A 57 -5.01 -0.45 5.92
C LEU A 57 -5.03 0.17 7.34
N ASP A 58 -5.64 1.38 7.46
CA ASP A 58 -5.90 2.04 8.76
C ASP A 58 -6.95 1.25 9.55
N ASN A 59 -7.91 0.61 8.85
CA ASN A 59 -8.94 -0.25 9.49
C ASN A 59 -8.30 -1.47 10.22
N LEU A 60 -7.10 -1.88 9.78
CA LEU A 60 -6.24 -2.82 10.53
C LEU A 60 -5.52 -2.07 11.68
N ALA A 61 -4.68 -1.08 11.30
CA ALA A 61 -3.78 -0.34 12.24
C ALA A 61 -4.53 0.36 13.41
N ARG A 62 -5.81 0.67 13.22
CA ARG A 62 -6.65 1.44 14.18
C ARG A 62 -6.88 0.65 15.48
N GLN A 63 -7.27 -0.63 15.31
CA GLN A 63 -7.48 -1.55 16.44
C GLN A 63 -6.15 -2.14 16.97
N MET A 64 -5.09 -2.07 16.14
CA MET A 64 -3.73 -2.49 16.54
C MET A 64 -3.13 -1.53 17.59
N ILE A 65 -3.10 -0.23 17.24
CA ILE A 65 -2.47 0.84 18.07
C ILE A 65 -3.13 1.03 19.45
N MET A 66 -4.34 0.45 19.64
CA MET A 66 -5.03 0.42 20.96
C MET A 66 -4.15 -0.23 22.06
N LYS A 67 -3.29 -1.21 21.67
CA LYS A 67 -2.23 -1.76 22.55
C LYS A 67 -0.81 -1.38 22.01
N ASP A 68 -0.64 -1.43 20.68
CA ASP A 68 0.64 -1.11 20.00
C ASP A 68 0.85 0.42 19.88
N LYS A 69 1.35 1.06 20.94
CA LYS A 69 1.60 2.54 20.94
C LYS A 69 3.10 2.86 20.68
N ASN A 70 3.95 1.83 20.71
CA ASN A 70 5.44 1.97 20.74
C ASN A 70 6.07 2.34 19.38
N TRP A 71 5.25 2.72 18.38
CA TRP A 71 5.70 3.05 16.99
C TRP A 71 6.75 4.19 16.97
N HIS A 72 6.64 5.13 17.94
CA HIS A 72 7.56 6.28 18.09
C HIS A 72 8.54 6.11 19.27
N ASP A 73 8.28 5.10 20.15
CA ASP A 73 9.04 4.88 21.41
C ASP A 73 10.26 3.92 21.22
N LYS A 74 10.66 3.66 19.96
CA LYS A 74 11.79 2.74 19.62
C LYS A 74 13.08 3.47 19.17
N GLY A 75 13.01 4.80 19.02
CA GLY A 75 14.20 5.64 18.77
C GLY A 75 14.67 5.70 17.31
N GLN A 76 13.72 5.71 16.35
CA GLN A 76 14.03 5.96 14.92
C GLN A 76 14.21 7.48 14.66
N GLN A 77 15.47 7.94 14.63
CA GLN A 77 15.82 9.38 14.54
C GLN A 77 16.47 9.73 13.18
N TYR A 78 17.66 9.14 12.91
CA TYR A 78 18.45 9.45 11.69
C TYR A 78 17.87 8.76 10.43
N ARG A 79 17.17 9.54 9.59
CA ARG A 79 16.64 9.08 8.30
C ARG A 79 17.76 9.07 7.23
N ASN A 80 18.52 7.97 7.18
CA ASN A 80 19.68 7.81 6.27
C ASN A 80 19.23 7.20 4.93
N TRP A 81 19.60 7.84 3.80
CA TRP A 81 19.29 7.32 2.43
C TRP A 81 19.88 5.90 2.23
N PHE A 82 21.07 5.68 2.85
CA PHE A 82 21.80 4.39 2.82
C PHE A 82 20.92 3.25 3.36
N LEU A 83 20.20 3.54 4.45
CA LEU A 83 19.31 2.55 5.11
C LEU A 83 18.08 2.23 4.22
N LYS A 84 17.80 3.09 3.24
CA LYS A 84 16.70 2.91 2.24
C LYS A 84 17.21 2.22 0.95
N GLU A 85 18.43 2.60 0.55
CA GLU A 85 19.01 2.29 -0.79
C GLU A 85 19.83 0.97 -0.79
N PHE A 86 20.72 0.83 0.21
CA PHE A 86 21.61 -0.35 0.39
C PHE A 86 20.85 -1.73 0.45
N PRO A 87 19.72 -1.89 1.23
CA PRO A 87 18.93 -3.17 1.22
C PRO A 87 18.18 -3.40 -0.13
N ARG A 88 17.40 -4.51 -0.20
CA ARG A 88 16.55 -4.82 -1.38
C ARG A 88 15.53 -3.70 -1.65
N LEU A 89 15.79 -2.90 -2.70
CA LEU A 89 14.85 -1.85 -3.16
C LEU A 89 13.53 -2.49 -3.66
N LYS A 90 12.40 -1.83 -3.38
CA LYS A 90 11.04 -2.35 -3.71
C LYS A 90 10.68 -2.11 -5.21
N SER A 91 11.50 -2.70 -6.10
CA SER A 91 11.40 -2.50 -7.56
C SER A 91 10.18 -3.23 -8.16
N GLU A 92 10.12 -4.56 -7.97
CA GLU A 92 9.03 -5.40 -8.54
C GLU A 92 7.64 -5.11 -7.91
N LEU A 93 7.64 -4.51 -6.68
CA LEU A 93 6.40 -4.20 -5.92
C LEU A 93 5.41 -3.38 -6.80
N GLU A 94 5.95 -2.35 -7.51
CA GLU A 94 5.15 -1.51 -8.42
C GLU A 94 4.45 -2.36 -9.51
N ASP A 95 5.16 -3.36 -10.07
CA ASP A 95 4.65 -4.19 -11.18
C ASP A 95 3.44 -5.05 -10.74
N ASN A 96 3.57 -5.70 -9.58
CA ASN A 96 2.52 -6.57 -9.01
C ASN A 96 1.26 -5.77 -8.59
N ILE A 97 1.45 -4.53 -8.08
CA ILE A 97 0.32 -3.72 -7.59
C ILE A 97 -0.37 -2.91 -8.75
N ARG A 98 0.43 -2.48 -9.77
CA ARG A 98 -0.09 -1.83 -11.00
C ARG A 98 -0.88 -2.84 -11.86
N ARG A 99 -0.58 -4.14 -11.70
CA ARG A 99 -1.35 -5.24 -12.30
C ARG A 99 -2.81 -5.19 -11.79
N LEU A 100 -2.98 -5.15 -10.45
CA LEU A 100 -4.30 -5.02 -9.77
C LEU A 100 -5.07 -3.76 -10.27
N ARG A 101 -4.33 -2.65 -10.40
CA ARG A 101 -4.91 -1.36 -10.85
C ARG A 101 -5.46 -1.50 -12.30
N ALA A 102 -4.63 -2.04 -13.20
CA ALA A 102 -5.01 -2.26 -14.61
C ALA A 102 -6.18 -3.27 -14.77
N LEU A 103 -6.21 -4.31 -13.89
CA LEU A 103 -7.28 -5.33 -13.88
C LEU A 103 -8.65 -4.76 -13.43
N ALA A 104 -8.64 -3.95 -12.35
CA ALA A 104 -9.89 -3.35 -11.80
C ALA A 104 -10.39 -2.17 -12.66
N ASP A 105 -9.50 -1.19 -12.88
CA ASP A 105 -9.78 0.04 -13.66
C ASP A 105 -9.96 -0.24 -15.17
N GLY A 106 -9.09 -1.11 -15.74
CA GLY A 106 -9.11 -1.39 -17.19
C GLY A 106 -10.40 -2.00 -17.74
N VAL A 107 -11.27 -2.54 -16.85
CA VAL A 107 -12.61 -3.08 -17.22
C VAL A 107 -13.51 -1.98 -17.87
N GLN A 108 -13.22 -0.70 -17.58
CA GLN A 108 -14.03 0.44 -18.03
C GLN A 108 -13.16 1.51 -18.73
N LYS A 109 -11.92 1.67 -18.24
CA LYS A 109 -10.93 2.62 -18.79
C LYS A 109 -10.52 2.26 -20.23
N VAL A 110 -10.12 1.00 -20.41
CA VAL A 110 -9.61 0.47 -21.70
C VAL A 110 -10.14 -0.98 -21.94
N HIS A 111 -11.26 -1.08 -22.68
CA HIS A 111 -11.96 -2.36 -22.95
C HIS A 111 -11.12 -3.33 -23.83
N LYS A 112 -10.04 -2.81 -24.42
CA LYS A 112 -9.01 -3.62 -25.11
C LYS A 112 -8.30 -4.59 -24.11
N GLY A 113 -7.97 -5.81 -24.59
CA GLY A 113 -7.34 -6.85 -23.76
C GLY A 113 -5.93 -6.49 -23.27
N THR A 114 -5.86 -5.87 -22.07
CA THR A 114 -4.58 -5.53 -21.41
C THR A 114 -3.94 -6.78 -20.73
N GLY A 1 -16.27 6.32 -20.93
CA GLY A 1 -15.65 6.85 -19.68
C GLY A 1 -15.35 5.75 -18.67
N SER A 2 -14.08 5.30 -18.61
CA SER A 2 -13.64 4.20 -17.72
C SER A 2 -13.61 4.65 -16.24
N ASP A 3 -14.50 4.05 -15.42
CA ASP A 3 -14.55 4.29 -13.97
C ASP A 3 -13.30 3.67 -13.28
N PRO A 4 -12.66 4.39 -12.29
CA PRO A 4 -11.52 3.83 -11.50
C PRO A 4 -11.84 2.47 -10.81
N GLU A 5 -13.12 2.30 -10.35
CA GLU A 5 -13.53 1.16 -9.47
C GLU A 5 -12.53 1.02 -8.30
N SER A 6 -12.18 2.19 -7.70
CA SER A 6 -11.10 2.32 -6.71
C SER A 6 -11.35 1.46 -5.46
N SER A 7 -12.62 1.37 -4.98
CA SER A 7 -12.98 0.48 -3.84
C SER A 7 -12.57 -0.99 -4.09
N ILE A 8 -12.74 -1.46 -5.33
CA ILE A 8 -12.34 -2.82 -5.77
C ILE A 8 -10.82 -2.98 -5.76
N PHE A 9 -10.11 -2.04 -6.41
CA PHE A 9 -8.62 -1.99 -6.38
C PHE A 9 -8.09 -1.95 -4.92
N ILE A 10 -8.75 -1.17 -4.06
CA ILE A 10 -8.34 -0.96 -2.66
C ILE A 10 -8.49 -2.25 -1.84
N GLU A 11 -9.67 -2.89 -1.89
CA GLU A 11 -9.90 -4.13 -1.11
C GLU A 11 -8.98 -5.25 -1.63
N ASP A 12 -8.86 -5.37 -2.97
CA ASP A 12 -8.00 -6.36 -3.64
C ASP A 12 -6.49 -6.11 -3.43
N ALA A 13 -6.12 -4.85 -3.19
CA ALA A 13 -4.76 -4.48 -2.77
C ALA A 13 -4.50 -4.94 -1.32
N ILE A 14 -5.50 -4.69 -0.45
CA ILE A 14 -5.49 -5.15 0.96
C ILE A 14 -5.46 -6.71 1.04
N LYS A 15 -6.11 -7.40 0.06
CA LYS A 15 -6.00 -8.87 -0.13
C LYS A 15 -4.50 -9.24 -0.35
N TYR A 16 -3.87 -8.58 -1.32
CA TYR A 16 -2.42 -8.73 -1.61
C TYR A 16 -1.53 -8.45 -0.35
N PHE A 17 -1.91 -7.43 0.44
CA PHE A 17 -1.16 -7.04 1.66
C PHE A 17 -1.41 -7.98 2.87
N LYS A 18 -2.54 -8.72 2.91
CA LYS A 18 -2.82 -9.70 4.01
C LYS A 18 -2.49 -11.17 3.62
N GLU A 19 -2.50 -11.46 2.31
CA GLU A 19 -2.28 -12.83 1.78
C GLU A 19 -0.80 -13.03 1.38
N LYS A 20 -0.27 -12.14 0.52
CA LYS A 20 1.13 -12.25 0.02
C LYS A 20 2.14 -11.60 1.01
N VAL A 21 1.69 -10.49 1.64
CA VAL A 21 2.46 -9.75 2.67
C VAL A 21 1.86 -10.03 4.08
N SER A 22 2.69 -9.94 5.13
CA SER A 22 2.24 -10.04 6.55
C SER A 22 2.04 -8.64 7.16
N THR A 23 1.12 -8.55 8.16
CA THR A 23 0.74 -7.27 8.81
C THR A 23 1.93 -6.60 9.50
N GLN A 24 2.60 -7.34 10.42
CA GLN A 24 3.77 -6.82 11.18
C GLN A 24 4.95 -6.36 10.27
N ASN A 25 4.98 -6.81 9.00
CA ASN A 25 5.93 -6.32 7.96
C ASN A 25 5.41 -5.02 7.28
N LEU A 26 4.17 -5.02 6.77
CA LEU A 26 3.60 -3.85 6.03
C LEU A 26 3.45 -2.61 6.94
N LEU A 27 3.36 -2.83 8.27
CA LEU A 27 3.33 -1.73 9.27
C LEU A 27 4.58 -0.81 9.17
N LEU A 28 5.77 -1.37 8.85
CA LEU A 28 7.02 -0.56 8.65
C LEU A 28 6.89 0.35 7.39
N LEU A 29 6.21 -0.18 6.35
CA LEU A 29 5.87 0.58 5.13
C LEU A 29 4.88 1.74 5.46
N LEU A 30 3.94 1.47 6.39
CA LEU A 30 2.95 2.48 6.88
C LEU A 30 3.55 3.51 7.88
N THR A 31 4.55 3.09 8.70
CA THR A 31 5.17 3.98 9.74
C THR A 31 6.06 5.06 9.09
N ASP A 32 6.73 4.69 7.98
CA ASP A 32 7.57 5.63 7.24
C ASP A 32 6.81 6.19 6.02
N ASN A 33 6.73 7.52 5.93
CA ASN A 33 6.04 8.22 4.83
C ASN A 33 6.73 7.98 3.47
N GLU A 34 8.08 8.05 3.43
CA GLU A 34 8.88 7.86 2.19
C GLU A 34 8.85 6.41 1.69
N ALA A 35 8.75 5.45 2.63
CA ALA A 35 8.57 4.02 2.31
C ALA A 35 7.29 3.79 1.50
N TRP A 36 6.16 4.30 2.03
CA TRP A 36 4.83 4.23 1.37
C TRP A 36 4.83 4.98 0.01
N ASN A 37 5.45 6.17 -0.04
CA ASN A 37 5.57 6.98 -1.28
C ASN A 37 6.46 6.30 -2.34
N GLY A 38 7.44 5.50 -1.88
CA GLY A 38 8.28 4.68 -2.77
C GLY A 38 7.49 3.58 -3.49
N PHE A 39 6.44 3.09 -2.80
CA PHE A 39 5.43 2.19 -3.38
C PHE A 39 4.49 2.97 -4.37
N VAL A 40 3.78 4.00 -3.84
CA VAL A 40 2.70 4.73 -4.57
C VAL A 40 3.22 5.46 -5.84
N ALA A 41 4.28 6.25 -5.69
CA ALA A 41 4.83 7.09 -6.78
C ALA A 41 5.44 6.23 -7.92
N ALA A 42 6.10 5.12 -7.55
CA ALA A 42 6.60 4.11 -8.54
C ALA A 42 5.41 3.37 -9.21
N ALA A 43 4.35 3.14 -8.43
CA ALA A 43 3.08 2.56 -8.91
C ALA A 43 2.18 3.58 -9.65
N GLU A 44 2.63 4.86 -9.73
CA GLU A 44 1.95 5.95 -10.51
C GLU A 44 0.48 6.19 -10.04
N LEU A 45 0.20 5.89 -8.77
CA LEU A 45 -1.18 5.94 -8.22
C LEU A 45 -1.59 7.39 -7.85
N PRO A 46 -2.71 7.93 -8.45
CA PRO A 46 -3.25 9.27 -8.10
C PRO A 46 -3.87 9.30 -6.70
N ARG A 47 -4.02 10.52 -6.13
CA ARG A 47 -4.44 10.75 -4.72
C ARG A 47 -5.73 9.98 -4.30
N ASN A 48 -6.58 9.62 -5.27
CA ASN A 48 -7.86 8.92 -4.99
C ASN A 48 -7.60 7.55 -4.34
N GLU A 49 -6.94 6.66 -5.12
CA GLU A 49 -6.54 5.33 -4.64
C GLU A 49 -5.37 5.43 -3.65
N ALA A 50 -4.39 6.32 -3.94
CA ALA A 50 -3.21 6.54 -3.05
C ALA A 50 -3.60 6.81 -1.57
N ASP A 51 -4.63 7.66 -1.37
CA ASP A 51 -5.20 7.93 -0.05
C ASP A 51 -6.08 6.74 0.45
N GLU A 52 -7.03 6.26 -0.38
CA GLU A 52 -7.95 5.15 0.04
C GLU A 52 -7.21 3.84 0.43
N LEU A 53 -6.03 3.60 -0.17
CA LEU A 53 -5.14 2.45 0.16
C LEU A 53 -4.58 2.60 1.58
N ARG A 54 -3.92 3.75 1.84
CA ARG A 54 -3.27 4.02 3.14
C ARG A 54 -4.31 4.18 4.27
N LYS A 55 -5.56 4.56 3.92
CA LYS A 55 -6.68 4.66 4.89
C LYS A 55 -7.22 3.27 5.30
N ALA A 56 -7.32 2.34 4.31
CA ALA A 56 -7.77 0.95 4.57
C ALA A 56 -6.69 0.14 5.34
N LEU A 57 -5.41 0.37 5.02
CA LEU A 57 -4.26 -0.22 5.76
C LEU A 57 -4.03 0.50 7.11
N ASP A 58 -4.41 1.79 7.20
CA ASP A 58 -4.43 2.54 8.48
C ASP A 58 -5.53 1.98 9.39
N ASN A 59 -6.67 1.55 8.79
CA ASN A 59 -7.79 0.90 9.51
C ASN A 59 -7.29 -0.45 10.12
N LEU A 60 -6.46 -1.18 9.35
CA LEU A 60 -5.78 -2.42 9.82
C LEU A 60 -4.88 -2.12 11.05
N ALA A 61 -4.18 -0.97 11.04
CA ALA A 61 -3.30 -0.53 12.16
C ALA A 61 -4.08 0.20 13.30
N ARG A 62 -5.24 0.79 12.96
CA ARG A 62 -6.06 1.67 13.86
C ARG A 62 -6.70 0.86 15.01
N GLN A 63 -7.07 -0.38 14.67
CA GLN A 63 -7.61 -1.35 15.63
C GLN A 63 -6.48 -1.95 16.52
N MET A 64 -5.25 -2.04 15.95
CA MET A 64 -4.08 -2.62 16.67
C MET A 64 -3.62 -1.69 17.80
N ILE A 65 -3.35 -0.42 17.46
CA ILE A 65 -2.79 0.59 18.40
C ILE A 65 -3.66 0.80 19.67
N MET A 66 -4.94 0.41 19.61
CA MET A 66 -5.87 0.44 20.77
C MET A 66 -5.41 -0.54 21.90
N LYS A 67 -5.17 -1.80 21.52
CA LYS A 67 -4.82 -2.90 22.47
C LYS A 67 -3.30 -3.21 22.45
N ASP A 68 -2.72 -3.28 21.24
CA ASP A 68 -1.27 -3.38 21.02
C ASP A 68 -0.67 -1.97 20.96
N LYS A 69 -0.43 -1.38 22.14
CA LYS A 69 0.24 -0.07 22.28
C LYS A 69 1.75 -0.23 22.57
N ASN A 70 2.27 -1.46 22.38
CA ASN A 70 3.71 -1.81 22.55
C ASN A 70 4.67 -1.08 21.55
N TRP A 71 4.11 -0.18 20.73
CA TRP A 71 4.88 0.71 19.82
C TRP A 71 5.95 1.55 20.58
N HIS A 72 5.72 1.84 21.89
CA HIS A 72 6.70 2.57 22.73
C HIS A 72 7.93 1.69 23.11
N ASP A 73 7.74 0.35 23.12
CA ASP A 73 8.82 -0.60 23.50
C ASP A 73 9.99 -0.60 22.47
N LYS A 74 9.67 -0.26 21.21
CA LYS A 74 10.67 -0.21 20.10
C LYS A 74 11.81 0.79 20.37
N GLY A 75 11.45 1.97 20.92
CA GLY A 75 12.42 3.05 21.22
C GLY A 75 13.02 3.72 19.98
N GLN A 76 12.26 3.71 18.86
CA GLN A 76 12.67 4.35 17.59
C GLN A 76 12.10 5.79 17.51
N GLN A 77 12.82 6.75 18.13
CA GLN A 77 12.40 8.19 18.18
C GLN A 77 12.65 8.91 16.83
N TYR A 78 13.86 8.74 16.27
CA TYR A 78 14.27 9.26 14.94
C TYR A 78 15.57 8.55 14.48
N ARG A 79 16.18 9.04 13.36
CA ARG A 79 17.39 8.42 12.75
C ARG A 79 17.07 6.96 12.28
N ASN A 80 15.78 6.73 11.93
CA ASN A 80 15.25 5.39 11.59
C ASN A 80 15.62 5.01 10.14
N TRP A 81 16.91 4.63 9.94
CA TRP A 81 17.43 4.18 8.64
C TRP A 81 16.84 2.80 8.24
N PHE A 82 16.49 1.98 9.26
CA PHE A 82 15.74 0.70 9.06
C PHE A 82 14.47 0.93 8.19
N LEU A 83 13.69 1.96 8.55
CA LEU A 83 12.44 2.34 7.86
C LEU A 83 12.70 2.85 6.42
N LYS A 84 13.88 3.49 6.24
CA LYS A 84 14.29 4.08 4.94
C LYS A 84 14.80 3.00 3.94
N GLU A 85 15.48 1.95 4.46
CA GLU A 85 16.00 0.82 3.63
C GLU A 85 15.03 -0.39 3.60
N PHE A 86 13.95 -0.34 4.43
CA PHE A 86 12.92 -1.42 4.48
C PHE A 86 12.25 -1.66 3.09
N PRO A 87 11.78 -0.60 2.33
CA PRO A 87 11.39 -0.77 0.91
C PRO A 87 12.63 -0.99 0.01
N ARG A 88 13.16 -2.23 0.02
CA ARG A 88 14.39 -2.59 -0.71
C ARG A 88 14.11 -2.73 -2.24
N LEU A 89 13.39 -3.79 -2.62
CA LEU A 89 12.88 -3.97 -4.00
C LEU A 89 11.42 -3.47 -4.08
N LYS A 90 11.14 -2.58 -5.05
CA LYS A 90 9.76 -2.15 -5.38
C LYS A 90 9.37 -2.60 -6.80
N SER A 91 10.33 -3.14 -7.57
CA SER A 91 10.16 -3.47 -9.02
C SER A 91 8.92 -4.35 -9.30
N GLU A 92 8.78 -5.43 -8.53
CA GLU A 92 7.60 -6.33 -8.58
C GLU A 92 6.37 -5.71 -7.86
N LEU A 93 6.61 -5.02 -6.72
CA LEU A 93 5.55 -4.40 -5.87
C LEU A 93 4.71 -3.36 -6.66
N GLU A 94 5.40 -2.40 -7.30
CA GLU A 94 4.80 -1.36 -8.16
C GLU A 94 4.12 -1.97 -9.42
N ASP A 95 4.66 -3.10 -9.90
CA ASP A 95 4.19 -3.76 -11.14
C ASP A 95 2.81 -4.45 -10.91
N ASN A 96 2.75 -5.39 -9.95
CA ASN A 96 1.54 -6.20 -9.67
C ASN A 96 0.38 -5.39 -9.05
N ILE A 97 0.70 -4.24 -8.42
CA ILE A 97 -0.33 -3.34 -7.87
C ILE A 97 -0.97 -2.51 -9.02
N ARG A 98 -0.15 -2.13 -10.03
CA ARG A 98 -0.65 -1.50 -11.29
C ARG A 98 -1.43 -2.50 -12.15
N ARG A 99 -1.12 -3.80 -11.99
CA ARG A 99 -1.90 -4.88 -12.61
C ARG A 99 -3.34 -4.88 -12.05
N LEU A 100 -3.46 -4.87 -10.70
CA LEU A 100 -4.77 -4.75 -9.99
C LEU A 100 -5.56 -3.48 -10.43
N ARG A 101 -4.84 -2.36 -10.56
CA ARG A 101 -5.43 -1.05 -10.95
C ARG A 101 -5.93 -1.11 -12.41
N ALA A 102 -5.17 -1.79 -13.29
CA ALA A 102 -5.56 -2.01 -14.69
C ALA A 102 -6.74 -3.00 -14.81
N LEU A 103 -6.83 -3.95 -13.85
CA LEU A 103 -7.95 -4.91 -13.76
C LEU A 103 -9.21 -4.28 -13.13
N ALA A 104 -9.05 -3.16 -12.38
CA ALA A 104 -10.20 -2.34 -11.91
C ALA A 104 -10.70 -1.42 -13.06
N ASP A 105 -9.81 -0.53 -13.55
CA ASP A 105 -10.09 0.43 -14.66
C ASP A 105 -10.56 -0.28 -15.97
N GLY A 106 -9.88 -1.39 -16.33
CA GLY A 106 -10.15 -2.12 -17.58
C GLY A 106 -11.44 -2.96 -17.59
N VAL A 107 -12.24 -2.86 -16.52
CA VAL A 107 -13.55 -3.54 -16.40
C VAL A 107 -14.72 -2.54 -16.65
N GLN A 108 -14.69 -1.38 -15.96
CA GLN A 108 -15.68 -0.27 -16.11
C GLN A 108 -17.16 -0.72 -15.77
N LYS A 109 -17.33 -1.75 -14.93
CA LYS A 109 -18.68 -2.28 -14.59
C LYS A 109 -19.31 -1.57 -13.37
N VAL A 110 -18.62 -1.58 -12.22
CA VAL A 110 -19.10 -0.91 -10.99
C VAL A 110 -18.83 0.62 -11.09
N HIS A 111 -19.69 1.29 -11.86
CA HIS A 111 -19.56 2.73 -12.22
C HIS A 111 -20.64 3.59 -11.53
N LYS A 112 -20.41 4.92 -11.51
CA LYS A 112 -21.32 5.87 -10.82
C LYS A 112 -22.72 5.94 -11.50
N GLY A 113 -23.79 5.86 -10.69
CA GLY A 113 -25.17 5.93 -11.18
C GLY A 113 -26.10 6.63 -10.19
N THR A 114 -27.25 5.99 -9.87
CA THR A 114 -28.27 6.55 -8.96
C THR A 114 -29.07 5.44 -8.20
N GLY A 1 -16.21 6.21 -21.47
CA GLY A 1 -17.00 6.43 -20.22
C GLY A 1 -16.84 5.27 -19.22
N SER A 2 -15.89 5.42 -18.27
CA SER A 2 -15.61 4.42 -17.21
C SER A 2 -15.24 5.12 -15.88
N ASP A 3 -15.60 4.50 -14.75
CA ASP A 3 -15.18 4.96 -13.41
C ASP A 3 -13.67 4.61 -13.17
N PRO A 4 -12.89 5.42 -12.38
CA PRO A 4 -11.48 5.05 -11.97
C PRO A 4 -11.39 3.67 -11.26
N GLU A 5 -12.50 3.26 -10.60
CA GLU A 5 -12.63 1.95 -9.89
C GLU A 5 -11.58 1.76 -8.78
N SER A 6 -11.29 2.86 -8.07
CA SER A 6 -10.32 2.89 -6.96
C SER A 6 -10.74 1.95 -5.82
N SER A 7 -12.03 2.01 -5.41
CA SER A 7 -12.58 1.17 -4.30
C SER A 7 -12.33 -0.35 -4.52
N ILE A 8 -12.53 -0.80 -5.79
CA ILE A 8 -12.22 -2.18 -6.23
C ILE A 8 -10.72 -2.48 -6.06
N PHE A 9 -9.88 -1.62 -6.66
CA PHE A 9 -8.41 -1.69 -6.50
C PHE A 9 -7.97 -1.70 -5.00
N ILE A 10 -8.72 -0.99 -4.14
CA ILE A 10 -8.41 -0.87 -2.71
C ILE A 10 -8.65 -2.20 -1.98
N GLU A 11 -9.88 -2.77 -2.11
CA GLU A 11 -10.22 -4.04 -1.42
C GLU A 11 -9.40 -5.22 -2.01
N ASP A 12 -9.09 -5.14 -3.31
CA ASP A 12 -8.23 -6.10 -4.03
C ASP A 12 -6.73 -5.98 -3.63
N ALA A 13 -6.27 -4.75 -3.34
CA ALA A 13 -4.89 -4.49 -2.86
C ALA A 13 -4.73 -5.03 -1.43
N ILE A 14 -5.75 -4.76 -0.59
CA ILE A 14 -5.84 -5.25 0.79
C ILE A 14 -5.76 -6.79 0.85
N LYS A 15 -6.32 -7.50 -0.18
CA LYS A 15 -6.15 -8.97 -0.33
C LYS A 15 -4.64 -9.34 -0.38
N TYR A 16 -3.91 -8.68 -1.29
CA TYR A 16 -2.45 -8.87 -1.44
C TYR A 16 -1.66 -8.46 -0.16
N PHE A 17 -2.14 -7.44 0.57
CA PHE A 17 -1.52 -6.98 1.84
C PHE A 17 -1.77 -7.97 3.02
N LYS A 18 -2.96 -8.61 3.08
CA LYS A 18 -3.35 -9.47 4.23
C LYS A 18 -2.98 -10.95 4.01
N GLU A 19 -2.97 -11.39 2.74
CA GLU A 19 -2.69 -12.79 2.36
C GLU A 19 -1.20 -12.99 2.00
N LYS A 20 -0.71 -12.16 1.07
CA LYS A 20 0.62 -12.36 0.41
C LYS A 20 1.77 -11.61 1.13
N VAL A 21 1.46 -10.41 1.63
CA VAL A 21 2.42 -9.59 2.43
C VAL A 21 2.21 -9.88 3.93
N SER A 22 3.29 -9.87 4.72
CA SER A 22 3.22 -10.01 6.19
C SER A 22 2.71 -8.70 6.85
N THR A 23 2.02 -8.84 8.01
CA THR A 23 1.47 -7.69 8.77
C THR A 23 2.57 -6.66 9.09
N GLN A 24 3.69 -7.13 9.70
CA GLN A 24 4.87 -6.30 10.04
C GLN A 24 5.44 -5.54 8.81
N ASN A 25 5.47 -6.23 7.64
CA ASN A 25 6.02 -5.66 6.38
C ASN A 25 5.15 -4.51 5.84
N LEU A 26 3.81 -4.73 5.78
CA LEU A 26 2.88 -3.69 5.28
C LEU A 26 2.81 -2.50 6.28
N LEU A 27 2.90 -2.81 7.60
CA LEU A 27 2.90 -1.78 8.68
C LEU A 27 4.16 -0.90 8.60
N LEU A 28 5.32 -1.51 8.31
CA LEU A 28 6.60 -0.78 8.11
C LEU A 28 6.49 0.18 6.90
N LEU A 29 5.84 -0.32 5.84
CA LEU A 29 5.60 0.44 4.58
C LEU A 29 4.64 1.65 4.84
N LEU A 30 3.65 1.45 5.74
CA LEU A 30 2.73 2.52 6.20
C LEU A 30 3.43 3.59 7.07
N THR A 31 4.23 3.13 8.07
CA THR A 31 4.89 4.01 9.07
C THR A 31 6.00 4.87 8.42
N ASP A 32 6.77 4.25 7.51
CA ASP A 32 7.83 4.95 6.78
C ASP A 32 7.21 5.68 5.56
N ASN A 33 7.22 7.02 5.62
CA ASN A 33 6.67 7.90 4.57
C ASN A 33 7.33 7.66 3.18
N GLU A 34 8.66 7.46 3.16
CA GLU A 34 9.43 7.27 1.90
C GLU A 34 9.10 5.92 1.23
N ALA A 35 8.76 4.92 2.05
CA ALA A 35 8.38 3.57 1.55
C ALA A 35 6.99 3.62 0.87
N TRP A 36 6.03 4.33 1.51
CA TRP A 36 4.67 4.52 0.95
C TRP A 36 4.71 5.40 -0.33
N ASN A 37 5.35 6.59 -0.22
CA ASN A 37 5.47 7.55 -1.34
C ASN A 37 6.29 6.97 -2.51
N GLY A 38 7.34 6.20 -2.19
CA GLY A 38 8.13 5.48 -3.19
C GLY A 38 7.30 4.45 -3.97
N PHE A 39 6.48 3.68 -3.24
CA PHE A 39 5.56 2.67 -3.80
C PHE A 39 4.47 3.31 -4.71
N VAL A 40 3.75 4.33 -4.18
CA VAL A 40 2.66 5.03 -4.89
C VAL A 40 3.16 5.77 -6.16
N ALA A 41 4.22 6.58 -5.99
CA ALA A 41 4.79 7.40 -7.08
C ALA A 41 5.41 6.54 -8.20
N ALA A 42 5.99 5.38 -7.82
CA ALA A 42 6.53 4.39 -8.79
C ALA A 42 5.38 3.73 -9.59
N ALA A 43 4.33 3.27 -8.87
CA ALA A 43 3.13 2.66 -9.49
C ALA A 43 2.24 3.70 -10.24
N GLU A 44 2.56 5.00 -10.06
CA GLU A 44 1.83 6.13 -10.67
C GLU A 44 0.34 6.17 -10.24
N LEU A 45 0.11 5.88 -8.96
CA LEU A 45 -1.22 5.93 -8.34
C LEU A 45 -1.61 7.38 -8.01
N PRO A 46 -2.80 7.88 -8.47
CA PRO A 46 -3.34 9.21 -8.08
C PRO A 46 -3.70 9.27 -6.58
N ARG A 47 -3.75 10.49 -6.02
CA ARG A 47 -3.99 10.72 -4.57
C ARG A 47 -5.29 10.07 -4.05
N ASN A 48 -6.25 9.81 -4.96
CA ASN A 48 -7.56 9.20 -4.61
C ASN A 48 -7.33 7.80 -3.97
N GLU A 49 -6.79 6.87 -4.76
CA GLU A 49 -6.42 5.52 -4.28
C GLU A 49 -5.23 5.59 -3.32
N ALA A 50 -4.25 6.48 -3.58
CA ALA A 50 -3.08 6.69 -2.68
C ALA A 50 -3.48 6.96 -1.20
N ASP A 51 -4.61 7.67 -1.00
CA ASP A 51 -5.21 7.86 0.35
C ASP A 51 -6.06 6.63 0.76
N GLU A 52 -7.03 6.22 -0.10
CA GLU A 52 -8.01 5.16 0.26
C GLU A 52 -7.35 3.79 0.59
N LEU A 53 -6.15 3.54 0.02
CA LEU A 53 -5.31 2.34 0.29
C LEU A 53 -4.88 2.30 1.77
N ARG A 54 -4.14 3.35 2.19
CA ARG A 54 -3.63 3.47 3.57
C ARG A 54 -4.76 3.69 4.59
N LYS A 55 -5.91 4.23 4.13
CA LYS A 55 -7.15 4.35 4.96
C LYS A 55 -7.79 2.97 5.20
N ALA A 56 -7.79 2.09 4.18
CA ALA A 56 -8.30 0.71 4.31
C ALA A 56 -7.35 -0.15 5.19
N LEU A 57 -6.04 0.07 5.02
CA LEU A 57 -4.98 -0.52 5.86
C LEU A 57 -4.94 0.13 7.27
N ASP A 58 -5.49 1.35 7.38
CA ASP A 58 -5.64 2.07 8.67
C ASP A 58 -6.69 1.36 9.55
N ASN A 59 -7.75 0.76 8.93
CA ASN A 59 -8.75 -0.06 9.67
C ASN A 59 -8.08 -1.25 10.41
N LEU A 60 -7.05 -1.85 9.76
CA LEU A 60 -6.18 -2.85 10.41
C LEU A 60 -5.40 -2.19 11.57
N ALA A 61 -4.56 -1.19 11.24
CA ALA A 61 -3.68 -0.49 12.21
C ALA A 61 -4.48 0.17 13.39
N ARG A 62 -5.77 0.49 13.16
CA ARG A 62 -6.63 1.21 14.13
C ARG A 62 -7.01 0.33 15.34
N GLN A 63 -7.25 -0.97 15.09
CA GLN A 63 -7.52 -1.95 16.17
C GLN A 63 -6.20 -2.47 16.79
N MET A 64 -5.11 -2.38 16.01
CA MET A 64 -3.75 -2.79 16.45
C MET A 64 -3.17 -1.80 17.50
N ILE A 65 -3.37 -0.48 17.26
CA ILE A 65 -2.89 0.60 18.18
C ILE A 65 -3.67 0.64 19.51
N MET A 66 -4.84 -0.01 19.55
CA MET A 66 -5.64 -0.15 20.81
C MET A 66 -4.98 -1.15 21.78
N LYS A 67 -4.21 -2.11 21.24
CA LYS A 67 -3.47 -3.12 22.03
C LYS A 67 -1.96 -2.76 22.13
N ASP A 68 -1.41 -2.15 21.07
CA ASP A 68 0.02 -1.78 20.98
C ASP A 68 0.20 -0.26 21.15
N LYS A 69 0.99 0.15 22.15
CA LYS A 69 1.23 1.58 22.48
C LYS A 69 2.71 2.00 22.27
N ASN A 70 3.48 1.16 21.55
CA ASN A 70 4.96 1.34 21.36
C ASN A 70 5.32 2.39 20.28
N TRP A 71 4.32 3.09 19.76
CA TRP A 71 4.44 3.98 18.60
C TRP A 71 5.11 5.34 18.95
N HIS A 72 5.01 5.76 20.23
CA HIS A 72 5.51 7.09 20.71
C HIS A 72 6.84 6.98 21.51
N ASP A 73 7.22 5.75 21.90
CA ASP A 73 8.36 5.47 22.82
C ASP A 73 9.75 5.80 22.20
N LYS A 74 9.81 5.94 20.86
CA LYS A 74 11.05 6.36 20.15
C LYS A 74 11.00 7.85 19.72
N GLY A 75 9.80 8.47 19.84
CA GLY A 75 9.56 9.87 19.44
C GLY A 75 9.68 10.14 17.93
N GLN A 76 9.78 9.04 17.13
CA GLN A 76 9.95 9.06 15.65
C GLN A 76 11.24 9.83 15.17
N GLN A 77 12.18 10.07 16.11
CA GLN A 77 13.44 10.79 15.83
C GLN A 77 14.48 9.86 15.16
N TYR A 78 14.62 8.65 15.73
CA TYR A 78 15.62 7.65 15.27
C TYR A 78 15.36 7.20 13.82
N ARG A 79 16.44 7.17 13.01
CA ARG A 79 16.39 6.69 11.61
C ARG A 79 16.68 5.18 11.56
N ASN A 80 15.67 4.38 11.22
CA ASN A 80 15.79 2.92 11.07
C ASN A 80 16.51 2.56 9.73
N TRP A 81 17.85 2.76 9.73
CA TRP A 81 18.71 2.53 8.55
C TRP A 81 18.73 1.04 8.15
N PHE A 82 18.55 0.16 9.16
CA PHE A 82 18.57 -1.31 8.99
C PHE A 82 17.35 -1.85 8.20
N LEU A 83 16.26 -1.07 8.12
CA LEU A 83 15.09 -1.37 7.24
C LEU A 83 15.27 -0.81 5.80
N LYS A 84 16.40 -0.12 5.53
CA LYS A 84 16.70 0.47 4.19
C LYS A 84 18.02 -0.06 3.58
N GLU A 85 18.97 -0.52 4.43
CA GLU A 85 20.26 -1.08 3.97
C GLU A 85 20.08 -2.53 3.45
N PHE A 86 19.12 -3.26 4.04
CA PHE A 86 18.82 -4.67 3.67
C PHE A 86 17.78 -4.75 2.49
N PRO A 87 16.55 -4.12 2.58
CA PRO A 87 15.65 -3.95 1.42
C PRO A 87 15.70 -2.53 0.79
N ARG A 88 15.67 -2.48 -0.56
CA ARG A 88 15.64 -1.22 -1.33
C ARG A 88 14.18 -0.77 -1.59
N LEU A 89 13.95 0.01 -2.67
CA LEU A 89 12.60 0.42 -3.13
C LEU A 89 11.67 -0.81 -3.35
N LYS A 90 10.38 -0.65 -2.99
CA LYS A 90 9.36 -1.73 -3.06
C LYS A 90 8.82 -1.90 -4.50
N SER A 91 9.72 -2.30 -5.41
CA SER A 91 9.42 -2.51 -6.85
C SER A 91 8.41 -3.65 -7.06
N GLU A 92 8.59 -4.75 -6.29
CA GLU A 92 7.69 -5.92 -6.29
C GLU A 92 6.25 -5.53 -5.84
N LEU A 93 6.19 -4.69 -4.79
CA LEU A 93 4.91 -4.26 -4.18
C LEU A 93 4.06 -3.45 -5.19
N GLU A 94 4.68 -2.39 -5.75
CA GLU A 94 4.03 -1.51 -6.74
C GLU A 94 3.75 -2.24 -8.09
N ASP A 95 4.49 -3.34 -8.36
CA ASP A 95 4.33 -4.15 -9.58
C ASP A 95 2.99 -4.93 -9.56
N ASN A 96 2.74 -5.67 -8.46
CA ASN A 96 1.46 -6.39 -8.26
C ASN A 96 0.27 -5.41 -8.10
N ILE A 97 0.54 -4.24 -7.51
CA ILE A 97 -0.47 -3.17 -7.34
C ILE A 97 -0.83 -2.52 -8.71
N ARG A 98 0.17 -2.35 -9.60
CA ARG A 98 -0.04 -1.89 -11.01
C ARG A 98 -0.97 -2.86 -11.76
N ARG A 99 -0.72 -4.16 -11.54
CA ARG A 99 -1.54 -5.24 -12.11
C ARG A 99 -3.01 -5.14 -11.61
N LEU A 100 -3.19 -5.06 -10.28
CA LEU A 100 -4.51 -4.89 -9.62
C LEU A 100 -5.31 -3.68 -10.16
N ARG A 101 -4.60 -2.54 -10.32
CA ARG A 101 -5.20 -1.28 -10.80
C ARG A 101 -5.67 -1.43 -12.27
N ALA A 102 -4.76 -1.93 -13.12
CA ALA A 102 -5.01 -2.13 -14.56
C ALA A 102 -6.07 -3.24 -14.84
N LEU A 103 -6.16 -4.25 -13.95
CA LEU A 103 -7.17 -5.32 -14.05
C LEU A 103 -8.57 -4.79 -13.67
N ALA A 104 -8.64 -4.11 -12.50
CA ALA A 104 -9.89 -3.47 -11.99
C ALA A 104 -10.50 -2.53 -13.07
N ASP A 105 -9.65 -1.60 -13.55
CA ASP A 105 -9.96 -0.65 -14.63
C ASP A 105 -10.24 -1.38 -15.98
N GLY A 106 -9.46 -2.44 -16.27
CA GLY A 106 -9.53 -3.18 -17.55
C GLY A 106 -10.74 -4.12 -17.70
N VAL A 107 -11.41 -4.46 -16.59
CA VAL A 107 -12.63 -5.29 -16.60
C VAL A 107 -13.89 -4.41 -16.74
N GLN A 108 -13.91 -3.30 -15.98
CA GLN A 108 -15.05 -2.40 -15.84
C GLN A 108 -16.27 -3.09 -15.20
N LYS A 109 -16.22 -3.22 -13.87
CA LYS A 109 -17.35 -3.66 -13.04
C LYS A 109 -18.43 -2.56 -13.00
N VAL A 110 -18.02 -1.36 -12.55
CA VAL A 110 -18.90 -0.17 -12.53
C VAL A 110 -18.65 0.72 -13.78
N HIS A 111 -19.69 0.79 -14.65
CA HIS A 111 -19.63 1.54 -15.92
C HIS A 111 -19.52 3.07 -15.72
N LYS A 112 -20.03 3.57 -14.57
CA LYS A 112 -19.94 5.00 -14.20
C LYS A 112 -19.81 5.19 -12.67
N GLY A 113 -19.51 6.43 -12.26
CA GLY A 113 -19.49 6.83 -10.85
C GLY A 113 -20.03 8.25 -10.66
N THR A 114 -19.43 9.20 -11.40
CA THR A 114 -19.90 10.61 -11.45
C THR A 114 -19.46 11.29 -12.80
N GLY A 1 -21.18 4.50 -17.75
CA GLY A 1 -19.74 4.16 -18.00
C GLY A 1 -18.82 5.36 -17.79
N SER A 2 -18.67 5.80 -16.52
CA SER A 2 -17.82 6.96 -16.15
C SER A 2 -17.25 6.81 -14.70
N ASP A 3 -17.12 5.56 -14.23
CA ASP A 3 -16.63 5.25 -12.86
C ASP A 3 -15.09 5.03 -12.85
N PRO A 4 -14.35 5.57 -11.83
CA PRO A 4 -12.90 5.26 -11.65
C PRO A 4 -12.66 3.79 -11.20
N GLU A 5 -13.62 3.24 -10.41
CA GLU A 5 -13.58 1.85 -9.88
C GLU A 5 -12.28 1.53 -9.08
N SER A 6 -11.73 2.56 -8.43
CA SER A 6 -10.53 2.44 -7.57
C SER A 6 -10.78 1.48 -6.39
N SER A 7 -12.05 1.45 -5.90
CA SER A 7 -12.48 0.58 -4.78
C SER A 7 -12.16 -0.92 -5.00
N ILE A 8 -12.25 -1.38 -6.27
CA ILE A 8 -11.86 -2.77 -6.68
C ILE A 8 -10.36 -3.02 -6.40
N PHE A 9 -9.53 -2.11 -6.93
CA PHE A 9 -8.07 -2.10 -6.71
C PHE A 9 -7.73 -2.08 -5.20
N ILE A 10 -8.48 -1.26 -4.43
CA ILE A 10 -8.25 -1.10 -2.96
C ILE A 10 -8.51 -2.41 -2.21
N GLU A 11 -9.72 -2.98 -2.36
CA GLU A 11 -10.09 -4.22 -1.65
C GLU A 11 -9.13 -5.37 -2.03
N ASP A 12 -8.85 -5.54 -3.35
CA ASP A 12 -8.00 -6.64 -3.85
C ASP A 12 -6.52 -6.47 -3.37
N ALA A 13 -6.04 -5.21 -3.33
CA ALA A 13 -4.68 -4.87 -2.80
C ALA A 13 -4.59 -5.19 -1.29
N ILE A 14 -5.59 -4.74 -0.53
CA ILE A 14 -5.68 -4.98 0.93
C ILE A 14 -5.74 -6.50 1.26
N LYS A 15 -6.40 -7.29 0.39
CA LYS A 15 -6.39 -8.78 0.50
C LYS A 15 -4.94 -9.32 0.34
N TYR A 16 -4.19 -8.79 -0.63
CA TYR A 16 -2.75 -9.12 -0.81
C TYR A 16 -1.91 -8.71 0.43
N PHE A 17 -2.23 -7.53 1.00
CA PHE A 17 -1.50 -6.99 2.17
C PHE A 17 -1.84 -7.74 3.48
N LYS A 18 -3.04 -8.34 3.60
CA LYS A 18 -3.44 -9.06 4.84
C LYS A 18 -3.19 -10.59 4.77
N GLU A 19 -3.26 -11.17 3.55
CA GLU A 19 -3.13 -12.63 3.34
C GLU A 19 -1.69 -13.02 2.94
N LYS A 20 -1.16 -12.38 1.88
CA LYS A 20 0.19 -12.69 1.35
C LYS A 20 1.29 -12.00 2.19
N VAL A 21 0.97 -10.77 2.62
CA VAL A 21 1.82 -9.94 3.49
C VAL A 21 1.28 -9.98 4.95
N SER A 22 2.17 -9.85 5.95
CA SER A 22 1.79 -9.77 7.38
C SER A 22 1.55 -8.31 7.83
N THR A 23 0.90 -8.13 9.00
CA THR A 23 0.58 -6.78 9.55
C THR A 23 1.85 -5.93 9.77
N GLN A 24 2.85 -6.51 10.48
CA GLN A 24 4.17 -5.85 10.70
C GLN A 24 4.86 -5.49 9.36
N ASN A 25 4.78 -6.43 8.39
CA ASN A 25 5.41 -6.29 7.06
C ASN A 25 4.79 -5.13 6.21
N LEU A 26 3.46 -4.96 6.28
CA LEU A 26 2.78 -3.83 5.58
C LEU A 26 2.94 -2.51 6.37
N LEU A 27 3.12 -2.62 7.70
CA LEU A 27 3.44 -1.46 8.57
C LEU A 27 4.87 -0.96 8.30
N LEU A 28 5.74 -1.80 7.71
CA LEU A 28 7.06 -1.35 7.21
C LEU A 28 6.91 -0.30 6.07
N LEU A 29 5.79 -0.39 5.32
CA LEU A 29 5.39 0.62 4.31
C LEU A 29 4.59 1.78 4.96
N LEU A 30 3.66 1.47 5.90
CA LEU A 30 2.77 2.50 6.51
C LEU A 30 3.51 3.45 7.49
N THR A 31 4.28 2.89 8.45
CA THR A 31 5.05 3.69 9.46
C THR A 31 6.12 4.56 8.76
N ASP A 32 6.85 3.95 7.81
CA ASP A 32 7.85 4.65 6.98
C ASP A 32 7.12 5.35 5.81
N ASN A 33 6.86 6.66 5.98
CA ASN A 33 6.18 7.49 4.96
C ASN A 33 6.89 7.47 3.59
N GLU A 34 8.23 7.28 3.59
CA GLU A 34 9.05 7.24 2.36
C GLU A 34 9.01 5.85 1.68
N ALA A 35 8.79 4.79 2.47
CA ALA A 35 8.54 3.45 1.91
C ALA A 35 7.17 3.41 1.19
N TRP A 36 6.16 4.07 1.82
CA TRP A 36 4.83 4.27 1.22
C TRP A 36 4.91 5.15 -0.05
N ASN A 37 5.64 6.27 0.04
CA ASN A 37 5.86 7.21 -1.09
C ASN A 37 6.65 6.55 -2.24
N GLY A 38 7.60 5.68 -1.88
CA GLY A 38 8.39 4.91 -2.87
C GLY A 38 7.58 3.82 -3.57
N PHE A 39 6.49 3.41 -2.93
CA PHE A 39 5.47 2.50 -3.50
C PHE A 39 4.49 3.26 -4.44
N VAL A 40 3.81 4.29 -3.89
CA VAL A 40 2.75 5.05 -4.59
C VAL A 40 3.30 5.85 -5.80
N ALA A 41 4.37 6.63 -5.58
CA ALA A 41 4.97 7.50 -6.62
C ALA A 41 5.59 6.68 -7.79
N ALA A 42 6.15 5.50 -7.45
CA ALA A 42 6.70 4.56 -8.45
C ALA A 42 5.56 3.94 -9.30
N ALA A 43 4.51 3.42 -8.63
CA ALA A 43 3.30 2.88 -9.30
C ALA A 43 2.42 4.00 -9.93
N GLU A 44 2.78 5.28 -9.65
CA GLU A 44 2.07 6.49 -10.17
C GLU A 44 0.58 6.51 -9.79
N LEU A 45 0.28 6.01 -8.57
CA LEU A 45 -1.09 5.97 -8.04
C LEU A 45 -1.61 7.38 -7.67
N PRO A 46 -2.71 7.86 -8.35
CA PRO A 46 -3.35 9.17 -8.04
C PRO A 46 -3.93 9.21 -6.61
N ARG A 47 -4.09 10.42 -6.05
CA ARG A 47 -4.45 10.64 -4.60
C ARG A 47 -5.74 9.90 -4.17
N ASN A 48 -6.62 9.58 -5.13
CA ASN A 48 -7.90 8.89 -4.86
C ASN A 48 -7.65 7.50 -4.25
N GLU A 49 -6.98 6.63 -5.03
CA GLU A 49 -6.56 5.29 -4.56
C GLU A 49 -5.42 5.38 -3.53
N ALA A 50 -4.47 6.30 -3.74
CA ALA A 50 -3.33 6.53 -2.81
C ALA A 50 -3.79 6.79 -1.34
N ASP A 51 -4.92 7.53 -1.19
CA ASP A 51 -5.58 7.71 0.12
C ASP A 51 -6.40 6.45 0.51
N GLU A 52 -7.33 6.02 -0.36
CA GLU A 52 -8.26 4.87 -0.08
C GLU A 52 -7.51 3.56 0.35
N LEU A 53 -6.29 3.36 -0.18
CA LEU A 53 -5.40 2.22 0.17
C LEU A 53 -4.99 2.28 1.65
N ARG A 54 -4.33 3.40 2.04
CA ARG A 54 -3.84 3.61 3.42
C ARG A 54 -4.99 3.81 4.43
N LYS A 55 -6.19 4.22 3.95
CA LYS A 55 -7.41 4.28 4.79
C LYS A 55 -7.92 2.87 5.14
N ALA A 56 -7.97 1.98 4.14
CA ALA A 56 -8.40 0.58 4.33
C ALA A 56 -7.36 -0.23 5.15
N LEU A 57 -6.06 0.08 4.94
CA LEU A 57 -4.94 -0.44 5.76
C LEU A 57 -4.92 0.22 7.16
N ASP A 58 -5.47 1.45 7.28
CA ASP A 58 -5.64 2.15 8.58
C ASP A 58 -6.62 1.37 9.47
N ASN A 59 -7.73 0.86 8.89
CA ASN A 59 -8.73 0.02 9.63
C ASN A 59 -8.08 -1.26 10.21
N LEU A 60 -7.20 -1.89 9.43
CA LEU A 60 -6.43 -3.08 9.87
C LEU A 60 -5.44 -2.71 11.01
N ALA A 61 -4.77 -1.55 10.86
CA ALA A 61 -3.78 -1.05 11.83
C ALA A 61 -4.44 -0.41 13.08
N ARG A 62 -5.69 0.09 12.93
CA ARG A 62 -6.39 0.89 13.97
C ARG A 62 -6.69 0.05 15.24
N GLN A 63 -7.12 -1.19 15.00
CA GLN A 63 -7.35 -2.19 16.07
C GLN A 63 -6.02 -2.64 16.74
N MET A 64 -4.91 -2.65 15.96
CA MET A 64 -3.58 -3.07 16.44
C MET A 64 -2.96 -2.00 17.37
N ILE A 65 -3.01 -0.72 16.93
CA ILE A 65 -2.34 0.42 17.60
C ILE A 65 -2.99 0.78 18.97
N MET A 66 -4.22 0.28 19.22
CA MET A 66 -4.88 0.37 20.55
C MET A 66 -4.09 -0.43 21.63
N LYS A 67 -3.15 -1.28 21.18
CA LYS A 67 -2.25 -2.06 22.04
C LYS A 67 -0.76 -1.79 21.68
N ASP A 68 -0.49 -1.56 20.38
CA ASP A 68 0.87 -1.26 19.85
C ASP A 68 1.16 0.25 19.84
N LYS A 69 1.95 0.70 20.83
CA LYS A 69 2.37 2.11 21.00
C LYS A 69 3.74 2.36 20.29
N ASN A 70 4.20 1.38 19.48
CA ASN A 70 5.57 1.32 18.91
C ASN A 70 5.74 2.23 17.66
N TRP A 71 5.64 3.55 17.89
CA TRP A 71 5.72 4.58 16.83
C TRP A 71 6.88 5.58 17.11
N HIS A 72 6.71 6.38 18.17
CA HIS A 72 7.66 7.45 18.57
C HIS A 72 9.03 6.87 19.04
N ASP A 73 8.95 5.73 19.74
CA ASP A 73 10.11 5.02 20.31
C ASP A 73 10.97 4.31 19.24
N LYS A 74 10.40 4.11 18.03
CA LYS A 74 11.14 3.58 16.86
C LYS A 74 12.20 4.61 16.37
N GLY A 75 11.79 5.90 16.31
CA GLY A 75 12.70 7.05 16.09
C GLY A 75 13.30 7.19 14.67
N GLN A 76 13.35 6.10 13.88
CA GLN A 76 14.00 6.09 12.54
C GLN A 76 13.20 5.25 11.52
N GLN A 77 13.24 5.66 10.23
CA GLN A 77 12.52 4.99 9.13
C GLN A 77 13.50 4.43 8.06
N TYR A 78 14.50 5.26 7.65
CA TYR A 78 15.58 4.86 6.71
C TYR A 78 16.55 3.82 7.33
N ARG A 79 16.51 3.67 8.67
CA ARG A 79 17.34 2.71 9.44
C ARG A 79 17.28 1.28 8.84
N ASN A 80 16.06 0.81 8.57
CA ASN A 80 15.80 -0.55 8.10
C ASN A 80 15.59 -0.59 6.56
N TRP A 81 16.27 0.33 5.80
CA TRP A 81 16.21 0.39 4.30
C TRP A 81 16.46 -1.00 3.67
N PHE A 82 17.54 -1.67 4.13
CA PHE A 82 17.87 -3.06 3.71
C PHE A 82 16.71 -4.04 3.99
N LEU A 83 16.09 -3.91 5.17
CA LEU A 83 14.99 -4.77 5.63
C LEU A 83 13.64 -4.46 4.89
N LYS A 84 13.56 -3.28 4.24
CA LYS A 84 12.40 -2.89 3.39
C LYS A 84 12.56 -3.41 1.95
N GLU A 85 13.73 -3.11 1.36
CA GLU A 85 13.97 -3.16 -0.11
C GLU A 85 14.66 -4.47 -0.57
N PHE A 86 15.63 -4.98 0.23
CA PHE A 86 16.45 -6.16 -0.15
C PHE A 86 15.63 -7.52 -0.18
N PRO A 87 14.89 -7.94 0.93
CA PRO A 87 14.12 -9.22 0.91
C PRO A 87 12.86 -9.13 0.03
N ARG A 88 12.24 -7.94 -0.02
CA ARG A 88 11.06 -7.65 -0.84
C ARG A 88 11.38 -6.46 -1.78
N LEU A 89 11.65 -6.74 -3.07
CA LEU A 89 11.98 -5.71 -4.06
C LEU A 89 10.78 -4.74 -4.23
N LYS A 90 10.94 -3.50 -3.72
CA LYS A 90 9.90 -2.44 -3.79
C LYS A 90 9.45 -2.17 -5.24
N SER A 91 10.42 -2.27 -6.18
CA SER A 91 10.17 -2.13 -7.63
C SER A 91 9.18 -3.20 -8.16
N GLU A 92 9.32 -4.44 -7.66
CA GLU A 92 8.41 -5.55 -8.02
C GLU A 92 7.05 -5.41 -7.30
N LEU A 93 7.08 -4.85 -6.07
CA LEU A 93 5.88 -4.68 -5.21
C LEU A 93 4.85 -3.74 -5.89
N GLU A 94 5.30 -2.48 -6.17
CA GLU A 94 4.47 -1.46 -6.82
C GLU A 94 4.10 -1.85 -8.27
N ASP A 95 5.00 -2.57 -8.95
CA ASP A 95 4.75 -3.10 -10.32
C ASP A 95 3.56 -4.10 -10.33
N ASN A 96 3.52 -5.01 -9.35
CA ASN A 96 2.45 -6.03 -9.23
C ASN A 96 1.14 -5.40 -8.68
N ILE A 97 1.24 -4.23 -8.00
CA ILE A 97 0.06 -3.46 -7.56
C ILE A 97 -0.57 -2.72 -8.79
N ARG A 98 0.30 -2.30 -9.76
CA ARG A 98 -0.16 -1.72 -11.06
C ARG A 98 -1.08 -2.70 -11.81
N ARG A 99 -0.82 -4.01 -11.65
CA ARG A 99 -1.60 -5.10 -12.28
C ARG A 99 -3.09 -5.04 -11.85
N LEU A 100 -3.32 -4.96 -10.52
CA LEU A 100 -4.68 -4.82 -9.93
C LEU A 100 -5.39 -3.53 -10.42
N ARG A 101 -4.62 -2.43 -10.43
CA ARG A 101 -5.06 -1.11 -10.91
C ARG A 101 -5.40 -1.18 -12.43
N ALA A 102 -4.63 -2.00 -13.15
CA ALA A 102 -4.76 -2.23 -14.59
C ALA A 102 -6.00 -3.08 -14.92
N LEU A 103 -6.37 -3.98 -14.01
CA LEU A 103 -7.62 -4.76 -14.07
C LEU A 103 -8.84 -3.84 -13.81
N ALA A 104 -8.68 -2.91 -12.84
CA ALA A 104 -9.69 -1.84 -12.55
C ALA A 104 -9.91 -0.90 -13.77
N ASP A 105 -8.80 -0.54 -14.45
CA ASP A 105 -8.84 0.20 -15.73
C ASP A 105 -9.43 -0.67 -16.87
N GLY A 106 -9.05 -1.95 -16.89
CA GLY A 106 -9.43 -2.88 -17.96
C GLY A 106 -10.95 -3.18 -18.04
N VAL A 107 -11.73 -2.68 -17.06
CA VAL A 107 -13.21 -2.82 -17.05
C VAL A 107 -13.87 -1.93 -18.14
N GLN A 108 -13.50 -0.61 -18.18
CA GLN A 108 -14.20 0.38 -19.07
C GLN A 108 -13.22 1.38 -19.75
N LYS A 109 -11.93 1.30 -19.42
CA LYS A 109 -10.92 2.32 -19.81
C LYS A 109 -9.89 1.79 -20.83
N VAL A 110 -9.22 0.66 -20.47
CA VAL A 110 -8.15 -0.05 -21.26
C VAL A 110 -6.85 0.77 -21.57
N HIS A 111 -6.94 2.06 -21.96
CA HIS A 111 -5.75 2.95 -22.06
C HIS A 111 -5.33 3.45 -20.64
N LYS A 112 -4.38 2.72 -20.03
CA LYS A 112 -4.08 2.84 -18.59
C LYS A 112 -3.01 3.91 -18.29
N GLY A 113 -1.83 3.75 -18.90
CA GLY A 113 -0.63 4.53 -18.57
C GLY A 113 0.42 3.68 -17.84
N THR A 114 -0.06 2.86 -16.87
CA THR A 114 0.77 1.87 -16.16
C THR A 114 0.71 0.48 -16.88
N GLY A 1 -21.25 2.61 -16.02
CA GLY A 1 -19.92 1.96 -15.99
C GLY A 1 -18.83 2.80 -16.64
N SER A 2 -18.35 3.83 -15.91
CA SER A 2 -17.33 4.78 -16.41
C SER A 2 -16.41 5.28 -15.27
N ASP A 3 -16.32 4.46 -14.21
CA ASP A 3 -15.60 4.79 -12.97
C ASP A 3 -14.10 4.36 -13.03
N PRO A 4 -13.22 4.83 -12.11
CA PRO A 4 -11.86 4.21 -11.93
C PRO A 4 -11.93 2.82 -11.23
N GLU A 5 -13.09 2.53 -10.57
CA GLU A 5 -13.31 1.31 -9.74
C GLU A 5 -12.21 1.16 -8.66
N SER A 6 -11.91 2.29 -7.99
CA SER A 6 -10.88 2.39 -6.95
C SER A 6 -11.22 1.51 -5.72
N SER A 7 -12.53 1.40 -5.37
CA SER A 7 -12.99 0.53 -4.25
C SER A 7 -12.63 -0.95 -4.51
N ILE A 8 -12.86 -1.41 -5.76
CA ILE A 8 -12.45 -2.76 -6.23
C ILE A 8 -10.92 -2.94 -6.15
N PHE A 9 -10.17 -1.97 -6.73
CA PHE A 9 -8.70 -1.93 -6.66
C PHE A 9 -8.20 -2.00 -5.19
N ILE A 10 -8.90 -1.31 -4.27
CA ILE A 10 -8.51 -1.20 -2.85
C ILE A 10 -8.73 -2.53 -2.09
N GLU A 11 -9.93 -3.14 -2.22
CA GLU A 11 -10.24 -4.41 -1.51
C GLU A 11 -9.38 -5.57 -2.07
N ASP A 12 -9.20 -5.60 -3.40
CA ASP A 12 -8.30 -6.55 -4.09
C ASP A 12 -6.81 -6.31 -3.77
N ALA A 13 -6.43 -5.04 -3.53
CA ALA A 13 -5.07 -4.69 -3.05
C ALA A 13 -4.85 -5.16 -1.60
N ILE A 14 -5.89 -4.98 -0.77
CA ILE A 14 -5.87 -5.43 0.65
C ILE A 14 -5.72 -6.97 0.73
N LYS A 15 -6.35 -7.72 -0.23
CA LYS A 15 -6.09 -9.18 -0.41
C LYS A 15 -4.59 -9.46 -0.60
N TYR A 16 -3.94 -8.69 -1.47
CA TYR A 16 -2.49 -8.79 -1.72
C TYR A 16 -1.68 -8.43 -0.44
N PHE A 17 -2.14 -7.42 0.33
CA PHE A 17 -1.50 -6.97 1.59
C PHE A 17 -1.69 -7.96 2.76
N LYS A 18 -2.82 -8.71 2.81
CA LYS A 18 -3.14 -9.62 3.95
C LYS A 18 -2.72 -11.09 3.66
N GLU A 19 -2.80 -11.50 2.38
CA GLU A 19 -2.53 -12.89 1.94
C GLU A 19 -1.06 -13.07 1.47
N LYS A 20 -0.58 -12.16 0.58
CA LYS A 20 0.78 -12.27 -0.01
C LYS A 20 1.84 -11.55 0.89
N VAL A 21 1.45 -10.38 1.44
CA VAL A 21 2.31 -9.58 2.34
C VAL A 21 1.94 -9.88 3.81
N SER A 22 2.94 -9.82 4.70
CA SER A 22 2.70 -9.92 6.16
C SER A 22 2.15 -8.59 6.71
N THR A 23 1.25 -8.68 7.71
CA THR A 23 0.71 -7.50 8.42
C THR A 23 1.85 -6.64 9.01
N GLN A 24 2.81 -7.31 9.68
CA GLN A 24 3.99 -6.64 10.27
C GLN A 24 4.81 -5.86 9.20
N ASN A 25 4.92 -6.43 7.98
CA ASN A 25 5.67 -5.82 6.85
C ASN A 25 4.94 -4.57 6.29
N LEU A 26 3.60 -4.66 6.08
CA LEU A 26 2.81 -3.51 5.56
C LEU A 26 2.69 -2.38 6.62
N LEU A 27 2.79 -2.74 7.92
CA LEU A 27 2.84 -1.74 9.03
C LEU A 27 4.05 -0.79 8.87
N LEU A 28 5.20 -1.30 8.39
CA LEU A 28 6.40 -0.47 8.08
C LEU A 28 6.10 0.57 6.97
N LEU A 29 5.24 0.20 6.00
CA LEU A 29 4.75 1.14 4.95
C LEU A 29 3.82 2.21 5.58
N LEU A 30 2.92 1.76 6.48
CA LEU A 30 1.94 2.65 7.16
C LEU A 30 2.57 3.60 8.22
N THR A 31 3.69 3.19 8.84
CA THR A 31 4.38 3.98 9.90
C THR A 31 5.43 4.94 9.30
N ASP A 32 6.19 4.46 8.31
CA ASP A 32 7.25 5.24 7.65
C ASP A 32 6.69 5.94 6.38
N ASN A 33 6.90 7.27 6.29
CA ASN A 33 6.37 8.09 5.17
C ASN A 33 7.07 7.76 3.82
N GLU A 34 8.40 7.56 3.85
CA GLU A 34 9.19 7.26 2.62
C GLU A 34 8.99 5.81 2.14
N ALA A 35 8.65 4.90 3.06
CA ALA A 35 8.31 3.50 2.72
C ALA A 35 6.99 3.42 1.90
N TRP A 36 5.96 4.17 2.36
CA TRP A 36 4.67 4.28 1.66
C TRP A 36 4.80 5.00 0.29
N ASN A 37 5.48 6.17 0.30
CA ASN A 37 5.72 6.97 -0.93
C ASN A 37 6.65 6.23 -1.93
N GLY A 38 7.56 5.40 -1.39
CA GLY A 38 8.41 4.52 -2.22
C GLY A 38 7.61 3.46 -2.98
N PHE A 39 6.45 3.09 -2.41
CA PHE A 39 5.45 2.23 -3.06
C PHE A 39 4.60 3.03 -4.10
N VAL A 40 3.87 4.07 -3.63
CA VAL A 40 2.86 4.81 -4.45
C VAL A 40 3.49 5.58 -5.64
N ALA A 41 4.62 6.26 -5.41
CA ALA A 41 5.32 7.07 -6.46
C ALA A 41 5.85 6.17 -7.60
N ALA A 42 6.40 5.00 -7.23
CA ALA A 42 6.85 3.98 -8.21
C ALA A 42 5.64 3.27 -8.88
N ALA A 43 4.53 3.16 -8.15
CA ALA A 43 3.24 2.61 -8.67
C ALA A 43 2.50 3.62 -9.56
N GLU A 44 2.91 4.91 -9.50
CA GLU A 44 2.34 6.03 -10.30
C GLU A 44 0.82 6.22 -10.02
N LEU A 45 0.38 5.86 -8.80
CA LEU A 45 -1.04 5.89 -8.40
C LEU A 45 -1.53 7.33 -8.05
N PRO A 46 -2.67 7.79 -8.68
CA PRO A 46 -3.27 9.11 -8.37
C PRO A 46 -3.88 9.16 -6.95
N ARG A 47 -4.03 10.38 -6.39
CA ARG A 47 -4.35 10.62 -4.95
C ARG A 47 -5.62 9.87 -4.46
N ASN A 48 -6.55 9.55 -5.40
CA ASN A 48 -7.84 8.90 -5.06
C ASN A 48 -7.58 7.51 -4.42
N GLU A 49 -7.00 6.60 -5.20
CA GLU A 49 -6.62 5.25 -4.73
C GLU A 49 -5.40 5.33 -3.78
N ALA A 50 -4.44 6.22 -4.09
CA ALA A 50 -3.22 6.43 -3.25
C ALA A 50 -3.57 6.67 -1.75
N ASP A 51 -4.62 7.47 -1.49
CA ASP A 51 -5.14 7.69 -0.12
C ASP A 51 -6.06 6.54 0.35
N GLU A 52 -7.03 6.11 -0.50
CA GLU A 52 -8.00 5.02 -0.14
C GLU A 52 -7.28 3.71 0.30
N LEU A 53 -6.07 3.46 -0.25
CA LEU A 53 -5.20 2.32 0.11
C LEU A 53 -4.73 2.42 1.59
N ARG A 54 -4.04 3.55 1.93
CA ARG A 54 -3.51 3.76 3.31
C ARG A 54 -4.65 3.93 4.35
N LYS A 55 -5.83 4.39 3.89
CA LYS A 55 -7.05 4.47 4.74
C LYS A 55 -7.55 3.05 5.11
N ALA A 56 -7.74 2.20 4.07
CA ALA A 56 -8.21 0.81 4.23
C ALA A 56 -7.25 -0.03 5.10
N LEU A 57 -5.94 0.19 4.90
CA LEU A 57 -4.87 -0.44 5.71
C LEU A 57 -4.75 0.20 7.11
N ASP A 58 -5.13 1.50 7.23
CA ASP A 58 -5.15 2.21 8.54
C ASP A 58 -6.27 1.66 9.44
N ASN A 59 -7.38 1.16 8.86
CA ASN A 59 -8.44 0.45 9.64
C ASN A 59 -7.87 -0.82 10.33
N LEU A 60 -6.78 -1.39 9.77
CA LEU A 60 -6.03 -2.48 10.42
C LEU A 60 -5.06 -1.90 11.48
N ALA A 61 -4.22 -0.93 11.08
CA ALA A 61 -3.16 -0.36 11.95
C ALA A 61 -3.72 0.35 13.22
N ARG A 62 -4.86 1.03 13.07
CA ARG A 62 -5.50 1.89 14.10
C ARG A 62 -5.88 1.09 15.37
N GLN A 63 -6.49 -0.08 15.17
CA GLN A 63 -6.88 -1.02 16.27
C GLN A 63 -5.64 -1.75 16.87
N MET A 64 -4.62 -2.01 16.02
CA MET A 64 -3.38 -2.73 16.41
C MET A 64 -2.51 -1.89 17.39
N ILE A 65 -2.34 -0.60 17.06
CA ILE A 65 -1.47 0.33 17.85
C ILE A 65 -2.07 0.67 19.24
N MET A 66 -3.41 0.48 19.40
CA MET A 66 -4.12 0.71 20.68
C MET A 66 -3.57 -0.20 21.82
N LYS A 67 -3.34 -1.48 21.49
CA LYS A 67 -2.94 -2.49 22.50
C LYS A 67 -1.41 -2.52 22.71
N ASP A 68 -0.63 -1.86 21.83
CA ASP A 68 0.83 -1.77 21.98
C ASP A 68 1.17 -0.72 23.09
N LYS A 69 1.99 -1.13 24.09
CA LYS A 69 2.29 -0.33 25.31
C LYS A 69 3.54 0.57 25.12
N ASN A 70 4.28 0.37 24.02
CA ASN A 70 5.62 0.98 23.82
C ASN A 70 5.81 1.51 22.38
N TRP A 71 4.71 1.88 21.71
CA TRP A 71 4.70 2.13 20.24
C TRP A 71 5.71 3.22 19.78
N HIS A 72 5.79 4.34 20.52
CA HIS A 72 6.79 5.41 20.29
C HIS A 72 8.11 5.12 21.06
N ASP A 73 8.00 4.31 22.14
CA ASP A 73 9.13 3.94 23.03
C ASP A 73 10.06 2.85 22.40
N LYS A 74 9.67 2.31 21.22
CA LYS A 74 10.42 1.23 20.53
C LYS A 74 11.89 1.60 20.15
N GLY A 75 12.18 2.91 20.04
CA GLY A 75 13.50 3.39 19.58
C GLY A 75 13.55 3.65 18.08
N GLN A 76 12.49 3.24 17.36
CA GLN A 76 12.35 3.45 15.91
C GLN A 76 12.03 4.93 15.60
N GLN A 77 13.10 5.76 15.59
CA GLN A 77 13.01 7.22 15.34
C GLN A 77 13.76 7.60 14.05
N TYR A 78 15.07 7.28 14.03
CA TYR A 78 15.99 7.63 12.93
C TYR A 78 16.00 6.53 11.83
N ARG A 79 16.16 6.97 10.57
CA ARG A 79 16.24 6.07 9.39
C ARG A 79 17.49 6.42 8.54
N ASN A 80 17.87 5.51 7.64
CA ASN A 80 18.92 5.75 6.64
C ASN A 80 18.67 4.86 5.38
N TRP A 81 19.64 4.83 4.47
CA TRP A 81 19.54 4.07 3.20
C TRP A 81 19.54 2.53 3.41
N PHE A 82 20.27 2.06 4.45
CA PHE A 82 20.46 0.60 4.73
C PHE A 82 19.11 -0.15 4.87
N LEU A 83 18.27 0.30 5.83
CA LEU A 83 16.97 -0.38 6.14
C LEU A 83 15.86 -0.02 5.11
N LYS A 84 16.16 0.94 4.23
CA LYS A 84 15.26 1.36 3.13
C LYS A 84 15.46 0.47 1.88
N GLU A 85 16.74 0.16 1.61
CA GLU A 85 17.15 -0.67 0.45
C GLU A 85 17.18 -2.18 0.81
N PHE A 86 17.22 -2.48 2.14
CA PHE A 86 17.22 -3.88 2.66
C PHE A 86 15.98 -4.72 2.17
N PRO A 87 14.69 -4.25 2.36
CA PRO A 87 13.50 -4.98 1.84
C PRO A 87 13.30 -4.77 0.31
N ARG A 88 14.12 -5.48 -0.50
CA ARG A 88 14.07 -5.44 -1.99
C ARG A 88 12.66 -5.83 -2.55
N LEU A 89 11.89 -6.58 -1.76
CA LEU A 89 10.55 -7.08 -2.12
C LEU A 89 9.52 -5.92 -2.32
N LYS A 90 9.87 -4.68 -1.88
CA LYS A 90 9.03 -3.49 -2.14
C LYS A 90 8.95 -3.17 -3.65
N SER A 91 10.01 -3.51 -4.41
CA SER A 91 10.06 -3.27 -5.88
C SER A 91 8.89 -3.96 -6.63
N GLU A 92 8.54 -5.16 -6.16
CA GLU A 92 7.45 -5.98 -6.73
C GLU A 92 6.07 -5.57 -6.16
N LEU A 93 6.08 -4.87 -5.01
CA LEU A 93 4.84 -4.36 -4.36
C LEU A 93 4.04 -3.45 -5.34
N GLU A 94 4.68 -2.36 -5.78
CA GLU A 94 4.10 -1.41 -6.77
C GLU A 94 3.87 -2.07 -8.15
N ASP A 95 4.84 -2.89 -8.60
CA ASP A 95 4.81 -3.57 -9.92
C ASP A 95 3.51 -4.40 -10.12
N ASN A 96 3.18 -5.20 -9.09
CA ASN A 96 2.00 -6.11 -9.09
C ASN A 96 0.70 -5.40 -8.67
N ILE A 97 0.80 -4.25 -7.98
CA ILE A 97 -0.40 -3.45 -7.61
C ILE A 97 -0.98 -2.75 -8.87
N ARG A 98 -0.08 -2.30 -9.76
CA ARG A 98 -0.43 -1.67 -11.07
C ARG A 98 -1.24 -2.65 -11.96
N ARG A 99 -1.03 -3.96 -11.75
CA ARG A 99 -1.79 -5.04 -12.44
C ARG A 99 -3.31 -4.90 -12.15
N LEU A 100 -3.65 -4.92 -10.83
CA LEU A 100 -5.04 -4.76 -10.32
C LEU A 100 -5.71 -3.47 -10.87
N ARG A 101 -4.94 -2.37 -10.86
CA ARG A 101 -5.41 -1.04 -11.30
C ARG A 101 -5.75 -1.06 -12.82
N ALA A 102 -4.81 -1.58 -13.63
CA ALA A 102 -4.95 -1.64 -15.11
C ALA A 102 -6.12 -2.56 -15.54
N LEU A 103 -6.28 -3.71 -14.85
CA LEU A 103 -7.36 -4.70 -15.14
C LEU A 103 -8.76 -4.14 -14.76
N ALA A 104 -8.87 -3.53 -13.55
CA ALA A 104 -10.14 -2.91 -13.06
C ALA A 104 -10.58 -1.74 -13.97
N ASP A 105 -9.64 -0.83 -14.25
CA ASP A 105 -9.86 0.33 -15.16
C ASP A 105 -10.11 -0.14 -16.62
N GLY A 106 -9.47 -1.26 -17.00
CA GLY A 106 -9.69 -1.90 -18.30
C GLY A 106 -11.13 -2.40 -18.52
N VAL A 107 -11.81 -2.80 -17.43
CA VAL A 107 -13.25 -3.18 -17.46
C VAL A 107 -14.14 -2.01 -17.92
N GLN A 108 -13.85 -0.81 -17.39
CA GLN A 108 -14.66 0.42 -17.64
C GLN A 108 -14.44 1.03 -19.04
N LYS A 109 -13.28 0.71 -19.67
CA LYS A 109 -12.97 1.04 -21.09
C LYS A 109 -12.75 2.57 -21.38
N VAL A 110 -12.71 3.42 -20.33
CA VAL A 110 -12.66 4.91 -20.49
C VAL A 110 -11.19 5.41 -20.73
N HIS A 111 -10.58 4.93 -21.83
CA HIS A 111 -9.21 5.26 -22.26
C HIS A 111 -8.85 4.52 -23.57
N LYS A 112 -7.80 5.00 -24.27
CA LYS A 112 -7.32 4.40 -25.54
C LYS A 112 -5.77 4.44 -25.62
N GLY A 113 -5.19 3.57 -26.48
CA GLY A 113 -3.73 3.41 -26.60
C GLY A 113 -3.14 2.54 -25.48
N THR A 114 -3.05 3.12 -24.26
CA THR A 114 -2.58 2.41 -23.04
C THR A 114 -3.75 2.25 -22.01
N GLY A 1 -19.14 6.99 -16.33
CA GLY A 1 -18.45 7.25 -17.62
C GLY A 1 -16.98 6.82 -17.58
N SER A 2 -16.06 7.78 -17.35
CA SER A 2 -14.61 7.49 -17.18
C SER A 2 -14.31 7.13 -15.70
N ASP A 3 -14.68 5.89 -15.32
CA ASP A 3 -14.53 5.40 -13.93
C ASP A 3 -13.20 4.64 -13.72
N PRO A 4 -12.26 5.16 -12.86
CA PRO A 4 -10.95 4.50 -12.59
C PRO A 4 -11.10 3.17 -11.79
N GLU A 5 -12.30 2.97 -11.21
CA GLU A 5 -12.64 1.77 -10.40
C GLU A 5 -11.69 1.58 -9.21
N SER A 6 -11.28 2.73 -8.61
CA SER A 6 -10.34 2.80 -7.46
C SER A 6 -10.81 1.89 -6.29
N SER A 7 -12.13 1.85 -6.04
CA SER A 7 -12.76 0.97 -5.02
C SER A 7 -12.29 -0.49 -5.14
N ILE A 8 -12.37 -1.04 -6.38
CA ILE A 8 -11.93 -2.41 -6.70
C ILE A 8 -10.43 -2.60 -6.37
N PHE A 9 -9.59 -1.66 -6.85
CA PHE A 9 -8.14 -1.68 -6.61
C PHE A 9 -7.79 -1.70 -5.10
N ILE A 10 -8.47 -0.86 -4.29
CA ILE A 10 -8.24 -0.79 -2.82
C ILE A 10 -8.63 -2.12 -2.15
N GLU A 11 -9.90 -2.52 -2.26
CA GLU A 11 -10.42 -3.71 -1.55
C GLU A 11 -9.65 -4.99 -1.97
N ASP A 12 -9.23 -5.05 -3.25
CA ASP A 12 -8.45 -6.18 -3.80
C ASP A 12 -6.94 -6.09 -3.41
N ALA A 13 -6.39 -4.87 -3.26
CA ALA A 13 -5.00 -4.66 -2.78
C ALA A 13 -4.83 -5.11 -1.33
N ILE A 14 -5.88 -4.85 -0.52
CA ILE A 14 -5.94 -5.31 0.89
C ILE A 14 -5.80 -6.85 0.98
N LYS A 15 -6.36 -7.59 -0.01
CA LYS A 15 -6.14 -9.07 -0.15
C LYS A 15 -4.63 -9.38 -0.30
N TYR A 16 -3.92 -8.63 -1.17
CA TYR A 16 -2.46 -8.79 -1.35
C TYR A 16 -1.69 -8.47 -0.05
N PHE A 17 -2.14 -7.44 0.70
CA PHE A 17 -1.51 -7.02 1.98
C PHE A 17 -1.81 -8.00 3.16
N LYS A 18 -2.95 -8.72 3.12
CA LYS A 18 -3.34 -9.63 4.24
C LYS A 18 -2.91 -11.09 3.96
N GLU A 19 -2.82 -11.47 2.67
CA GLU A 19 -2.46 -12.85 2.25
C GLU A 19 -0.96 -12.98 1.92
N LYS A 20 -0.47 -12.10 1.02
CA LYS A 20 0.90 -12.21 0.44
C LYS A 20 1.95 -11.43 1.29
N VAL A 21 1.53 -10.29 1.84
CA VAL A 21 2.34 -9.49 2.79
C VAL A 21 1.91 -9.82 4.24
N SER A 22 2.85 -9.77 5.20
CA SER A 22 2.53 -9.93 6.65
C SER A 22 2.16 -8.57 7.28
N THR A 23 1.43 -8.58 8.42
CA THR A 23 0.96 -7.34 9.10
C THR A 23 2.12 -6.37 9.44
N GLN A 24 3.13 -6.89 10.18
CA GLN A 24 4.31 -6.10 10.61
C GLN A 24 5.16 -5.62 9.40
N ASN A 25 5.08 -6.37 8.28
CA ASN A 25 5.78 -6.05 7.02
C ASN A 25 5.12 -4.86 6.30
N LEU A 26 3.77 -4.84 6.20
CA LEU A 26 3.02 -3.72 5.58
C LEU A 26 3.02 -2.47 6.50
N LEU A 27 3.18 -2.69 7.82
CA LEU A 27 3.40 -1.60 8.79
C LEU A 27 4.72 -0.85 8.49
N LEU A 28 5.72 -1.53 7.90
CA LEU A 28 6.95 -0.87 7.39
C LEU A 28 6.65 0.10 6.22
N LEU A 29 5.62 -0.20 5.42
CA LEU A 29 5.15 0.68 4.32
C LEU A 29 4.28 1.84 4.87
N LEU A 30 3.47 1.55 5.91
CA LEU A 30 2.55 2.55 6.53
C LEU A 30 3.30 3.61 7.40
N THR A 31 4.18 3.15 8.31
CA THR A 31 4.94 4.03 9.24
C THR A 31 5.95 4.92 8.48
N ASP A 32 6.59 4.33 7.46
CA ASP A 32 7.53 5.04 6.58
C ASP A 32 6.76 5.70 5.41
N ASN A 33 6.61 7.03 5.50
CA ASN A 33 5.94 7.86 4.48
C ASN A 33 6.61 7.76 3.09
N GLU A 34 7.94 7.60 3.06
CA GLU A 34 8.74 7.50 1.81
C GLU A 34 8.59 6.11 1.15
N ALA A 35 8.41 5.05 1.96
CA ALA A 35 8.12 3.68 1.45
C ALA A 35 6.72 3.61 0.81
N TRP A 36 5.75 4.30 1.45
CA TRP A 36 4.37 4.44 0.93
C TRP A 36 4.38 5.20 -0.42
N ASN A 37 4.86 6.46 -0.38
CA ASN A 37 5.00 7.33 -1.58
C ASN A 37 5.94 6.71 -2.63
N GLY A 38 6.84 5.82 -2.18
CA GLY A 38 7.66 5.01 -3.08
C GLY A 38 6.83 4.15 -4.05
N PHE A 39 5.96 3.29 -3.49
CA PHE A 39 5.12 2.35 -4.29
C PHE A 39 3.97 3.12 -5.02
N VAL A 40 3.44 4.17 -4.37
CA VAL A 40 2.36 5.02 -4.94
C VAL A 40 2.85 5.78 -6.20
N ALA A 41 4.00 6.48 -6.08
CA ALA A 41 4.60 7.24 -7.20
C ALA A 41 5.11 6.31 -8.32
N ALA A 42 5.58 5.12 -7.90
CA ALA A 42 6.04 4.06 -8.83
C ALA A 42 4.89 3.51 -9.70
N ALA A 43 3.78 3.18 -9.05
CA ALA A 43 2.56 2.66 -9.73
C ALA A 43 1.69 3.79 -10.33
N GLU A 44 2.14 5.06 -10.17
CA GLU A 44 1.49 6.28 -10.73
C GLU A 44 0.05 6.49 -10.19
N LEU A 45 -0.16 6.09 -8.94
CA LEU A 45 -1.47 6.15 -8.28
C LEU A 45 -1.92 7.61 -8.00
N PRO A 46 -3.15 8.01 -8.50
CA PRO A 46 -3.75 9.32 -8.17
C PRO A 46 -4.06 9.45 -6.65
N ARG A 47 -4.18 10.69 -6.16
CA ARG A 47 -4.47 10.99 -4.73
C ARG A 47 -5.67 10.21 -4.17
N ASN A 48 -6.66 9.93 -5.05
CA ASN A 48 -7.91 9.23 -4.72
C ASN A 48 -7.62 7.87 -4.03
N GLU A 49 -6.95 6.98 -4.78
CA GLU A 49 -6.58 5.64 -4.30
C GLU A 49 -5.35 5.68 -3.39
N ALA A 50 -4.43 6.63 -3.63
CA ALA A 50 -3.23 6.84 -2.75
C ALA A 50 -3.65 7.10 -1.28
N ASP A 51 -4.79 7.80 -1.11
CA ASP A 51 -5.43 8.01 0.20
C ASP A 51 -6.26 6.77 0.63
N GLU A 52 -7.21 6.32 -0.23
CA GLU A 52 -8.15 5.21 0.13
C GLU A 52 -7.44 3.88 0.54
N LEU A 53 -6.23 3.65 -0.02
CA LEU A 53 -5.36 2.50 0.36
C LEU A 53 -4.91 2.61 1.84
N ARG A 54 -4.28 3.75 2.20
CA ARG A 54 -3.77 3.98 3.58
C ARG A 54 -4.90 4.20 4.60
N LYS A 55 -6.08 4.64 4.12
CA LYS A 55 -7.31 4.72 4.96
C LYS A 55 -7.78 3.30 5.36
N ALA A 56 -7.82 2.39 4.37
CA ALA A 56 -8.25 0.99 4.57
C ALA A 56 -7.24 0.20 5.44
N LEU A 57 -5.94 0.36 5.14
CA LEU A 57 -4.84 -0.30 5.90
C LEU A 57 -4.63 0.36 7.29
N ASP A 58 -5.11 1.60 7.46
CA ASP A 58 -5.15 2.27 8.79
C ASP A 58 -6.05 1.50 9.76
N ASN A 59 -7.23 1.03 9.27
CA ASN A 59 -8.19 0.20 10.06
C ASN A 59 -7.51 -1.06 10.67
N LEU A 60 -6.56 -1.63 9.90
CA LEU A 60 -5.75 -2.79 10.34
C LEU A 60 -4.79 -2.42 11.49
N ALA A 61 -4.09 -1.27 11.36
CA ALA A 61 -3.13 -0.80 12.39
C ALA A 61 -3.85 -0.17 13.61
N ARG A 62 -5.07 0.35 13.37
CA ARG A 62 -5.87 1.11 14.35
C ARG A 62 -6.40 0.21 15.47
N GLN A 63 -6.76 -1.03 15.10
CA GLN A 63 -7.22 -2.04 16.06
C GLN A 63 -6.04 -2.62 16.88
N MET A 64 -4.82 -2.65 16.27
CA MET A 64 -3.60 -3.20 16.93
C MET A 64 -3.17 -2.33 18.13
N ILE A 65 -3.02 -1.02 17.88
CA ILE A 65 -2.44 -0.04 18.85
C ILE A 65 -3.21 0.03 20.20
N MET A 66 -4.47 -0.45 20.22
CA MET A 66 -5.31 -0.50 21.43
C MET A 66 -4.70 -1.41 22.53
N LYS A 67 -3.98 -2.47 22.11
CA LYS A 67 -3.16 -3.31 23.01
C LYS A 67 -1.64 -3.03 22.80
N ASP A 68 -1.25 -2.76 21.55
CA ASP A 68 0.13 -2.34 21.19
C ASP A 68 0.34 -0.84 21.54
N LYS A 69 0.44 -0.58 22.84
CA LYS A 69 0.70 0.78 23.37
C LYS A 69 2.22 1.01 23.56
N ASN A 70 2.95 0.92 22.44
CA ASN A 70 4.43 1.08 22.37
C ASN A 70 4.87 2.13 21.32
N TRP A 71 3.90 2.68 20.59
CA TRP A 71 4.13 3.61 19.47
C TRP A 71 4.63 4.99 19.97
N HIS A 72 3.91 5.56 20.94
CA HIS A 72 4.29 6.80 21.65
C HIS A 72 5.72 6.71 22.26
N ASP A 73 5.99 5.57 22.92
CA ASP A 73 7.20 5.36 23.73
C ASP A 73 8.46 5.05 22.88
N LYS A 74 8.30 4.22 21.83
CA LYS A 74 9.44 3.83 20.96
C LYS A 74 9.09 3.96 19.46
N GLY A 75 7.90 3.47 19.06
CA GLY A 75 7.39 3.57 17.66
C GLY A 75 8.14 2.75 16.60
N GLN A 76 9.38 2.35 16.89
CA GLN A 76 10.25 1.60 15.98
C GLN A 76 10.32 0.13 16.45
N GLN A 77 9.68 -0.77 15.69
CA GLN A 77 9.65 -2.21 15.99
C GLN A 77 11.07 -2.80 16.20
N TYR A 78 11.93 -2.72 15.17
CA TYR A 78 13.32 -3.24 15.18
C TYR A 78 14.24 -2.29 14.37
N ARG A 79 15.50 -2.70 14.15
CA ARG A 79 16.44 -1.98 13.24
C ARG A 79 16.37 -2.58 11.81
N ASN A 80 15.18 -3.10 11.45
CA ASN A 80 14.90 -3.77 10.15
C ASN A 80 14.77 -2.77 8.96
N TRP A 81 15.33 -1.55 9.13
CA TRP A 81 15.60 -0.60 8.03
C TRP A 81 16.56 -1.24 6.97
N PHE A 82 17.37 -2.24 7.42
CA PHE A 82 18.15 -3.10 6.51
C PHE A 82 17.23 -3.83 5.47
N LEU A 83 16.09 -4.35 5.96
CA LEU A 83 15.10 -5.06 5.11
C LEU A 83 14.20 -4.07 4.31
N LYS A 84 14.39 -2.76 4.55
CA LYS A 84 13.77 -1.69 3.74
C LYS A 84 14.72 -1.21 2.61
N GLU A 85 16.03 -1.07 2.95
CA GLU A 85 17.06 -0.51 2.06
C GLU A 85 17.66 -1.55 1.09
N PHE A 86 18.20 -2.65 1.65
CA PHE A 86 18.92 -3.71 0.89
C PHE A 86 18.02 -4.41 -0.19
N PRO A 87 16.81 -5.00 0.16
CA PRO A 87 15.93 -5.66 -0.85
C PRO A 87 15.22 -4.64 -1.78
N ARG A 88 14.88 -5.09 -3.01
CA ARG A 88 14.18 -4.25 -4.01
C ARG A 88 12.64 -4.37 -3.83
N LEU A 89 12.19 -4.10 -2.58
CA LEU A 89 10.78 -4.29 -2.14
C LEU A 89 9.82 -3.30 -2.85
N LYS A 90 10.30 -2.08 -3.19
CA LYS A 90 9.52 -1.09 -3.96
C LYS A 90 9.09 -1.67 -5.33
N SER A 91 10.08 -2.26 -6.04
CA SER A 91 9.85 -2.89 -7.37
C SER A 91 8.93 -4.14 -7.28
N GLU A 92 8.99 -4.85 -6.14
CA GLU A 92 8.09 -6.01 -5.88
C GLU A 92 6.63 -5.56 -5.62
N LEU A 93 6.48 -4.47 -4.85
CA LEU A 93 5.17 -3.96 -4.40
C LEU A 93 4.39 -3.39 -5.61
N GLU A 94 4.99 -2.36 -6.27
CA GLU A 94 4.43 -1.69 -7.47
C GLU A 94 4.05 -2.70 -8.60
N ASP A 95 4.74 -3.85 -8.66
CA ASP A 95 4.58 -4.86 -9.73
C ASP A 95 3.17 -5.51 -9.73
N ASN A 96 2.84 -6.19 -8.62
CA ASN A 96 1.53 -6.84 -8.42
C ASN A 96 0.40 -5.79 -8.30
N ILE A 97 0.77 -4.63 -7.77
CA ILE A 97 -0.09 -3.44 -7.66
C ILE A 97 -0.44 -2.84 -9.05
N ARG A 98 0.49 -2.91 -10.02
CA ARG A 98 0.23 -2.52 -11.44
C ARG A 98 -0.81 -3.44 -12.08
N ARG A 99 -0.77 -4.73 -11.71
CA ARG A 99 -1.74 -5.74 -12.18
C ARG A 99 -3.16 -5.39 -11.67
N LEU A 100 -3.27 -5.22 -10.34
CA LEU A 100 -4.54 -4.84 -9.66
C LEU A 100 -5.13 -3.53 -10.20
N ARG A 101 -4.24 -2.55 -10.45
CA ARG A 101 -4.60 -1.22 -10.99
C ARG A 101 -5.09 -1.36 -12.44
N ALA A 102 -4.44 -2.23 -13.22
CA ALA A 102 -4.82 -2.51 -14.62
C ALA A 102 -6.18 -3.27 -14.70
N LEU A 103 -6.44 -4.16 -13.71
CA LEU A 103 -7.70 -4.93 -13.61
C LEU A 103 -8.88 -4.02 -13.21
N ALA A 104 -8.61 -3.02 -12.34
CA ALA A 104 -9.62 -2.01 -11.93
C ALA A 104 -9.85 -0.94 -13.04
N ASP A 105 -8.78 -0.19 -13.36
CA ASP A 105 -8.82 0.93 -14.34
C ASP A 105 -9.14 0.44 -15.78
N GLY A 106 -8.66 -0.77 -16.14
CA GLY A 106 -8.90 -1.36 -17.47
C GLY A 106 -10.37 -1.59 -17.84
N VAL A 107 -11.28 -1.52 -16.84
CA VAL A 107 -12.74 -1.65 -17.05
C VAL A 107 -13.30 -0.51 -17.95
N GLN A 108 -12.74 0.71 -17.84
CA GLN A 108 -13.22 1.92 -18.60
C GLN A 108 -12.07 2.63 -19.34
N LYS A 109 -10.82 2.28 -18.99
CA LYS A 109 -9.60 2.89 -19.53
C LYS A 109 -8.52 1.82 -19.76
N VAL A 110 -8.27 1.46 -21.04
CA VAL A 110 -7.18 0.52 -21.41
C VAL A 110 -5.76 1.10 -21.13
N HIS A 111 -5.40 1.05 -19.83
CA HIS A 111 -4.12 1.54 -19.30
C HIS A 111 -3.58 0.51 -18.27
N LYS A 112 -2.48 -0.16 -18.63
CA LYS A 112 -1.90 -1.25 -17.83
C LYS A 112 -0.50 -0.89 -17.27
N GLY A 113 0.08 -1.88 -16.58
CA GLY A 113 1.49 -1.87 -16.16
C GLY A 113 2.03 -3.30 -16.13
N THR A 114 1.17 -4.22 -15.66
CA THR A 114 1.42 -5.68 -15.67
C THR A 114 0.24 -6.40 -16.40
N GLY A 1 -20.47 4.06 -17.26
CA GLY A 1 -19.44 3.04 -17.55
C GLY A 1 -18.09 3.64 -17.94
N SER A 2 -17.51 4.46 -17.03
CA SER A 2 -16.22 5.16 -17.30
C SER A 2 -15.45 5.48 -15.99
N ASP A 3 -15.73 4.73 -14.92
CA ASP A 3 -15.12 4.96 -13.59
C ASP A 3 -13.68 4.37 -13.49
N PRO A 4 -12.83 4.84 -12.51
CA PRO A 4 -11.51 4.21 -12.24
C PRO A 4 -11.60 2.85 -11.48
N GLU A 5 -12.78 2.55 -10.88
CA GLU A 5 -13.00 1.36 -10.02
C GLU A 5 -11.98 1.30 -8.86
N SER A 6 -11.68 2.50 -8.30
CA SER A 6 -10.69 2.69 -7.22
C SER A 6 -11.03 1.83 -5.99
N SER A 7 -12.32 1.79 -5.62
CA SER A 7 -12.83 0.96 -4.48
C SER A 7 -12.41 -0.54 -4.61
N ILE A 8 -12.63 -1.12 -5.80
CA ILE A 8 -12.27 -2.54 -6.10
C ILE A 8 -10.73 -2.74 -6.00
N PHE A 9 -9.97 -1.82 -6.62
CA PHE A 9 -8.50 -1.80 -6.53
C PHE A 9 -8.02 -1.74 -5.05
N ILE A 10 -8.69 -0.91 -4.24
CA ILE A 10 -8.35 -0.67 -2.82
C ILE A 10 -8.55 -1.95 -1.98
N GLU A 11 -9.77 -2.54 -2.04
CA GLU A 11 -10.09 -3.73 -1.23
C GLU A 11 -9.21 -4.92 -1.66
N ASP A 12 -9.10 -5.13 -2.98
CA ASP A 12 -8.27 -6.21 -3.57
C ASP A 12 -6.74 -6.00 -3.37
N ALA A 13 -6.30 -4.75 -3.19
CA ALA A 13 -4.91 -4.45 -2.75
C ALA A 13 -4.71 -4.88 -1.28
N ILE A 14 -5.66 -4.48 -0.43
CA ILE A 14 -5.69 -4.84 1.01
C ILE A 14 -5.69 -6.38 1.21
N LYS A 15 -6.35 -7.13 0.28
CA LYS A 15 -6.27 -8.63 0.22
C LYS A 15 -4.80 -9.09 0.18
N TYR A 16 -4.03 -8.56 -0.78
CA TYR A 16 -2.57 -8.83 -0.90
C TYR A 16 -1.79 -8.39 0.37
N PHE A 17 -2.13 -7.21 0.92
CA PHE A 17 -1.47 -6.66 2.14
C PHE A 17 -1.72 -7.52 3.41
N LYS A 18 -2.87 -8.23 3.51
CA LYS A 18 -3.19 -9.07 4.70
C LYS A 18 -2.85 -10.57 4.51
N GLU A 19 -2.91 -11.05 3.25
CA GLU A 19 -2.71 -12.50 2.94
C GLU A 19 -1.24 -12.79 2.52
N LYS A 20 -0.73 -12.04 1.50
CA LYS A 20 0.64 -12.25 0.97
C LYS A 20 1.70 -11.52 1.82
N VAL A 21 1.33 -10.32 2.29
CA VAL A 21 2.12 -9.49 3.22
C VAL A 21 1.55 -9.66 4.64
N SER A 22 2.41 -9.57 5.67
CA SER A 22 1.96 -9.64 7.09
C SER A 22 1.84 -8.22 7.70
N THR A 23 1.25 -8.15 8.92
CA THR A 23 0.97 -6.87 9.62
C THR A 23 2.24 -6.01 9.81
N GLN A 24 3.27 -6.57 10.47
CA GLN A 24 4.58 -5.87 10.71
C GLN A 24 5.20 -5.38 9.38
N ASN A 25 5.13 -6.23 8.35
CA ASN A 25 5.66 -5.95 7.00
C ASN A 25 5.00 -4.71 6.36
N LEU A 26 3.65 -4.61 6.42
CA LEU A 26 2.91 -3.44 5.88
C LEU A 26 3.02 -2.21 6.83
N LEU A 27 3.23 -2.44 8.14
CA LEU A 27 3.39 -1.35 9.15
C LEU A 27 4.72 -0.60 8.93
N LEU A 28 5.79 -1.34 8.63
CA LEU A 28 7.12 -0.76 8.26
C LEU A 28 7.04 0.04 6.92
N LEU A 29 6.01 -0.23 6.11
CA LEU A 29 5.71 0.52 4.88
C LEU A 29 4.83 1.78 5.19
N LEU A 30 3.91 1.66 6.17
CA LEU A 30 3.00 2.77 6.61
C LEU A 30 3.68 3.76 7.61
N THR A 31 4.71 3.28 8.33
CA THR A 31 5.34 4.03 9.48
C THR A 31 6.02 5.35 9.04
N ASP A 32 6.38 5.43 7.75
CA ASP A 32 7.02 6.61 7.16
C ASP A 32 6.29 7.02 5.86
N ASN A 33 6.17 8.35 5.63
CA ASN A 33 5.49 8.93 4.45
C ASN A 33 6.23 8.60 3.13
N GLU A 34 7.58 8.66 3.15
CA GLU A 34 8.42 8.34 1.96
C GLU A 34 8.46 6.82 1.68
N ALA A 35 8.27 6.01 2.73
CA ALA A 35 8.11 4.54 2.61
C ALA A 35 6.86 4.17 1.78
N TRP A 36 5.74 4.83 2.12
CA TRP A 36 4.45 4.69 1.42
C TRP A 36 4.54 5.22 -0.04
N ASN A 37 5.06 6.45 -0.20
CA ASN A 37 5.22 7.11 -1.52
C ASN A 37 6.27 6.38 -2.40
N GLY A 38 7.20 5.65 -1.76
CA GLY A 38 8.14 4.77 -2.47
C GLY A 38 7.45 3.65 -3.26
N PHE A 39 6.31 3.20 -2.73
CA PHE A 39 5.37 2.27 -3.41
C PHE A 39 4.45 3.04 -4.42
N VAL A 40 3.74 4.07 -3.93
CA VAL A 40 2.68 4.78 -4.70
C VAL A 40 3.22 5.54 -5.94
N ALA A 41 4.24 6.38 -5.74
CA ALA A 41 4.85 7.18 -6.84
C ALA A 41 5.54 6.28 -7.89
N ALA A 42 6.06 5.13 -7.45
CA ALA A 42 6.60 4.09 -8.35
C ALA A 42 5.48 3.48 -9.23
N ALA A 43 4.34 3.13 -8.59
CA ALA A 43 3.12 2.64 -9.28
C ALA A 43 2.32 3.75 -10.00
N GLU A 44 2.78 5.02 -9.88
CA GLU A 44 2.22 6.19 -10.57
C GLU A 44 0.72 6.43 -10.24
N LEU A 45 0.32 6.01 -9.03
CA LEU A 45 -1.07 6.09 -8.55
C LEU A 45 -1.47 7.57 -8.20
N PRO A 46 -2.62 8.07 -8.77
CA PRO A 46 -3.15 9.43 -8.44
C PRO A 46 -3.68 9.51 -6.98
N ARG A 47 -3.86 10.76 -6.48
CA ARG A 47 -4.20 11.05 -5.05
C ARG A 47 -5.43 10.28 -4.53
N ASN A 48 -6.36 9.93 -5.45
CA ASN A 48 -7.62 9.24 -5.11
C ASN A 48 -7.34 7.89 -4.41
N GLU A 49 -6.71 6.96 -5.13
CA GLU A 49 -6.31 5.64 -4.58
C GLU A 49 -5.09 5.79 -3.66
N ALA A 50 -4.19 6.75 -3.97
CA ALA A 50 -2.99 7.03 -3.11
C ALA A 50 -3.39 7.25 -1.62
N ASP A 51 -4.53 7.94 -1.40
CA ASP A 51 -5.13 8.12 -0.07
C ASP A 51 -6.00 6.92 0.36
N GLU A 52 -6.97 6.50 -0.49
CA GLU A 52 -7.94 5.43 -0.10
C GLU A 52 -7.24 4.08 0.28
N LEU A 53 -6.06 3.81 -0.31
CA LEU A 53 -5.22 2.62 0.04
C LEU A 53 -4.73 2.68 1.50
N ARG A 54 -4.00 3.76 1.87
CA ARG A 54 -3.44 3.97 3.24
C ARG A 54 -4.55 4.17 4.29
N LYS A 55 -5.72 4.68 3.86
CA LYS A 55 -6.92 4.77 4.73
C LYS A 55 -7.47 3.37 5.07
N ALA A 56 -7.62 2.51 4.05
CA ALA A 56 -8.11 1.12 4.21
C ALA A 56 -7.13 0.25 5.04
N LEU A 57 -5.81 0.47 4.84
CA LEU A 57 -4.73 -0.16 5.63
C LEU A 57 -4.69 0.37 7.08
N ASP A 58 -5.06 1.65 7.26
CA ASP A 58 -5.18 2.27 8.59
C ASP A 58 -6.38 1.68 9.37
N ASN A 59 -7.45 1.22 8.67
CA ASN A 59 -8.59 0.51 9.31
C ASN A 59 -8.14 -0.84 9.94
N LEU A 60 -7.11 -1.48 9.36
CA LEU A 60 -6.45 -2.64 9.98
C LEU A 60 -5.60 -2.16 11.18
N ALA A 61 -4.59 -1.33 10.89
CA ALA A 61 -3.57 -0.91 11.88
C ALA A 61 -4.16 -0.17 13.12
N ARG A 62 -5.35 0.45 12.95
CA ARG A 62 -6.03 1.24 14.02
C ARG A 62 -6.39 0.36 15.25
N GLN A 63 -6.97 -0.82 14.98
CA GLN A 63 -7.31 -1.80 16.04
C GLN A 63 -6.03 -2.57 16.51
N MET A 64 -5.02 -2.64 15.63
CA MET A 64 -3.78 -3.40 15.88
C MET A 64 -2.82 -2.67 16.85
N ILE A 65 -2.74 -1.34 16.73
CA ILE A 65 -1.90 -0.51 17.63
C ILE A 65 -2.46 -0.51 19.10
N MET A 66 -3.72 -0.95 19.26
CA MET A 66 -4.38 -1.07 20.58
C MET A 66 -3.95 -2.35 21.35
N LYS A 67 -3.50 -3.39 20.59
CA LYS A 67 -3.22 -4.74 21.15
C LYS A 67 -1.73 -5.16 21.03
N ASP A 68 -1.09 -4.81 19.90
CA ASP A 68 0.32 -5.16 19.60
C ASP A 68 1.32 -4.35 20.48
N LYS A 69 1.57 -3.10 20.10
CA LYS A 69 2.56 -2.22 20.78
C LYS A 69 1.89 -1.47 21.95
N ASN A 70 0.53 -1.39 21.91
CA ASN A 70 -0.30 -0.74 22.95
C ASN A 70 0.07 0.76 23.09
N TRP A 71 -0.49 1.56 22.18
CA TRP A 71 -0.14 3.00 22.03
C TRP A 71 -0.84 3.91 23.06
N HIS A 72 -1.69 3.31 23.92
CA HIS A 72 -2.23 4.00 25.11
C HIS A 72 -1.39 3.67 26.38
N ASP A 73 -0.29 2.89 26.20
CA ASP A 73 0.62 2.49 27.29
C ASP A 73 2.04 3.08 27.05
N LYS A 74 2.77 2.55 26.05
CA LYS A 74 4.13 3.04 25.68
C LYS A 74 4.15 3.71 24.29
N GLY A 75 3.45 3.10 23.31
CA GLY A 75 3.32 3.64 21.96
C GLY A 75 4.65 3.96 21.26
N GLN A 76 5.58 2.99 21.30
CA GLN A 76 6.93 3.12 20.70
C GLN A 76 6.87 3.47 19.20
N GLN A 77 7.50 4.59 18.83
CA GLN A 77 7.52 5.10 17.44
C GLN A 77 8.57 4.38 16.56
N TYR A 78 9.32 3.40 17.15
CA TYR A 78 10.38 2.63 16.43
C TYR A 78 9.90 2.10 15.06
N ARG A 79 10.45 2.70 13.98
CA ARG A 79 10.13 2.36 12.58
C ARG A 79 10.59 0.93 12.24
N ASN A 80 11.89 0.66 12.48
CA ASN A 80 12.61 -0.56 12.00
C ASN A 80 12.54 -0.67 10.44
N TRP A 81 12.27 0.48 9.80
CA TRP A 81 12.07 0.58 8.34
C TRP A 81 13.39 0.31 7.57
N PHE A 82 14.55 0.54 8.23
CA PHE A 82 15.88 0.19 7.67
C PHE A 82 15.94 -1.31 7.28
N LEU A 83 15.30 -2.17 8.09
CA LEU A 83 15.23 -3.64 7.85
C LEU A 83 14.29 -4.00 6.65
N LYS A 84 13.26 -3.16 6.44
CA LYS A 84 12.30 -3.28 5.31
C LYS A 84 12.90 -2.69 4.00
N GLU A 85 13.68 -1.62 4.16
CA GLU A 85 14.18 -0.78 3.04
C GLU A 85 15.48 -1.37 2.46
N PHE A 86 16.30 -2.00 3.32
CA PHE A 86 17.61 -2.63 2.95
C PHE A 86 17.50 -3.62 1.73
N PRO A 87 16.56 -4.64 1.72
CA PRO A 87 16.33 -5.51 0.53
C PRO A 87 15.32 -4.90 -0.49
N ARG A 88 15.10 -3.57 -0.43
CA ARG A 88 14.25 -2.79 -1.38
C ARG A 88 12.76 -3.25 -1.40
N LEU A 89 12.26 -3.74 -0.23
CA LEU A 89 10.93 -4.40 -0.12
C LEU A 89 9.75 -3.39 -0.22
N LYS A 90 9.43 -2.94 -1.46
CA LYS A 90 8.32 -2.02 -1.78
C LYS A 90 8.13 -1.87 -3.31
N SER A 91 9.24 -2.02 -4.07
CA SER A 91 9.22 -1.91 -5.56
C SER A 91 8.62 -3.18 -6.20
N GLU A 92 8.88 -4.35 -5.59
CA GLU A 92 8.25 -5.63 -5.97
C GLU A 92 6.71 -5.57 -5.83
N LEU A 93 6.23 -4.78 -4.85
CA LEU A 93 4.80 -4.55 -4.57
C LEU A 93 4.17 -3.81 -5.77
N GLU A 94 4.89 -2.80 -6.29
CA GLU A 94 4.49 -2.04 -7.48
C GLU A 94 4.18 -2.96 -8.68
N ASP A 95 5.06 -3.95 -8.92
CA ASP A 95 4.95 -4.89 -10.06
C ASP A 95 3.58 -5.65 -10.09
N ASN A 96 3.10 -6.10 -8.91
CA ASN A 96 1.81 -6.83 -8.80
C ASN A 96 0.60 -5.87 -8.64
N ILE A 97 0.83 -4.67 -8.08
CA ILE A 97 -0.27 -3.69 -7.80
C ILE A 97 -0.78 -3.05 -9.11
N ARG A 98 0.15 -2.93 -10.11
CA ARG A 98 -0.17 -2.49 -11.49
C ARG A 98 -1.25 -3.39 -12.14
N ARG A 99 -1.20 -4.69 -11.81
CA ARG A 99 -2.15 -5.70 -12.32
C ARG A 99 -3.58 -5.40 -11.82
N LEU A 100 -3.73 -5.30 -10.48
CA LEU A 100 -5.02 -4.97 -9.82
C LEU A 100 -5.66 -3.68 -10.40
N ARG A 101 -4.81 -2.65 -10.58
CA ARG A 101 -5.24 -1.34 -11.09
C ARG A 101 -5.73 -1.44 -12.56
N ALA A 102 -4.90 -2.07 -13.42
CA ALA A 102 -5.19 -2.21 -14.86
C ALA A 102 -6.46 -3.08 -15.12
N LEU A 103 -6.63 -4.14 -14.31
CA LEU A 103 -7.80 -5.05 -14.42
C LEU A 103 -9.10 -4.35 -13.96
N ALA A 104 -9.07 -3.75 -12.73
CA ALA A 104 -10.23 -3.06 -12.13
C ALA A 104 -10.70 -1.87 -13.02
N ASP A 105 -9.77 -0.95 -13.30
CA ASP A 105 -10.02 0.22 -14.18
C ASP A 105 -10.37 -0.24 -15.63
N GLY A 106 -9.67 -1.28 -16.11
CA GLY A 106 -9.88 -1.82 -17.47
C GLY A 106 -11.26 -2.45 -17.72
N VAL A 107 -12.01 -2.79 -16.64
CA VAL A 107 -13.42 -3.22 -16.76
C VAL A 107 -14.30 -2.11 -17.42
N GLN A 108 -14.07 -0.87 -16.98
CA GLN A 108 -14.74 0.32 -17.55
C GLN A 108 -14.02 0.78 -18.85
N LYS A 109 -12.68 0.75 -18.82
CA LYS A 109 -11.84 1.19 -19.95
C LYS A 109 -11.60 0.01 -20.92
N VAL A 110 -12.68 -0.39 -21.61
CA VAL A 110 -12.65 -1.50 -22.60
C VAL A 110 -11.91 -1.08 -23.90
N HIS A 111 -11.76 0.25 -24.10
CA HIS A 111 -11.02 0.83 -25.25
C HIS A 111 -9.48 0.94 -24.95
N LYS A 112 -9.07 0.60 -23.71
CA LYS A 112 -7.64 0.66 -23.28
C LYS A 112 -6.74 -0.26 -24.14
N GLY A 113 -5.57 0.26 -24.59
CA GLY A 113 -4.63 -0.50 -25.44
C GLY A 113 -4.08 -1.76 -24.76
N THR A 114 -3.11 -1.58 -23.87
CA THR A 114 -2.51 -2.68 -23.07
C THR A 114 -3.34 -2.95 -21.77
N GLY A 1 -20.90 6.35 -14.51
CA GLY A 1 -20.48 6.04 -15.91
C GLY A 1 -18.97 6.05 -16.07
N SER A 2 -18.36 7.25 -15.93
CA SER A 2 -16.90 7.44 -15.96
C SER A 2 -16.35 7.44 -14.51
N ASP A 3 -16.26 6.26 -13.92
CA ASP A 3 -15.73 6.06 -12.55
C ASP A 3 -14.28 5.50 -12.61
N PRO A 4 -13.43 5.76 -11.57
CA PRO A 4 -12.07 5.17 -11.52
C PRO A 4 -12.09 3.65 -11.18
N GLU A 5 -13.14 3.22 -10.43
CA GLU A 5 -13.23 1.88 -9.80
C GLU A 5 -11.99 1.56 -8.94
N SER A 6 -11.47 2.64 -8.32
CA SER A 6 -10.35 2.56 -7.38
C SER A 6 -10.71 1.66 -6.18
N SER A 7 -11.99 1.67 -5.77
CA SER A 7 -12.52 0.79 -4.68
C SER A 7 -12.22 -0.72 -4.94
N ILE A 8 -12.36 -1.17 -6.22
CA ILE A 8 -11.98 -2.56 -6.63
C ILE A 8 -10.47 -2.79 -6.39
N PHE A 9 -9.67 -1.85 -6.91
CA PHE A 9 -8.20 -1.84 -6.75
C PHE A 9 -7.78 -1.88 -5.24
N ILE A 10 -8.48 -1.10 -4.41
CA ILE A 10 -8.19 -0.98 -2.96
C ILE A 10 -8.47 -2.30 -2.24
N GLU A 11 -9.71 -2.82 -2.38
CA GLU A 11 -10.11 -4.07 -1.69
C GLU A 11 -9.21 -5.25 -2.14
N ASP A 12 -8.97 -5.38 -3.46
CA ASP A 12 -8.16 -6.48 -4.04
C ASP A 12 -6.67 -6.36 -3.63
N ALA A 13 -6.15 -5.11 -3.54
CA ALA A 13 -4.78 -4.85 -3.02
C ALA A 13 -4.67 -5.23 -1.53
N ILE A 14 -5.74 -4.96 -0.76
CA ILE A 14 -5.83 -5.34 0.67
C ILE A 14 -5.81 -6.88 0.84
N LYS A 15 -6.43 -7.62 -0.13
CA LYS A 15 -6.27 -9.11 -0.23
C LYS A 15 -4.76 -9.48 -0.36
N TYR A 16 -4.04 -8.78 -1.25
CA TYR A 16 -2.59 -8.98 -1.43
C TYR A 16 -1.78 -8.62 -0.13
N PHE A 17 -2.19 -7.56 0.56
CA PHE A 17 -1.51 -7.10 1.80
C PHE A 17 -1.81 -8.00 3.03
N LYS A 18 -2.95 -8.74 3.01
CA LYS A 18 -3.31 -9.66 4.13
C LYS A 18 -2.87 -11.12 3.86
N GLU A 19 -2.88 -11.55 2.58
CA GLU A 19 -2.57 -12.94 2.16
C GLU A 19 -1.07 -13.10 1.81
N LYS A 20 -0.57 -12.22 0.93
CA LYS A 20 0.79 -12.36 0.35
C LYS A 20 1.84 -11.54 1.16
N VAL A 21 1.37 -10.46 1.81
CA VAL A 21 2.19 -9.64 2.74
C VAL A 21 1.74 -9.92 4.20
N SER A 22 2.68 -9.82 5.16
CA SER A 22 2.36 -9.96 6.60
C SER A 22 1.98 -8.59 7.23
N THR A 23 1.26 -8.65 8.38
CA THR A 23 0.74 -7.46 9.08
C THR A 23 1.85 -6.42 9.38
N GLN A 24 2.87 -6.81 10.18
CA GLN A 24 4.00 -5.92 10.53
C GLN A 24 4.76 -5.42 9.27
N ASN A 25 4.85 -6.28 8.25
CA ASN A 25 5.55 -5.96 6.97
C ASN A 25 4.88 -4.78 6.22
N LEU A 26 3.53 -4.80 6.10
CA LEU A 26 2.79 -3.66 5.48
C LEU A 26 2.77 -2.43 6.41
N LEU A 27 2.79 -2.68 7.76
CA LEU A 27 2.91 -1.61 8.77
C LEU A 27 4.23 -0.83 8.60
N LEU A 28 5.30 -1.53 8.13
CA LEU A 28 6.61 -0.90 7.83
C LEU A 28 6.51 0.17 6.71
N LEU A 29 5.58 -0.04 5.75
CA LEU A 29 5.25 0.99 4.73
C LEU A 29 4.38 2.10 5.37
N LEU A 30 3.42 1.69 6.23
CA LEU A 30 2.48 2.64 6.90
C LEU A 30 3.16 3.55 7.97
N THR A 31 4.31 3.10 8.54
CA THR A 31 5.02 3.86 9.63
C THR A 31 5.52 5.25 9.15
N ASP A 32 5.94 5.35 7.89
CA ASP A 32 6.41 6.61 7.31
C ASP A 32 5.65 6.94 6.00
N ASN A 33 5.37 8.25 5.81
CA ASN A 33 4.70 8.77 4.61
C ASN A 33 5.43 8.38 3.30
N GLU A 34 6.76 8.59 3.27
CA GLU A 34 7.60 8.35 2.08
C GLU A 34 7.96 6.86 1.91
N ALA A 35 7.88 6.07 3.00
CA ALA A 35 8.00 4.60 2.94
C ALA A 35 6.83 4.02 2.10
N TRP A 36 5.62 4.53 2.40
CA TRP A 36 4.41 4.25 1.63
C TRP A 36 4.49 4.81 0.17
N ASN A 37 4.99 6.07 0.02
CA ASN A 37 5.19 6.69 -1.31
C ASN A 37 6.33 6.00 -2.10
N GLY A 38 7.19 5.22 -1.42
CA GLY A 38 8.15 4.35 -2.11
C GLY A 38 7.48 3.33 -3.03
N PHE A 39 6.34 2.80 -2.54
CA PHE A 39 5.43 1.93 -3.31
C PHE A 39 4.56 2.77 -4.30
N VAL A 40 3.88 3.80 -3.77
CA VAL A 40 2.87 4.60 -4.53
C VAL A 40 3.48 5.34 -5.76
N ALA A 41 4.57 6.10 -5.53
CA ALA A 41 5.27 6.87 -6.59
C ALA A 41 5.85 5.94 -7.67
N ALA A 42 6.31 4.75 -7.26
CA ALA A 42 6.78 3.69 -8.19
C ALA A 42 5.61 3.20 -9.09
N ALA A 43 4.45 2.94 -8.47
CA ALA A 43 3.21 2.52 -9.18
C ALA A 43 2.48 3.70 -9.87
N GLU A 44 2.94 4.95 -9.60
CA GLU A 44 2.39 6.20 -10.19
C GLU A 44 0.88 6.41 -9.84
N LEU A 45 0.49 6.01 -8.62
CA LEU A 45 -0.92 6.05 -8.17
C LEU A 45 -1.37 7.48 -7.78
N PRO A 46 -2.54 7.97 -8.33
CA PRO A 46 -3.15 9.27 -7.93
C PRO A 46 -3.59 9.28 -6.44
N ARG A 47 -3.68 10.48 -5.85
CA ARG A 47 -3.93 10.67 -4.39
C ARG A 47 -5.21 9.95 -3.89
N ASN A 48 -6.23 9.79 -4.76
CA ASN A 48 -7.51 9.14 -4.39
C ASN A 48 -7.27 7.71 -3.87
N GLU A 49 -6.72 6.84 -4.75
CA GLU A 49 -6.43 5.44 -4.41
C GLU A 49 -5.22 5.32 -3.47
N ALA A 50 -4.19 6.16 -3.71
CA ALA A 50 -2.96 6.21 -2.85
C ALA A 50 -3.31 6.39 -1.35
N ASP A 51 -4.31 7.25 -1.08
CA ASP A 51 -4.89 7.45 0.26
C ASP A 51 -5.77 6.24 0.67
N GLU A 52 -6.79 5.91 -0.13
CA GLU A 52 -7.79 4.85 0.22
C GLU A 52 -7.15 3.46 0.51
N LEU A 53 -6.00 3.18 -0.12
CA LEU A 53 -5.20 1.95 0.14
C LEU A 53 -4.71 1.92 1.61
N ARG A 54 -3.91 2.94 1.99
CA ARG A 54 -3.30 3.05 3.32
C ARG A 54 -4.38 3.25 4.42
N LYS A 55 -5.54 3.83 4.04
CA LYS A 55 -6.70 4.02 4.95
C LYS A 55 -7.40 2.68 5.26
N ALA A 56 -7.56 1.82 4.24
CA ALA A 56 -8.12 0.46 4.43
C ALA A 56 -7.15 -0.42 5.26
N LEU A 57 -5.84 -0.22 5.02
CA LEU A 57 -4.75 -0.83 5.83
C LEU A 57 -4.64 -0.17 7.23
N ASP A 58 -5.12 1.08 7.34
CA ASP A 58 -5.14 1.86 8.61
C ASP A 58 -6.24 1.33 9.55
N ASN A 59 -7.29 0.68 9.00
CA ASN A 59 -8.30 -0.05 9.80
C ASN A 59 -7.68 -1.30 10.46
N LEU A 60 -6.83 -2.02 9.69
CA LEU A 60 -6.02 -3.15 10.21
C LEU A 60 -5.02 -2.65 11.28
N ALA A 61 -4.48 -1.44 11.08
CA ALA A 61 -3.54 -0.79 12.02
C ALA A 61 -4.28 -0.16 13.23
N ARG A 62 -5.56 0.21 13.03
CA ARG A 62 -6.38 0.92 14.05
C ARG A 62 -6.61 0.04 15.30
N GLN A 63 -6.88 -1.24 15.06
CA GLN A 63 -7.09 -2.24 16.12
C GLN A 63 -5.75 -2.61 16.83
N MET A 64 -4.61 -2.33 16.16
CA MET A 64 -3.26 -2.60 16.71
C MET A 64 -2.82 -1.46 17.67
N ILE A 65 -2.91 -0.19 17.19
CA ILE A 65 -2.39 1.01 17.90
C ILE A 65 -3.03 1.23 19.30
N MET A 66 -4.19 0.58 19.54
CA MET A 66 -4.89 0.60 20.85
C MET A 66 -3.99 0.02 21.98
N LYS A 67 -3.08 -0.90 21.61
CA LYS A 67 -2.08 -1.48 22.52
C LYS A 67 -0.64 -1.06 22.11
N ASP A 68 -0.39 -1.06 20.79
CA ASP A 68 0.93 -0.69 20.21
C ASP A 68 1.07 0.85 20.11
N LYS A 69 1.64 1.44 21.18
CA LYS A 69 1.81 2.90 21.33
C LYS A 69 3.20 3.38 20.81
N ASN A 70 3.87 2.55 19.99
CA ASN A 70 5.25 2.84 19.48
C ASN A 70 5.35 2.60 17.96
N TRP A 71 5.20 3.68 17.18
CA TRP A 71 5.37 3.70 15.71
C TRP A 71 6.60 4.57 15.33
N HIS A 72 6.56 5.83 15.79
CA HIS A 72 7.65 6.83 15.61
C HIS A 72 8.15 7.31 16.99
N ASP A 73 7.81 6.54 18.02
CA ASP A 73 8.03 6.87 19.43
C ASP A 73 9.30 6.17 19.97
N LYS A 74 10.28 5.94 19.06
CA LYS A 74 11.51 5.17 19.34
C LYS A 74 12.68 6.07 19.82
N GLY A 75 12.36 7.31 20.24
CA GLY A 75 13.38 8.33 20.56
C GLY A 75 14.04 8.93 19.30
N GLN A 76 13.39 8.74 18.14
CA GLN A 76 13.91 9.14 16.81
C GLN A 76 13.53 10.62 16.47
N GLN A 77 13.77 11.52 17.45
CA GLN A 77 13.33 12.94 17.39
C GLN A 77 13.82 13.67 16.11
N TYR A 78 15.15 13.71 15.90
CA TYR A 78 15.76 14.37 14.72
C TYR A 78 16.07 13.37 13.57
N ARG A 79 15.71 12.08 13.78
CA ARG A 79 16.18 10.99 12.91
C ARG A 79 15.39 10.93 11.58
N ASN A 80 15.97 11.57 10.54
CA ASN A 80 15.44 11.57 9.16
C ASN A 80 15.99 10.35 8.36
N TRP A 81 15.80 9.14 8.91
CA TRP A 81 16.33 7.89 8.34
C TRP A 81 15.71 7.59 6.94
N PHE A 82 14.42 7.93 6.79
CA PHE A 82 13.68 7.82 5.49
C PHE A 82 14.31 8.70 4.37
N LEU A 83 14.90 9.84 4.77
CA LEU A 83 15.62 10.75 3.85
C LEU A 83 16.98 10.14 3.41
N LYS A 84 17.68 9.51 4.37
CA LYS A 84 19.02 8.93 4.15
C LYS A 84 18.92 7.65 3.28
N GLU A 85 18.06 6.73 3.70
CA GLU A 85 17.71 5.52 2.93
C GLU A 85 16.32 5.71 2.29
N PHE A 86 16.28 6.50 1.20
CA PHE A 86 15.06 6.75 0.42
C PHE A 86 14.50 5.41 -0.16
N PRO A 87 13.22 5.07 0.17
CA PRO A 87 12.50 3.90 -0.42
C PRO A 87 12.52 3.84 -1.98
N ARG A 88 13.49 3.06 -2.51
CA ARG A 88 13.67 2.83 -3.97
C ARG A 88 13.49 1.33 -4.32
N LEU A 89 13.51 1.03 -5.64
CA LEU A 89 13.55 -0.35 -6.18
C LEU A 89 12.33 -1.21 -5.74
N LYS A 90 11.19 -0.56 -5.45
CA LYS A 90 9.92 -1.23 -5.05
C LYS A 90 9.12 -1.73 -6.27
N SER A 91 9.81 -1.98 -7.40
CA SER A 91 9.22 -2.52 -8.64
C SER A 91 8.50 -3.87 -8.40
N GLU A 92 8.97 -4.65 -7.42
CA GLU A 92 8.35 -5.93 -6.99
C GLU A 92 6.96 -5.72 -6.32
N LEU A 93 6.86 -4.69 -5.45
CA LEU A 93 5.64 -4.42 -4.64
C LEU A 93 4.53 -3.83 -5.54
N GLU A 94 4.93 -2.93 -6.45
CA GLU A 94 4.03 -2.24 -7.37
C GLU A 94 3.70 -3.08 -8.63
N ASP A 95 4.53 -4.09 -8.95
CA ASP A 95 4.36 -4.96 -10.15
C ASP A 95 2.94 -5.56 -10.26
N ASN A 96 2.56 -6.29 -9.20
CA ASN A 96 1.24 -6.93 -9.09
C ASN A 96 0.10 -5.89 -8.97
N ILE A 97 0.42 -4.75 -8.32
CA ILE A 97 -0.52 -3.63 -8.12
C ILE A 97 -0.82 -2.90 -9.47
N ARG A 98 0.17 -2.90 -10.39
CA ARG A 98 0.02 -2.36 -11.76
C ARG A 98 -1.04 -3.16 -12.55
N ARG A 99 -0.99 -4.49 -12.37
CA ARG A 99 -1.96 -5.43 -12.97
C ARG A 99 -3.39 -5.17 -12.40
N LEU A 100 -3.50 -5.08 -11.05
CA LEU A 100 -4.78 -4.76 -10.36
C LEU A 100 -5.40 -3.44 -10.85
N ARG A 101 -4.54 -2.40 -10.93
CA ARG A 101 -4.94 -1.04 -11.35
C ARG A 101 -5.42 -1.06 -12.81
N ALA A 102 -4.66 -1.74 -13.67
CA ALA A 102 -4.97 -1.89 -15.10
C ALA A 102 -6.33 -2.60 -15.33
N LEU A 103 -6.61 -3.63 -14.51
CA LEU A 103 -7.90 -4.37 -14.54
C LEU A 103 -9.06 -3.44 -14.12
N ALA A 104 -9.02 -2.92 -12.87
CA ALA A 104 -10.08 -2.04 -12.29
C ALA A 104 -10.38 -0.81 -13.19
N ASP A 105 -9.30 -0.24 -13.77
CA ASP A 105 -9.37 0.84 -14.78
C ASP A 105 -10.15 0.38 -16.03
N GLY A 106 -9.64 -0.69 -16.68
CA GLY A 106 -10.19 -1.18 -17.97
C GLY A 106 -11.67 -1.63 -17.90
N VAL A 107 -12.11 -2.09 -16.71
CA VAL A 107 -13.51 -2.53 -16.47
C VAL A 107 -14.53 -1.36 -16.69
N GLN A 108 -14.17 -0.16 -16.22
CA GLN A 108 -15.10 1.01 -16.24
C GLN A 108 -14.82 1.97 -17.41
N LYS A 109 -13.54 2.08 -17.83
CA LYS A 109 -13.12 2.95 -18.97
C LYS A 109 -13.80 2.52 -20.27
N VAL A 110 -13.68 1.21 -20.59
CA VAL A 110 -14.32 0.54 -21.75
C VAL A 110 -13.91 1.19 -23.11
N HIS A 111 -14.60 2.29 -23.50
CA HIS A 111 -14.40 2.95 -24.80
C HIS A 111 -13.25 4.00 -24.73
N LYS A 112 -13.09 4.65 -23.56
CA LYS A 112 -12.07 5.71 -23.36
C LYS A 112 -11.15 5.39 -22.17
N GLY A 113 -9.94 4.88 -22.48
CA GLY A 113 -8.87 4.73 -21.47
C GLY A 113 -8.20 6.07 -21.17
N THR A 114 -7.59 6.66 -22.21
CA THR A 114 -6.89 7.98 -22.11
C THR A 114 -7.90 9.14 -22.37
#